data_8CC7
#
_entry.id   8CC7
#
_cell.length_a   1.00
_cell.length_b   1.00
_cell.length_c   1.00
_cell.angle_alpha   90.00
_cell.angle_beta   90.00
_cell.angle_gamma   90.00
#
_symmetry.space_group_name_H-M   'P 1'
#
loop_
_entity.id
_entity.type
_entity.pdbx_description
1 polymer '5-hydroxytryptamine receptor 3A'
2 branched 2-acetamido-2-deoxy-beta-D-glucopyranose-(1-4)-2-acetamido-2-deoxy-beta-D-glucopyranose
3 non-polymer 2-acetamido-2-deoxy-beta-D-glucopyranose
4 non-polymer 1-(3-chlorophenyl)sulfonyl-4-piperazin-1-yl-pyrrolo[3,2-c]quinoline
#
_entity_poly.entity_id   1
_entity_poly.type   'polypeptide(L)'
_entity_poly.pdbx_seq_one_letter_code
;MRLCIPQVLLALFLSMLTGPGEGSRRRWSHPQFEKGGGSGGGSGGGSWSHPQFEKGGGSGGGSGGGSWSHPQFEKGGGSG
GGSGGGSWSHPQFEKENLYFQGSGATQARDTTQPALLRLSDHLLANYKKGVRPVRDWRKPTTVSIDVIMYAILNVDEKNQ
VLTTYIWYRQYWTDEFLQWTPEDFDNVTKLSIPTDSIWVPDILINEFVDVGKSPNIPYVYVHHRGEVQNYKPLQLVTACS
LDIYNFPFDVQNCSLTFTSWLHTIQDINITLWRSPEEVRSDKSIFINQGEWELLEVFPQFKEFSIDISNSYAEMKFYVII
RRRPLFYAVSLLLPSIFLMVVDIVGFCLPPDSGERVSFKITLLLGYSVFLIIVSDTLPATAIGTPLIGVYFVVCMALLVI
SLAETIFIVRLVHKQDLQRPVPDWLRHLVLDRIAWILCLGEQPMAHRPPATFQANKTDDCSGSDLLPAMGNHCSHVGGPQ
DLEKTPRGRGSPLPPPREASLAVRGLLQELSSIRHFLEKRDEMREVARDWLRVGYVLDRLLFRIYLLAVLAYSITLVTLW
SIWHSS
;
_entity_poly.pdbx_strand_id   A,B,C,D,E
#
loop_
_chem_comp.id
_chem_comp.type
_chem_comp.name
_chem_comp.formula
NAG D-saccharide, beta linking 2-acetamido-2-deoxy-beta-D-glucopyranose 'C8 H15 N O6'
U9Q non-polymer 1-(3-chlorophenyl)sulfonyl-4-piperazin-1-yl-pyrrolo[3,2-c]quinoline 'C21 H19 Cl N4 O2 S'
#
# COMPACT_ATOMS: atom_id res chain seq x y z
N THR A 112 -22.34 -46.21 -43.29
CA THR A 112 -22.75 -46.94 -42.10
C THR A 112 -22.42 -46.15 -40.84
N GLN A 113 -21.12 -46.02 -40.55
CA GLN A 113 -20.68 -45.27 -39.40
C GLN A 113 -20.92 -43.78 -39.60
N PRO A 114 -20.99 -43.01 -38.52
CA PRO A 114 -21.17 -41.56 -38.66
C PRO A 114 -20.05 -40.93 -39.47
N ALA A 115 -20.40 -39.91 -40.24
CA ALA A 115 -19.43 -39.28 -41.13
C ALA A 115 -18.28 -38.63 -40.35
N LEU A 116 -18.61 -37.98 -39.23
CA LEU A 116 -17.56 -37.33 -38.44
C LEU A 116 -16.58 -38.34 -37.86
N LEU A 117 -17.10 -39.47 -37.35
CA LEU A 117 -16.22 -40.49 -36.79
C LEU A 117 -15.30 -41.07 -37.86
N ARG A 118 -15.86 -41.38 -39.03
CA ARG A 118 -15.05 -41.93 -40.12
C ARG A 118 -14.00 -40.92 -40.57
N LEU A 119 -14.38 -39.65 -40.68
CA LEU A 119 -13.43 -38.63 -41.10
C LEU A 119 -12.30 -38.47 -40.09
N SER A 120 -12.63 -38.47 -38.79
CA SER A 120 -11.60 -38.34 -37.77
C SER A 120 -10.68 -39.55 -37.76
N ASP A 121 -11.24 -40.75 -37.94
CA ASP A 121 -10.40 -41.94 -38.02
C ASP A 121 -9.50 -41.90 -39.25
N HIS A 122 -10.02 -41.41 -40.37
CA HIS A 122 -9.22 -41.33 -41.59
C HIS A 122 -8.08 -40.31 -41.44
N LEU A 123 -8.35 -39.18 -40.78
CA LEU A 123 -7.35 -38.13 -40.68
C LEU A 123 -6.33 -38.43 -39.57
N LEU A 124 -6.80 -38.61 -38.34
CA LEU A 124 -5.91 -38.65 -37.18
C LEU A 124 -5.18 -39.97 -37.02
N ALA A 125 -5.57 -41.02 -37.74
CA ALA A 125 -4.82 -42.26 -37.69
C ALA A 125 -3.47 -42.07 -38.36
N ASN A 126 -2.44 -42.73 -37.79
CA ASN A 126 -1.06 -42.64 -38.23
C ASN A 126 -0.66 -41.21 -38.63
N TYR A 127 -1.12 -40.24 -37.85
CA TYR A 127 -0.80 -38.83 -38.05
C TYR A 127 0.15 -38.39 -36.95
N LYS A 128 1.31 -37.87 -37.36
CA LYS A 128 2.34 -37.44 -36.42
C LYS A 128 2.19 -35.94 -36.17
N LYS A 129 1.98 -35.56 -34.92
CA LYS A 129 1.78 -34.16 -34.56
C LYS A 129 3.09 -33.43 -34.31
N GLY A 130 4.22 -34.12 -34.32
CA GLY A 130 5.52 -33.49 -34.20
C GLY A 130 6.20 -33.18 -35.51
N VAL A 131 5.52 -33.37 -36.63
CA VAL A 131 6.08 -33.18 -37.97
C VAL A 131 5.45 -31.96 -38.58
N ARG A 132 6.28 -31.06 -39.13
CA ARG A 132 5.74 -29.92 -39.83
C ARG A 132 4.97 -30.39 -41.06
N PRO A 133 3.70 -30.02 -41.20
CA PRO A 133 2.81 -30.62 -42.20
C PRO A 133 3.03 -30.12 -43.64
N VAL A 134 4.10 -30.64 -44.26
CA VAL A 134 4.39 -30.36 -45.67
C VAL A 134 4.84 -31.64 -46.33
N ARG A 135 4.32 -31.92 -47.52
CA ARG A 135 4.81 -33.04 -48.29
C ARG A 135 6.21 -32.76 -48.83
N ASP A 136 6.52 -31.51 -49.12
CA ASP A 136 7.85 -31.08 -49.53
C ASP A 136 8.42 -30.22 -48.41
N TRP A 137 9.55 -30.65 -47.84
CA TRP A 137 10.16 -29.92 -46.73
C TRP A 137 10.74 -28.58 -47.16
N ARG A 138 10.92 -28.34 -48.46
CA ARG A 138 11.48 -27.07 -48.91
C ARG A 138 10.48 -25.93 -48.80
N LYS A 139 9.19 -26.20 -48.99
CA LYS A 139 8.27 -25.07 -48.88
C LYS A 139 7.90 -24.82 -47.42
N PRO A 140 7.70 -23.57 -47.03
CA PRO A 140 7.33 -23.26 -45.65
C PRO A 140 5.82 -23.30 -45.46
N THR A 141 5.42 -23.32 -44.18
CA THR A 141 4.01 -23.24 -43.79
C THR A 141 3.70 -21.78 -43.51
N THR A 142 2.95 -21.16 -44.43
CA THR A 142 2.61 -19.74 -44.33
C THR A 142 1.48 -19.57 -43.32
N VAL A 143 1.81 -19.04 -42.14
CA VAL A 143 0.81 -18.81 -41.11
C VAL A 143 0.27 -17.39 -41.25
N SER A 144 -1.05 -17.27 -41.40
CA SER A 144 -1.72 -15.98 -41.52
C SER A 144 -2.24 -15.57 -40.16
N ILE A 145 -1.98 -14.32 -39.77
CA ILE A 145 -2.24 -13.86 -38.41
C ILE A 145 -3.20 -12.69 -38.44
N ASP A 146 -4.12 -12.68 -37.48
CA ASP A 146 -5.01 -11.55 -37.26
C ASP A 146 -5.12 -11.29 -35.78
N VAL A 147 -5.12 -10.01 -35.39
CA VAL A 147 -5.13 -9.60 -33.99
C VAL A 147 -6.18 -8.52 -33.80
N ILE A 148 -7.01 -8.67 -32.78
CA ILE A 148 -8.03 -7.69 -32.43
C ILE A 148 -7.87 -7.36 -30.95
N MET A 149 -7.74 -6.07 -30.63
CA MET A 149 -7.57 -5.66 -29.25
C MET A 149 -8.90 -5.69 -28.52
N TYR A 150 -8.93 -6.32 -27.35
CA TYR A 150 -10.13 -6.35 -26.51
C TYR A 150 -10.11 -5.29 -25.42
N ALA A 151 -9.05 -5.24 -24.62
CA ALA A 151 -8.97 -4.27 -23.54
C ALA A 151 -7.50 -4.04 -23.20
N ILE A 152 -7.24 -2.89 -22.59
CA ILE A 152 -5.91 -2.57 -22.09
C ILE A 152 -5.95 -2.65 -20.58
N LEU A 153 -5.58 -3.82 -20.04
CA LEU A 153 -5.79 -4.09 -18.62
C LEU A 153 -4.97 -3.15 -17.74
N ASN A 154 -3.71 -2.90 -18.11
CA ASN A 154 -2.83 -2.13 -17.25
C ASN A 154 -1.67 -1.60 -18.08
N VAL A 155 -1.37 -0.31 -17.93
CA VAL A 155 -0.16 0.30 -18.45
C VAL A 155 0.65 0.77 -17.25
N ASP A 156 1.81 0.17 -17.04
CA ASP A 156 2.63 0.42 -15.87
C ASP A 156 3.88 1.19 -16.30
N GLU A 157 3.91 2.49 -16.00
CA GLU A 157 5.03 3.33 -16.40
C GLU A 157 6.27 3.10 -15.54
N LYS A 158 6.12 2.48 -14.37
CA LYS A 158 7.26 2.29 -13.49
C LYS A 158 8.17 1.18 -14.02
N ASN A 159 7.64 -0.03 -14.16
CA ASN A 159 8.41 -1.13 -14.73
C ASN A 159 8.35 -1.19 -16.25
N GLN A 160 7.56 -0.31 -16.88
CA GLN A 160 7.48 -0.22 -18.33
C GLN A 160 7.00 -1.53 -18.96
N VAL A 161 5.85 -2.00 -18.48
CA VAL A 161 5.20 -3.19 -19.01
C VAL A 161 3.76 -2.83 -19.36
N LEU A 162 3.27 -3.39 -20.47
CA LEU A 162 1.91 -3.16 -20.94
C LEU A 162 1.13 -4.47 -20.87
N THR A 163 -0.01 -4.45 -20.20
CA THR A 163 -0.88 -5.61 -20.08
C THR A 163 -2.12 -5.38 -20.92
N THR A 164 -2.35 -6.25 -21.90
CA THR A 164 -3.48 -6.14 -22.80
C THR A 164 -4.11 -7.51 -23.01
N TYR A 165 -5.39 -7.49 -23.39
CA TYR A 165 -6.14 -8.68 -23.77
C TYR A 165 -6.52 -8.55 -25.23
N ILE A 166 -6.16 -9.55 -26.04
CA ILE A 166 -6.41 -9.51 -27.48
C ILE A 166 -7.12 -10.80 -27.89
N TRP A 167 -7.81 -10.71 -29.03
CA TRP A 167 -8.41 -11.87 -29.68
C TRP A 167 -7.54 -12.24 -30.86
N TYR A 168 -6.87 -13.38 -30.77
CA TYR A 168 -5.87 -13.81 -31.75
C TYR A 168 -6.38 -15.01 -32.52
N ARG A 169 -6.36 -14.93 -33.84
CA ARG A 169 -6.71 -16.04 -34.70
C ARG A 169 -5.65 -16.21 -35.76
N GLN A 170 -5.41 -17.46 -36.14
CA GLN A 170 -4.40 -17.78 -37.15
C GLN A 170 -4.87 -18.98 -37.95
N TYR A 171 -4.41 -19.06 -39.20
CA TYR A 171 -4.74 -20.22 -40.02
C TYR A 171 -3.56 -20.56 -40.92
N TRP A 172 -3.26 -21.85 -41.00
CA TRP A 172 -2.18 -22.38 -41.83
C TRP A 172 -2.69 -23.60 -42.57
N THR A 173 -2.05 -23.90 -43.71
CA THR A 173 -2.46 -25.01 -44.55
C THR A 173 -1.76 -26.28 -44.10
N ASP A 174 -2.52 -27.20 -43.50
CA ASP A 174 -2.01 -28.51 -43.12
C ASP A 174 -2.24 -29.47 -44.29
N GLU A 175 -1.15 -29.99 -44.86
CA GLU A 175 -1.25 -30.81 -46.06
C GLU A 175 -1.56 -32.27 -45.75
N PHE A 176 -1.67 -32.65 -44.48
CA PHE A 176 -2.06 -34.00 -44.10
C PHE A 176 -3.53 -34.12 -43.75
N LEU A 177 -4.15 -33.05 -43.26
CA LEU A 177 -5.57 -33.04 -42.94
C LEU A 177 -6.38 -32.59 -44.17
N GLN A 178 -6.34 -33.45 -45.19
CA GLN A 178 -7.06 -33.20 -46.43
C GLN A 178 -7.90 -34.42 -46.78
N TRP A 179 -9.08 -34.16 -47.35
CA TRP A 179 -9.98 -35.23 -47.75
C TRP A 179 -10.92 -34.69 -48.81
N THR A 180 -11.59 -35.61 -49.51
CA THR A 180 -12.64 -35.25 -50.45
C THR A 180 -13.99 -35.35 -49.76
N PRO A 181 -14.82 -34.30 -49.80
CA PRO A 181 -16.09 -34.35 -49.06
C PRO A 181 -17.03 -35.44 -49.51
N GLU A 182 -17.01 -35.80 -50.80
CA GLU A 182 -17.99 -36.74 -51.33
C GLU A 182 -17.87 -38.12 -50.69
N ASP A 183 -16.72 -38.45 -50.11
CA ASP A 183 -16.53 -39.76 -49.49
C ASP A 183 -16.94 -39.80 -48.02
N PHE A 184 -17.34 -38.66 -47.43
CA PHE A 184 -17.68 -38.58 -46.02
C PHE A 184 -18.97 -37.80 -45.81
N ASP A 185 -19.98 -38.11 -46.63
CA ASP A 185 -21.31 -37.50 -46.52
C ASP A 185 -21.23 -35.97 -46.65
N ASN A 186 -20.40 -35.51 -47.59
CA ASN A 186 -20.32 -34.10 -47.98
C ASN A 186 -19.94 -33.19 -46.81
N VAL A 187 -19.13 -33.68 -45.88
CA VAL A 187 -18.63 -32.82 -44.81
C VAL A 187 -17.48 -31.99 -45.33
N THR A 188 -17.58 -30.67 -45.19
CA THR A 188 -16.56 -29.76 -45.69
C THR A 188 -15.62 -29.25 -44.59
N LYS A 189 -16.04 -29.31 -43.33
CA LYS A 189 -15.19 -28.87 -42.24
C LYS A 189 -15.57 -29.62 -40.97
N LEU A 190 -14.63 -29.70 -40.04
CA LEU A 190 -14.88 -30.36 -38.77
C LEU A 190 -13.94 -29.78 -37.73
N SER A 191 -14.28 -29.98 -36.46
CA SER A 191 -13.48 -29.50 -35.35
C SER A 191 -12.57 -30.62 -34.86
N ILE A 192 -11.29 -30.31 -34.72
CA ILE A 192 -10.29 -31.28 -34.29
C ILE A 192 -9.59 -30.72 -33.06
N PRO A 193 -9.31 -31.53 -32.04
CA PRO A 193 -8.65 -31.01 -30.85
C PRO A 193 -7.29 -30.41 -31.17
N THR A 194 -6.96 -29.32 -30.48
CA THR A 194 -5.69 -28.62 -30.74
C THR A 194 -4.50 -29.50 -30.35
N ASP A 195 -4.68 -30.43 -29.43
CA ASP A 195 -3.58 -31.27 -28.98
C ASP A 195 -3.31 -32.44 -29.93
N SER A 196 -4.14 -32.64 -30.94
CA SER A 196 -3.98 -33.76 -31.87
C SER A 196 -3.35 -33.36 -33.19
N ILE A 197 -2.98 -32.09 -33.37
CA ILE A 197 -2.44 -31.60 -34.63
C ILE A 197 -1.21 -30.76 -34.36
N TRP A 198 -0.42 -30.55 -35.42
CA TRP A 198 0.73 -29.66 -35.34
C TRP A 198 0.28 -28.22 -35.29
N VAL A 199 0.81 -27.45 -34.33
CA VAL A 199 0.45 -26.06 -34.13
C VAL A 199 1.72 -25.22 -34.15
N PRO A 200 1.80 -24.17 -34.97
CA PRO A 200 3.01 -23.35 -34.99
C PRO A 200 3.23 -22.64 -33.66
N ASP A 201 4.50 -22.45 -33.32
CA ASP A 201 4.88 -21.83 -32.04
C ASP A 201 5.07 -20.32 -32.21
N ILE A 202 4.00 -19.67 -32.64
CA ILE A 202 4.02 -18.22 -32.82
C ILE A 202 3.80 -17.56 -31.47
N LEU A 203 4.74 -16.72 -31.05
CA LEU A 203 4.64 -16.03 -29.78
C LEU A 203 5.41 -14.72 -29.86
N ILE A 204 5.13 -13.83 -28.91
CA ILE A 204 5.57 -12.45 -28.99
C ILE A 204 6.97 -12.32 -28.39
N ASN A 205 7.83 -11.55 -29.08
CA ASN A 205 9.16 -11.24 -28.57
C ASN A 205 9.09 -10.40 -27.30
N GLU A 206 8.18 -9.42 -27.27
CA GLU A 206 8.11 -8.46 -26.17
C GLU A 206 7.66 -9.07 -24.85
N PHE A 207 7.42 -10.37 -24.80
CA PHE A 207 6.95 -11.01 -23.59
C PHE A 207 7.95 -10.83 -22.45
N VAL A 208 7.45 -10.48 -21.27
CA VAL A 208 8.22 -10.48 -20.04
C VAL A 208 7.58 -11.31 -18.95
N ASP A 209 6.39 -11.85 -19.19
CA ASP A 209 5.66 -12.68 -18.25
C ASP A 209 4.55 -13.37 -19.02
N VAL A 210 4.26 -14.61 -18.65
CA VAL A 210 3.26 -15.40 -19.36
C VAL A 210 1.87 -14.97 -18.89
N GLY A 211 0.97 -14.75 -19.84
CA GLY A 211 -0.38 -14.34 -19.52
C GLY A 211 -1.31 -15.51 -19.30
N LYS A 212 -2.20 -15.36 -18.32
CA LYS A 212 -3.21 -16.36 -18.02
C LYS A 212 -4.41 -16.13 -18.93
N SER A 213 -4.60 -17.03 -19.88
CA SER A 213 -5.68 -16.94 -20.85
C SER A 213 -6.38 -18.28 -20.97
N PRO A 214 -7.68 -18.28 -21.27
CA PRO A 214 -8.40 -19.54 -21.45
C PRO A 214 -7.82 -20.36 -22.59
N ASN A 215 -7.87 -21.68 -22.43
CA ASN A 215 -7.32 -22.61 -23.42
C ASN A 215 -8.46 -23.08 -24.31
N ILE A 216 -8.32 -22.87 -25.61
CA ILE A 216 -9.31 -23.30 -26.59
C ILE A 216 -8.95 -24.73 -27.04
N PRO A 217 -9.79 -25.73 -26.77
CA PRO A 217 -9.42 -27.11 -27.06
C PRO A 217 -9.66 -27.58 -28.49
N TYR A 218 -10.36 -26.81 -29.33
CA TYR A 218 -10.71 -27.25 -30.67
C TYR A 218 -10.26 -26.23 -31.70
N VAL A 219 -9.94 -26.75 -32.90
CA VAL A 219 -9.61 -25.92 -34.06
C VAL A 219 -10.39 -26.45 -35.25
N TYR A 220 -10.78 -25.55 -36.15
CA TYR A 220 -11.51 -25.94 -37.36
C TYR A 220 -10.55 -26.36 -38.46
N VAL A 221 -10.89 -27.45 -39.14
CA VAL A 221 -10.11 -27.97 -40.25
C VAL A 221 -11.03 -28.11 -41.45
N HIS A 222 -10.62 -27.57 -42.59
CA HIS A 222 -11.39 -27.66 -43.82
C HIS A 222 -10.89 -28.82 -44.68
N HIS A 223 -11.66 -29.13 -45.73
CA HIS A 223 -11.35 -30.28 -46.56
C HIS A 223 -10.14 -30.06 -47.46
N ARG A 224 -9.63 -28.84 -47.56
CA ARG A 224 -8.42 -28.56 -48.32
C ARG A 224 -7.21 -28.31 -47.41
N GLY A 225 -7.34 -28.57 -46.11
CA GLY A 225 -6.22 -28.51 -45.20
C GLY A 225 -6.16 -27.28 -44.33
N GLU A 226 -6.92 -26.24 -44.65
CA GLU A 226 -6.88 -25.01 -43.86
C GLU A 226 -7.32 -25.28 -42.43
N VAL A 227 -6.45 -24.96 -41.48
CA VAL A 227 -6.70 -25.16 -40.06
C VAL A 227 -6.79 -23.79 -39.40
N GLN A 228 -7.93 -23.51 -38.77
CA GLN A 228 -8.20 -22.21 -38.17
C GLN A 228 -8.16 -22.34 -36.66
N ASN A 229 -7.32 -21.52 -36.02
CA ASN A 229 -7.11 -21.56 -34.57
C ASN A 229 -7.52 -20.22 -33.99
N TYR A 230 -8.62 -20.21 -33.23
CA TYR A 230 -9.08 -19.03 -32.52
C TYR A 230 -8.69 -19.14 -31.05
N LYS A 231 -8.14 -18.07 -30.49
CA LYS A 231 -7.68 -18.10 -29.11
C LYS A 231 -7.58 -16.71 -28.52
N PRO A 232 -8.10 -16.49 -27.31
CA PRO A 232 -7.84 -15.23 -26.62
C PRO A 232 -6.51 -15.28 -25.89
N LEU A 233 -5.81 -14.14 -25.89
CA LEU A 233 -4.48 -14.04 -25.31
C LEU A 233 -4.39 -12.84 -24.40
N GLN A 234 -3.87 -13.04 -23.19
CA GLN A 234 -3.52 -11.95 -22.29
C GLN A 234 -2.02 -11.75 -22.37
N LEU A 235 -1.60 -10.53 -22.67
CA LEU A 235 -0.21 -10.23 -22.97
C LEU A 235 0.37 -9.30 -21.92
N VAL A 236 1.54 -9.66 -21.40
CA VAL A 236 2.31 -8.80 -20.51
C VAL A 236 3.63 -8.52 -21.23
N THR A 237 3.66 -7.41 -21.98
CA THR A 237 4.77 -7.10 -22.86
C THR A 237 5.49 -5.84 -22.40
N ALA A 238 6.82 -5.84 -22.55
CA ALA A 238 7.61 -4.67 -22.23
C ALA A 238 7.52 -3.64 -23.34
N CYS A 239 7.46 -2.36 -22.96
CA CYS A 239 7.38 -1.29 -23.93
C CYS A 239 8.05 -0.05 -23.36
N SER A 240 8.43 0.86 -24.26
CA SER A 240 9.05 2.12 -23.88
C SER A 240 7.95 3.15 -23.70
N LEU A 241 7.67 3.53 -22.45
CA LEU A 241 6.60 4.46 -22.12
C LEU A 241 7.21 5.82 -21.84
N ASP A 242 6.99 6.77 -22.74
CA ASP A 242 7.47 8.14 -22.59
C ASP A 242 6.33 8.99 -22.02
N ILE A 243 6.52 9.50 -20.81
CA ILE A 243 5.50 10.27 -20.13
C ILE A 243 5.83 11.76 -20.11
N TYR A 244 6.59 12.24 -21.10
CA TYR A 244 6.93 13.66 -21.17
C TYR A 244 5.68 14.54 -21.21
N ASN A 245 4.61 14.03 -21.81
CA ASN A 245 3.32 14.72 -21.86
C ASN A 245 2.28 13.98 -21.02
N PHE A 246 2.69 13.53 -19.82
CA PHE A 246 2.00 12.55 -18.98
C PHE A 246 0.47 12.65 -19.00
N PRO A 247 -0.13 13.82 -18.71
CA PRO A 247 -1.60 13.87 -18.76
C PRO A 247 -2.17 13.65 -20.15
N PHE A 248 -1.41 13.97 -21.21
CA PHE A 248 -1.92 13.89 -22.57
C PHE A 248 -1.05 13.00 -23.45
N ASP A 249 -0.22 12.16 -22.84
CA ASP A 249 0.74 11.37 -23.62
C ASP A 249 0.03 10.30 -24.45
N VAL A 250 0.52 10.09 -25.65
CA VAL A 250 0.06 9.01 -26.52
C VAL A 250 1.19 8.00 -26.64
N GLN A 251 0.89 6.75 -26.30
CA GLN A 251 1.91 5.70 -26.29
C GLN A 251 1.90 4.94 -27.61
N ASN A 252 3.04 4.34 -27.94
CA ASN A 252 3.23 3.62 -29.19
C ASN A 252 3.91 2.30 -28.82
N CYS A 253 3.10 1.29 -28.51
CA CYS A 253 3.59 0.00 -28.08
C CYS A 253 3.58 -0.98 -29.25
N SER A 254 4.57 -1.87 -29.26
CA SER A 254 4.78 -2.80 -30.35
C SER A 254 4.57 -4.24 -29.88
N LEU A 255 3.83 -5.00 -30.68
CA LEU A 255 3.66 -6.44 -30.47
C LEU A 255 4.21 -7.17 -31.68
N THR A 256 5.20 -8.04 -31.46
CA THR A 256 5.92 -8.69 -32.54
C THR A 256 5.64 -10.19 -32.48
N PHE A 257 4.82 -10.69 -33.41
CA PHE A 257 4.50 -12.10 -33.49
C PHE A 257 5.48 -12.78 -34.43
N THR A 258 6.23 -13.75 -33.93
CA THR A 258 7.19 -14.48 -34.74
C THR A 258 7.40 -15.86 -34.14
N SER A 259 7.85 -16.79 -34.98
CA SER A 259 8.19 -18.13 -34.50
C SER A 259 9.50 -18.08 -33.73
N TRP A 260 9.50 -18.66 -32.54
CA TRP A 260 10.68 -18.58 -31.68
C TRP A 260 11.83 -19.43 -32.20
N LEU A 261 11.53 -20.51 -32.90
CA LEU A 261 12.56 -21.44 -33.38
C LEU A 261 12.67 -21.47 -34.90
N HIS A 262 11.55 -21.65 -35.59
CA HIS A 262 11.58 -21.87 -37.03
C HIS A 262 12.01 -20.60 -37.76
N THR A 263 12.86 -20.78 -38.77
CA THR A 263 13.29 -19.68 -39.62
C THR A 263 12.22 -19.38 -40.67
N ILE A 264 12.50 -18.40 -41.53
CA ILE A 264 11.56 -18.04 -42.58
C ILE A 264 11.40 -19.14 -43.61
N GLN A 265 12.37 -20.05 -43.71
CA GLN A 265 12.27 -21.17 -44.63
C GLN A 265 11.40 -22.29 -44.09
N ASP A 266 10.96 -22.20 -42.84
CA ASP A 266 10.08 -23.19 -42.24
C ASP A 266 8.70 -22.62 -41.93
N ILE A 267 8.63 -21.49 -41.22
CA ILE A 267 7.37 -20.84 -40.89
C ILE A 267 7.46 -19.38 -41.32
N ASN A 268 6.52 -18.95 -42.15
CA ASN A 268 6.41 -17.56 -42.55
C ASN A 268 5.07 -17.01 -42.08
N ILE A 269 5.03 -15.70 -41.87
CA ILE A 269 3.89 -15.03 -41.25
C ILE A 269 3.37 -13.94 -42.17
N THR A 270 2.05 -13.93 -42.37
CA THR A 270 1.37 -12.90 -43.14
C THR A 270 0.14 -12.45 -42.34
N LEU A 271 -0.72 -11.67 -42.99
CA LEU A 271 -1.90 -11.10 -42.35
C LEU A 271 -3.16 -11.73 -42.92
N TRP A 272 -4.10 -12.10 -42.04
CA TRP A 272 -5.38 -12.61 -42.49
C TRP A 272 -6.14 -11.56 -43.28
N ARG A 273 -6.15 -10.31 -42.79
CA ARG A 273 -6.87 -9.22 -43.43
C ARG A 273 -5.88 -8.18 -43.93
N SER A 274 -6.38 -7.27 -44.77
CA SER A 274 -5.56 -6.18 -45.27
C SER A 274 -5.14 -5.28 -44.11
N PRO A 275 -3.99 -4.60 -44.23
CA PRO A 275 -3.52 -3.76 -43.11
C PRO A 275 -4.49 -2.66 -42.73
N GLU A 276 -5.23 -2.10 -43.69
CA GLU A 276 -6.19 -1.06 -43.38
C GLU A 276 -7.32 -1.59 -42.50
N GLU A 277 -7.79 -2.81 -42.79
CA GLU A 277 -8.87 -3.40 -41.99
C GLU A 277 -8.41 -3.64 -40.56
N VAL A 278 -7.17 -4.11 -40.38
CA VAL A 278 -6.63 -4.31 -39.04
C VAL A 278 -6.47 -2.96 -38.34
N ARG A 279 -6.07 -1.93 -39.09
CA ARG A 279 -5.89 -0.61 -38.52
C ARG A 279 -7.21 -0.02 -38.02
N SER A 280 -8.28 -0.20 -38.78
CA SER A 280 -9.56 0.42 -38.48
C SER A 280 -10.40 -0.37 -37.48
N ASP A 281 -9.91 -1.49 -36.98
CA ASP A 281 -10.71 -2.37 -36.13
C ASP A 281 -10.75 -1.82 -34.71
N LYS A 282 -11.88 -1.22 -34.34
CA LYS A 282 -12.12 -0.75 -32.97
C LYS A 282 -13.53 -1.08 -32.53
N SER A 283 -14.02 -2.26 -32.89
CA SER A 283 -15.41 -2.61 -32.62
C SER A 283 -15.58 -3.13 -31.20
N ILE A 284 -14.89 -4.21 -30.84
CA ILE A 284 -15.09 -4.87 -29.56
C ILE A 284 -14.13 -4.40 -28.46
N PHE A 285 -13.32 -3.38 -28.74
CA PHE A 285 -12.45 -2.82 -27.71
C PHE A 285 -13.27 -2.19 -26.59
N ILE A 286 -12.87 -2.46 -25.34
CA ILE A 286 -13.47 -1.81 -24.18
C ILE A 286 -12.96 -0.37 -24.16
N ASN A 287 -13.86 0.59 -24.37
CA ASN A 287 -13.46 1.96 -24.69
C ASN A 287 -13.45 2.92 -23.51
N GLN A 288 -14.39 2.79 -22.58
CA GLN A 288 -14.61 3.81 -21.56
C GLN A 288 -13.60 3.74 -20.41
N GLY A 289 -12.54 2.97 -20.55
CA GLY A 289 -11.50 2.91 -19.54
C GLY A 289 -10.62 4.14 -19.56
N GLU A 290 -9.45 4.01 -18.91
CA GLU A 290 -8.51 5.13 -18.86
C GLU A 290 -7.82 5.36 -20.19
N TRP A 291 -7.46 4.28 -20.88
CA TRP A 291 -6.68 4.36 -22.12
C TRP A 291 -7.59 4.20 -23.33
N GLU A 292 -7.38 5.08 -24.31
CA GLU A 292 -8.14 5.05 -25.56
C GLU A 292 -7.25 4.51 -26.67
N LEU A 293 -7.76 3.53 -27.41
CA LEU A 293 -7.03 2.92 -28.50
C LEU A 293 -7.22 3.76 -29.77
N LEU A 294 -6.11 4.13 -30.39
CA LEU A 294 -6.15 4.90 -31.63
C LEU A 294 -6.17 3.99 -32.86
N GLU A 295 -5.20 3.09 -32.98
CA GLU A 295 -5.12 2.20 -34.12
C GLU A 295 -4.14 1.08 -33.77
N VAL A 296 -4.21 0.00 -34.56
CA VAL A 296 -3.28 -1.11 -34.48
C VAL A 296 -2.68 -1.28 -35.88
N PHE A 297 -1.42 -0.89 -36.04
CA PHE A 297 -0.81 -0.82 -37.36
C PHE A 297 0.09 -2.02 -37.57
N PRO A 298 -0.23 -2.93 -38.50
CA PRO A 298 0.62 -4.09 -38.75
C PRO A 298 1.74 -3.79 -39.75
N GLN A 299 2.91 -4.34 -39.46
CA GLN A 299 4.08 -4.17 -40.32
C GLN A 299 4.89 -5.46 -40.32
N PHE A 300 5.39 -5.84 -41.49
CA PHE A 300 6.14 -7.07 -41.67
C PHE A 300 7.62 -6.76 -41.88
N LYS A 301 8.48 -7.46 -41.14
CA LYS A 301 9.92 -7.31 -41.27
C LYS A 301 10.57 -8.68 -41.18
N GLU A 302 11.79 -8.78 -41.69
CA GLU A 302 12.58 -10.01 -41.61
C GLU A 302 13.72 -9.80 -40.62
N PHE A 303 13.58 -10.36 -39.42
CA PHE A 303 14.61 -10.24 -38.40
C PHE A 303 15.70 -11.27 -38.66
N SER A 304 16.94 -10.79 -38.84
CA SER A 304 18.04 -11.69 -39.15
C SER A 304 19.35 -11.06 -38.67
N ILE A 305 20.13 -11.83 -37.91
CA ILE A 305 21.49 -11.48 -37.55
C ILE A 305 22.48 -12.51 -38.10
N ASP A 306 22.09 -13.21 -39.17
CA ASP A 306 22.91 -14.20 -39.82
C ASP A 306 22.56 -14.22 -41.29
N ILE A 307 23.47 -14.74 -42.11
CA ILE A 307 23.25 -14.76 -43.55
C ILE A 307 22.05 -15.62 -43.90
N SER A 308 21.91 -16.79 -43.24
CA SER A 308 20.85 -17.73 -43.57
C SER A 308 19.74 -17.81 -42.53
N ASN A 309 20.02 -17.43 -41.27
CA ASN A 309 19.02 -17.54 -40.20
C ASN A 309 18.14 -16.29 -40.20
N SER A 310 17.23 -16.24 -41.17
CA SER A 310 16.27 -15.17 -41.27
C SER A 310 14.95 -15.59 -40.63
N TYR A 311 14.41 -14.74 -39.77
CA TYR A 311 13.17 -15.02 -39.06
C TYR A 311 12.10 -14.03 -39.49
N ALA A 312 10.91 -14.54 -39.79
CA ALA A 312 9.78 -13.71 -40.20
C ALA A 312 9.02 -13.26 -38.96
N GLU A 313 8.70 -11.97 -38.91
CA GLU A 313 8.00 -11.39 -37.76
C GLU A 313 6.92 -10.44 -38.26
N MET A 314 5.88 -10.29 -37.44
CA MET A 314 4.76 -9.39 -37.74
C MET A 314 4.59 -8.45 -36.55
N LYS A 315 4.79 -7.15 -36.80
CA LYS A 315 4.75 -6.15 -35.74
C LYS A 315 3.41 -5.41 -35.80
N PHE A 316 2.68 -5.44 -34.68
CA PHE A 316 1.44 -4.69 -34.52
C PHE A 316 1.70 -3.54 -33.57
N TYR A 317 1.76 -2.32 -34.11
CA TYR A 317 2.04 -1.13 -33.32
C TYR A 317 0.75 -0.68 -32.64
N VAL A 318 0.57 -1.09 -31.39
CA VAL A 318 -0.60 -0.70 -30.61
C VAL A 318 -0.37 0.73 -30.13
N ILE A 319 -1.19 1.67 -30.60
CA ILE A 319 -1.06 3.08 -30.28
C ILE A 319 -2.24 3.46 -29.39
N ILE A 320 -1.93 3.94 -28.19
CA ILE A 320 -2.95 4.25 -27.18
C ILE A 320 -2.73 5.65 -26.65
N ARG A 321 -3.83 6.37 -26.42
CA ARG A 321 -3.78 7.73 -25.92
C ARG A 321 -4.48 7.80 -24.57
N ARG A 322 -3.79 8.37 -23.58
CA ARG A 322 -4.37 8.53 -22.25
C ARG A 322 -5.46 9.59 -22.25
N ARG A 323 -6.49 9.38 -21.45
CA ARG A 323 -7.56 10.36 -21.29
C ARG A 323 -7.22 11.30 -20.14
N PRO A 324 -6.99 12.59 -20.41
CA PRO A 324 -6.52 13.48 -19.33
C PRO A 324 -7.56 13.80 -18.28
N LEU A 325 -8.85 13.55 -18.54
CA LEU A 325 -9.90 13.91 -17.59
C LEU A 325 -9.78 13.13 -16.29
N PHE A 326 -9.02 12.03 -16.28
CA PHE A 326 -8.82 11.28 -15.04
C PHE A 326 -8.15 12.14 -13.98
N TYR A 327 -7.14 12.91 -14.36
CA TYR A 327 -6.29 13.63 -13.41
C TYR A 327 -6.65 15.10 -13.28
N ALA A 328 -7.71 15.56 -13.95
CA ALA A 328 -8.07 16.97 -13.86
C ALA A 328 -8.39 17.37 -12.42
N VAL A 329 -9.27 16.62 -11.77
CA VAL A 329 -9.62 16.92 -10.38
C VAL A 329 -8.42 16.72 -9.47
N SER A 330 -7.59 15.73 -9.78
CA SER A 330 -6.47 15.41 -8.90
C SER A 330 -5.38 16.48 -8.94
N LEU A 331 -5.17 17.12 -10.09
CA LEU A 331 -4.09 18.08 -10.23
C LEU A 331 -4.57 19.53 -10.23
N LEU A 332 -5.48 19.89 -11.14
CA LEU A 332 -5.84 21.30 -11.28
C LEU A 332 -6.57 21.84 -10.06
N LEU A 333 -7.48 21.05 -9.49
CA LEU A 333 -8.30 21.55 -8.39
C LEU A 333 -7.48 21.94 -7.16
N PRO A 334 -6.58 21.11 -6.62
CA PRO A 334 -5.85 21.54 -5.42
C PRO A 334 -4.98 22.76 -5.63
N SER A 335 -4.25 22.81 -6.76
CA SER A 335 -3.37 23.95 -7.01
C SER A 335 -4.17 25.24 -7.18
N ILE A 336 -5.26 25.18 -7.95
CA ILE A 336 -6.08 26.37 -8.16
C ILE A 336 -6.70 26.82 -6.83
N PHE A 337 -7.17 25.86 -6.03
CA PHE A 337 -7.73 26.19 -4.73
C PHE A 337 -6.70 26.84 -3.82
N LEU A 338 -5.47 26.33 -3.81
CA LEU A 338 -4.46 26.88 -2.91
C LEU A 338 -4.01 28.26 -3.37
N MET A 339 -3.95 28.50 -4.69
CA MET A 339 -3.72 29.85 -5.16
C MET A 339 -4.86 30.79 -4.79
N VAL A 340 -6.10 30.29 -4.83
CA VAL A 340 -7.24 31.12 -4.45
C VAL A 340 -7.14 31.53 -2.99
N VAL A 341 -6.81 30.58 -2.11
CA VAL A 341 -6.68 30.93 -0.70
C VAL A 341 -5.45 31.79 -0.45
N ASP A 342 -4.40 31.64 -1.27
CA ASP A 342 -3.27 32.56 -1.17
C ASP A 342 -3.70 33.99 -1.49
N ILE A 343 -4.49 34.15 -2.54
CA ILE A 343 -5.00 35.47 -2.89
C ILE A 343 -5.88 36.02 -1.76
N VAL A 344 -6.72 35.16 -1.18
CA VAL A 344 -7.59 35.58 -0.10
C VAL A 344 -6.78 36.02 1.11
N GLY A 345 -5.76 35.25 1.48
CA GLY A 345 -4.94 35.57 2.64
C GLY A 345 -3.99 36.73 2.42
N PHE A 346 -3.71 37.08 1.16
CA PHE A 346 -2.92 38.28 0.90
C PHE A 346 -3.61 39.54 1.40
N CYS A 347 -4.92 39.50 1.64
CA CYS A 347 -5.65 40.66 2.09
C CYS A 347 -5.44 40.99 3.56
N LEU A 348 -4.88 40.06 4.33
CA LEU A 348 -4.65 40.33 5.75
C LEU A 348 -3.66 41.49 5.91
N PRO A 349 -3.88 42.38 6.87
CA PRO A 349 -2.93 43.48 7.09
C PRO A 349 -1.57 42.93 7.47
N PRO A 350 -0.49 43.53 6.94
CA PRO A 350 0.85 43.02 7.26
C PRO A 350 1.22 43.10 8.72
N ASP A 351 0.71 44.09 9.44
CA ASP A 351 1.03 44.28 10.85
C ASP A 351 0.11 43.48 11.77
N SER A 352 -0.77 42.65 11.22
CA SER A 352 -1.67 41.86 12.06
C SER A 352 -0.91 40.85 12.91
N GLY A 353 0.28 40.45 12.47
CA GLY A 353 1.07 39.47 13.19
C GLY A 353 0.72 38.03 12.89
N GLU A 354 -0.21 37.77 11.98
CA GLU A 354 -0.64 36.43 11.64
C GLU A 354 -0.56 36.13 10.14
N ARG A 355 -0.21 37.13 9.33
CA ARG A 355 -0.07 36.91 7.89
C ARG A 355 1.04 35.93 7.58
N VAL A 356 2.18 36.04 8.29
CA VAL A 356 3.29 35.13 8.05
C VAL A 356 2.91 33.71 8.45
N SER A 357 2.20 33.55 9.57
CA SER A 357 1.73 32.23 9.97
C SER A 357 0.79 31.65 8.92
N PHE A 358 -0.11 32.48 8.39
CA PHE A 358 -1.01 32.03 7.33
C PHE A 358 -0.22 31.55 6.12
N LYS A 359 0.79 32.33 5.71
CA LYS A 359 1.57 31.98 4.53
C LYS A 359 2.36 30.70 4.74
N ILE A 360 2.97 30.52 5.91
CA ILE A 360 3.77 29.32 6.15
C ILE A 360 2.87 28.09 6.25
N THR A 361 1.68 28.23 6.86
CA THR A 361 0.75 27.12 6.89
C THR A 361 0.29 26.74 5.48
N LEU A 362 0.02 27.74 4.65
CA LEU A 362 -0.37 27.47 3.26
C LEU A 362 0.75 26.78 2.49
N LEU A 363 1.99 27.23 2.70
CA LEU A 363 3.12 26.60 2.02
C LEU A 363 3.30 25.16 2.47
N LEU A 364 3.12 24.90 3.77
CA LEU A 364 3.18 23.52 4.26
C LEU A 364 2.09 22.67 3.63
N GLY A 365 0.87 23.22 3.52
CA GLY A 365 -0.20 22.48 2.86
C GLY A 365 0.11 22.14 1.42
N TYR A 366 0.63 23.12 0.67
CA TYR A 366 0.99 22.85 -0.72
C TYR A 366 2.13 21.85 -0.81
N SER A 367 3.09 21.91 0.12
CA SER A 367 4.19 20.96 0.11
C SER A 367 3.71 19.53 0.35
N VAL A 368 2.83 19.34 1.33
CA VAL A 368 2.32 18.00 1.59
C VAL A 368 1.46 17.53 0.42
N PHE A 369 0.72 18.45 -0.21
CA PHE A 369 -0.05 18.07 -1.41
C PHE A 369 0.88 17.58 -2.52
N LEU A 370 1.98 18.31 -2.75
CA LEU A 370 2.92 17.90 -3.80
C LEU A 370 3.55 16.55 -3.48
N ILE A 371 3.94 16.36 -2.21
CA ILE A 371 4.57 15.10 -1.82
C ILE A 371 3.60 13.94 -1.98
N ILE A 372 2.33 14.14 -1.63
CA ILE A 372 1.34 13.07 -1.78
C ILE A 372 1.05 12.80 -3.24
N VAL A 373 0.92 13.85 -4.05
CA VAL A 373 0.57 13.66 -5.46
C VAL A 373 1.76 13.08 -6.23
N SER A 374 2.97 13.19 -5.70
CA SER A 374 4.12 12.55 -6.33
C SER A 374 3.97 11.03 -6.38
N ASP A 375 3.14 10.45 -5.51
CA ASP A 375 2.91 9.01 -5.55
C ASP A 375 2.14 8.57 -6.78
N THR A 376 1.39 9.48 -7.41
CA THR A 376 0.65 9.16 -8.62
C THR A 376 1.27 9.71 -9.88
N LEU A 377 2.34 10.49 -9.77
CA LEU A 377 3.01 11.05 -10.94
C LEU A 377 4.18 10.15 -11.32
N PRO A 378 4.14 9.48 -12.47
CA PRO A 378 5.23 8.59 -12.84
C PRO A 378 6.45 9.36 -13.31
N ALA A 379 7.59 8.67 -13.31
CA ALA A 379 8.84 9.23 -13.80
C ALA A 379 9.57 8.20 -14.64
N THR A 380 10.40 8.67 -15.57
CA THR A 380 11.16 7.80 -16.44
C THR A 380 12.59 8.30 -16.53
N ALA A 381 13.46 7.45 -17.08
CA ALA A 381 14.88 7.76 -17.15
C ALA A 381 15.14 8.95 -18.06
N ILE A 382 14.46 9.01 -19.21
CA ILE A 382 14.74 10.06 -20.19
C ILE A 382 14.38 11.43 -19.65
N GLY A 383 13.32 11.53 -18.85
CA GLY A 383 12.95 12.81 -18.29
C GLY A 383 11.67 12.80 -17.47
N THR A 384 11.54 13.79 -16.59
CA THR A 384 10.34 13.97 -15.77
C THR A 384 9.21 14.54 -16.63
N PRO A 385 7.95 14.27 -16.24
CA PRO A 385 6.83 14.86 -16.97
C PRO A 385 6.86 16.38 -16.92
N LEU A 386 6.36 17.00 -17.99
CA LEU A 386 6.45 18.45 -18.13
C LEU A 386 5.62 19.21 -17.10
N ILE A 387 4.58 18.58 -16.53
CA ILE A 387 3.75 19.27 -15.55
C ILE A 387 4.52 19.53 -14.25
N GLY A 388 5.65 18.85 -14.05
CA GLY A 388 6.51 19.21 -12.93
C GLY A 388 7.01 20.64 -13.02
N VAL A 389 7.26 21.12 -14.23
CA VAL A 389 7.66 22.51 -14.41
C VAL A 389 6.56 23.46 -13.93
N TYR A 390 5.31 23.16 -14.28
CA TYR A 390 4.20 24.00 -13.84
C TYR A 390 4.04 23.92 -12.32
N PHE A 391 4.21 22.73 -11.75
CA PHE A 391 4.08 22.59 -10.29
C PHE A 391 5.17 23.37 -9.56
N VAL A 392 6.41 23.32 -10.04
CA VAL A 392 7.46 24.08 -9.39
C VAL A 392 7.31 25.57 -9.66
N VAL A 393 6.66 25.95 -10.77
CA VAL A 393 6.33 27.36 -10.97
C VAL A 393 5.31 27.83 -9.93
N CYS A 394 4.31 26.99 -9.65
CA CYS A 394 3.36 27.33 -8.58
C CYS A 394 4.05 27.42 -7.23
N MET A 395 4.98 26.49 -6.96
CA MET A 395 5.81 26.58 -5.77
C MET A 395 6.57 27.90 -5.71
N ALA A 396 7.15 28.32 -6.84
CA ALA A 396 7.90 29.57 -6.87
C ALA A 396 6.99 30.78 -6.62
N LEU A 397 5.78 30.74 -7.17
CA LEU A 397 4.84 31.83 -6.92
C LEU A 397 4.46 31.91 -5.44
N LEU A 398 4.21 30.76 -4.81
CA LEU A 398 3.91 30.76 -3.38
C LEU A 398 5.09 31.27 -2.56
N VAL A 399 6.31 30.86 -2.94
CA VAL A 399 7.49 31.31 -2.23
C VAL A 399 7.70 32.81 -2.39
N ILE A 400 7.41 33.33 -3.59
CA ILE A 400 7.51 34.77 -3.83
C ILE A 400 6.49 35.52 -2.97
N SER A 401 5.28 34.97 -2.85
CA SER A 401 4.29 35.57 -1.98
C SER A 401 4.78 35.59 -0.53
N LEU A 402 5.35 34.49 -0.06
CA LEU A 402 5.87 34.44 1.30
C LEU A 402 7.00 35.45 1.50
N ALA A 403 7.90 35.56 0.52
CA ALA A 403 9.00 36.51 0.64
C ALA A 403 8.49 37.95 0.65
N GLU A 404 7.48 38.24 -0.16
CA GLU A 404 6.88 39.57 -0.14
C GLU A 404 6.26 39.87 1.21
N THR A 405 5.55 38.89 1.78
CA THR A 405 4.96 39.07 3.10
C THR A 405 6.03 39.34 4.15
N ILE A 406 7.13 38.58 4.10
CA ILE A 406 8.21 38.77 5.07
C ILE A 406 8.86 40.14 4.90
N PHE A 407 9.06 40.57 3.66
CA PHE A 407 9.66 41.89 3.41
C PHE A 407 8.77 43.00 3.96
N ILE A 408 7.47 42.92 3.70
CA ILE A 408 6.56 43.96 4.18
C ILE A 408 6.47 43.93 5.69
N VAL A 409 6.48 42.74 6.30
CA VAL A 409 6.50 42.64 7.75
C VAL A 409 7.76 43.29 8.31
N ARG A 410 8.89 43.10 7.65
CA ARG A 410 10.12 43.79 8.05
C ARG A 410 9.94 45.30 7.98
N LEU A 411 9.30 45.79 6.91
CA LEU A 411 9.12 47.23 6.75
C LEU A 411 8.24 47.81 7.85
N VAL A 412 7.11 47.16 8.16
CA VAL A 412 6.10 47.75 9.03
C VAL A 412 6.25 47.39 10.50
N HIS A 413 7.15 46.47 10.84
CA HIS A 413 7.30 46.08 12.24
C HIS A 413 7.78 47.26 13.07
N LYS A 414 7.14 47.45 14.23
CA LYS A 414 7.42 48.58 15.10
C LYS A 414 8.38 48.16 16.20
N GLN A 415 9.63 48.63 16.10
CA GLN A 415 10.62 48.43 17.14
C GLN A 415 11.35 49.74 17.38
N ASP A 416 11.91 49.89 18.58
CA ASP A 416 12.40 51.18 19.03
C ASP A 416 13.65 51.64 18.28
N LEU A 417 14.28 50.78 17.50
CA LEU A 417 15.43 51.19 16.69
C LEU A 417 15.04 51.85 15.38
N GLN A 418 13.74 51.96 15.09
CA GLN A 418 13.30 52.57 13.84
C GLN A 418 13.79 54.01 13.73
N ARG A 419 14.26 54.36 12.54
CA ARG A 419 14.68 55.71 12.20
C ARG A 419 13.71 56.32 11.20
N PRO A 420 13.66 57.64 11.09
CA PRO A 420 12.71 58.26 10.16
C PRO A 420 12.94 57.79 8.73
N VAL A 421 11.84 57.70 7.99
CA VAL A 421 11.89 57.22 6.60
C VAL A 421 12.79 58.13 5.79
N PRO A 422 13.73 57.59 5.01
CA PRO A 422 14.63 58.45 4.23
C PRO A 422 13.87 59.26 3.19
N ASP A 423 14.49 60.37 2.79
CA ASP A 423 13.84 61.31 1.89
C ASP A 423 13.52 60.63 0.55
N TRP A 424 14.47 59.86 0.01
CA TRP A 424 14.26 59.22 -1.28
C TRP A 424 13.12 58.21 -1.22
N LEU A 425 13.12 57.36 -0.19
CA LEU A 425 12.08 56.35 -0.07
C LEU A 425 10.72 56.98 0.15
N ARG A 426 10.66 57.99 1.03
CA ARG A 426 9.40 58.67 1.29
C ARG A 426 8.86 59.30 0.01
N HIS A 427 9.67 60.09 -0.67
CA HIS A 427 9.22 60.75 -1.90
C HIS A 427 8.75 59.71 -2.91
N LEU A 428 9.58 58.71 -3.20
CA LEU A 428 9.24 57.71 -4.20
C LEU A 428 7.92 57.03 -3.85
N VAL A 429 7.88 56.32 -2.72
CA VAL A 429 6.72 55.48 -2.40
C VAL A 429 5.47 56.33 -2.24
N LEU A 430 5.56 57.45 -1.53
CA LEU A 430 4.36 58.20 -1.19
C LEU A 430 3.92 59.17 -2.28
N ASP A 431 4.72 59.39 -3.33
CA ASP A 431 4.26 60.22 -4.44
C ASP A 431 4.13 59.44 -5.74
N ARG A 432 5.23 58.84 -6.24
CA ARG A 432 5.17 58.20 -7.54
C ARG A 432 4.33 56.93 -7.52
N ILE A 433 4.59 56.06 -6.54
CA ILE A 433 3.85 54.81 -6.44
C ILE A 433 2.40 55.08 -6.06
N ALA A 434 2.18 56.07 -5.20
CA ALA A 434 0.81 56.44 -4.83
C ALA A 434 0.03 56.95 -6.03
N TRP A 435 0.66 57.78 -6.87
CA TRP A 435 -0.01 58.27 -8.07
C TRP A 435 -0.26 57.13 -9.06
N ILE A 436 0.69 56.20 -9.17
CA ILE A 436 0.50 55.04 -10.04
C ILE A 436 -0.69 54.21 -9.57
N LEU A 437 -0.80 54.00 -8.26
CA LEU A 437 -1.92 53.24 -7.71
C LEU A 437 -3.16 54.12 -7.59
N LEU A 501 11.76 81.42 44.52
CA LEU A 501 10.50 81.04 43.90
C LEU A 501 10.57 79.60 43.39
N ALA A 502 9.63 78.77 43.85
CA ALA A 502 9.59 77.37 43.47
C ALA A 502 8.82 77.11 42.19
N VAL A 503 8.30 78.15 41.54
CA VAL A 503 7.61 77.97 40.27
C VAL A 503 8.56 77.45 39.21
N ARG A 504 9.83 77.89 39.26
CA ARG A 504 10.84 77.33 38.37
C ARG A 504 11.02 75.85 38.61
N GLY A 505 11.04 75.43 39.89
CA GLY A 505 11.14 74.01 40.19
C GLY A 505 9.94 73.23 39.71
N LEU A 506 8.75 73.84 39.79
CA LEU A 506 7.56 73.19 39.25
C LEU A 506 7.66 73.01 37.74
N LEU A 507 8.22 74.01 37.05
CA LEU A 507 8.32 73.95 35.59
C LEU A 507 9.24 72.84 35.13
N GLN A 508 10.26 72.49 35.92
CA GLN A 508 11.21 71.47 35.50
C GLN A 508 10.56 70.10 35.39
N GLU A 509 9.74 69.73 36.38
CA GLU A 509 9.07 68.43 36.33
C GLU A 509 8.09 68.35 35.16
N LEU A 510 7.34 69.41 34.93
CA LEU A 510 6.44 69.44 33.78
C LEU A 510 7.22 69.33 32.47
N SER A 511 8.36 70.01 32.39
CA SER A 511 9.18 69.91 31.19
C SER A 511 9.69 68.49 30.98
N SER A 512 10.09 67.81 32.05
CA SER A 512 10.55 66.44 31.92
C SER A 512 9.42 65.50 31.47
N ILE A 513 8.24 65.67 32.04
CA ILE A 513 7.09 64.86 31.63
C ILE A 513 6.76 65.11 30.17
N ARG A 514 6.78 66.38 29.75
CA ARG A 514 6.53 66.72 28.36
C ARG A 514 7.60 66.11 27.45
N HIS A 515 8.85 66.08 27.92
CA HIS A 515 9.92 65.47 27.13
C HIS A 515 9.66 63.98 26.91
N PHE A 516 9.28 63.27 27.98
CA PHE A 516 9.01 61.84 27.83
C PHE A 516 7.84 61.60 26.88
N LEU A 517 6.77 62.38 27.03
CA LEU A 517 5.61 62.23 26.14
C LEU A 517 5.99 62.55 24.70
N GLU A 518 6.82 63.58 24.49
CA GLU A 518 7.26 63.94 23.15
C GLU A 518 8.09 62.82 22.52
N LYS A 519 8.97 62.20 23.31
CA LYS A 519 9.76 61.09 22.79
C LYS A 519 8.87 59.93 22.36
N ARG A 520 7.90 59.58 23.20
CA ARG A 520 6.98 58.51 22.83
C ARG A 520 6.17 58.86 21.58
N ASP A 521 5.72 60.12 21.49
CA ASP A 521 4.94 60.55 20.33
C ASP A 521 5.79 60.52 19.06
N GLU A 522 7.05 60.93 19.15
CA GLU A 522 7.92 60.90 17.98
C GLU A 522 8.17 59.47 17.52
N MET A 523 8.39 58.55 18.46
CA MET A 523 8.53 57.15 18.07
C MET A 523 7.26 56.63 17.39
N ARG A 524 6.10 56.99 17.94
CA ARG A 524 4.84 56.56 17.34
C ARG A 524 4.67 57.13 15.93
N GLU A 525 5.06 58.40 15.72
CA GLU A 525 4.94 59.02 14.41
C GLU A 525 5.86 58.35 13.39
N VAL A 526 7.10 58.04 13.81
CA VAL A 526 8.01 57.34 12.90
C VAL A 526 7.44 55.97 12.53
N ALA A 527 6.90 55.26 13.51
CA ALA A 527 6.27 53.97 13.22
C ALA A 527 5.10 54.13 12.27
N ARG A 528 4.31 55.19 12.43
CA ARG A 528 3.18 55.44 11.54
C ARG A 528 3.64 55.69 10.10
N ASP A 529 4.71 56.48 9.93
CA ASP A 529 5.23 56.73 8.59
C ASP A 529 5.72 55.44 7.94
N TRP A 530 6.45 54.62 8.70
CA TRP A 530 6.92 53.35 8.16
C TRP A 530 5.75 52.44 7.81
N LEU A 531 4.71 52.43 8.64
CA LEU A 531 3.53 51.61 8.36
C LEU A 531 2.82 52.07 7.10
N ARG A 532 2.73 53.38 6.89
CA ARG A 532 2.12 53.90 5.67
C ARG A 532 2.90 53.47 4.44
N VAL A 533 4.23 53.59 4.50
CA VAL A 533 5.06 53.16 3.36
C VAL A 533 4.87 51.67 3.11
N GLY A 534 4.87 50.87 4.17
CA GLY A 534 4.67 49.44 4.01
C GLY A 534 3.31 49.10 3.43
N TYR A 535 2.27 49.82 3.85
CA TYR A 535 0.93 49.57 3.29
C TYR A 535 0.88 49.87 1.80
N VAL A 536 1.47 51.00 1.39
CA VAL A 536 1.45 51.35 -0.03
C VAL A 536 2.21 50.29 -0.84
N LEU A 537 3.39 49.89 -0.35
CA LEU A 537 4.18 48.89 -1.06
C LEU A 537 3.44 47.56 -1.11
N ASP A 538 2.76 47.19 -0.02
CA ASP A 538 2.01 45.93 0.00
C ASP A 538 0.87 45.97 -1.01
N ARG A 539 0.18 47.10 -1.12
CA ARG A 539 -0.88 47.21 -2.12
C ARG A 539 -0.33 47.04 -3.53
N LEU A 540 0.78 47.73 -3.83
CA LEU A 540 1.37 47.62 -5.16
C LEU A 540 1.81 46.19 -5.47
N LEU A 541 2.48 45.55 -4.51
CA LEU A 541 2.97 44.20 -4.74
C LEU A 541 1.84 43.18 -4.82
N PHE A 542 0.75 43.40 -4.07
CA PHE A 542 -0.42 42.54 -4.21
C PHE A 542 -1.02 42.66 -5.61
N ARG A 543 -1.12 43.89 -6.12
CA ARG A 543 -1.62 44.05 -7.48
C ARG A 543 -0.72 43.35 -8.50
N ILE A 544 0.59 43.49 -8.33
CA ILE A 544 1.53 42.84 -9.25
C ILE A 544 1.39 41.32 -9.18
N TYR A 545 1.28 40.78 -7.96
CA TYR A 545 1.15 39.34 -7.80
C TYR A 545 -0.16 38.83 -8.40
N LEU A 546 -1.25 39.59 -8.23
CA LEU A 546 -2.52 39.22 -8.83
C LEU A 546 -2.42 39.20 -10.35
N LEU A 547 -1.77 40.21 -10.92
CA LEU A 547 -1.58 40.23 -12.37
C LEU A 547 -0.75 39.04 -12.84
N ALA A 548 0.31 38.70 -12.09
CA ALA A 548 1.13 37.55 -12.46
C ALA A 548 0.34 36.25 -12.40
N VAL A 549 -0.47 36.08 -11.36
CA VAL A 549 -1.29 34.87 -11.23
C VAL A 549 -2.29 34.79 -12.38
N LEU A 550 -2.93 35.92 -12.71
CA LEU A 550 -3.88 35.93 -13.82
C LEU A 550 -3.18 35.59 -15.13
N ALA A 551 -1.98 36.12 -15.36
CA ALA A 551 -1.23 35.81 -16.56
C ALA A 551 -0.88 34.33 -16.63
N TYR A 552 -0.45 33.75 -15.51
CA TYR A 552 -0.13 32.33 -15.48
C TYR A 552 -1.36 31.48 -15.78
N SER A 553 -2.50 31.81 -15.17
CA SER A 553 -3.72 31.06 -15.43
C SER A 553 -4.17 31.19 -16.88
N ILE A 554 -4.06 32.39 -17.45
CA ILE A 554 -4.44 32.60 -18.84
C ILE A 554 -3.53 31.81 -19.77
N THR A 555 -2.23 31.78 -19.47
CA THR A 555 -1.30 31.01 -20.28
C THR A 555 -1.63 29.53 -20.22
N LEU A 556 -1.93 29.01 -19.02
CA LEU A 556 -2.30 27.61 -18.90
C LEU A 556 -3.57 27.30 -19.69
N VAL A 557 -4.57 28.18 -19.59
CA VAL A 557 -5.83 27.95 -20.31
C VAL A 557 -5.60 27.98 -21.81
N THR A 558 -4.80 28.93 -22.30
CA THR A 558 -4.50 29.01 -23.72
C THR A 558 -3.76 27.77 -24.21
N LEU A 559 -2.78 27.29 -23.42
CA LEU A 559 -2.05 26.09 -23.79
C LEU A 559 -2.98 24.88 -23.84
N TRP A 560 -3.90 24.78 -22.88
CA TRP A 560 -4.86 23.69 -22.90
C TRP A 560 -5.79 23.77 -24.10
N SER A 561 -6.18 24.99 -24.48
CA SER A 561 -7.15 25.17 -25.56
C SER A 561 -6.60 24.68 -26.90
N ILE A 562 -5.33 24.99 -27.20
CA ILE A 562 -4.78 24.62 -28.50
C ILE A 562 -4.65 23.11 -28.64
N TRP A 563 -4.48 22.39 -27.52
CA TRP A 563 -4.44 20.94 -27.57
C TRP A 563 -5.81 20.35 -27.84
N HIS A 564 -6.88 21.04 -27.43
CA HIS A 564 -8.24 20.57 -27.65
C HIS A 564 -8.58 20.56 -29.15
N THR B 112 -23.20 -61.21 -14.92
CA THR B 112 -21.99 -61.68 -14.24
C THR B 112 -21.18 -60.52 -13.71
N GLN B 113 -20.59 -59.74 -14.61
CA GLN B 113 -19.80 -58.59 -14.23
C GLN B 113 -20.72 -57.49 -13.67
N PRO B 114 -20.17 -56.57 -12.88
CA PRO B 114 -20.99 -55.47 -12.36
C PRO B 114 -21.58 -54.64 -13.50
N ALA B 115 -22.80 -54.15 -13.26
CA ALA B 115 -23.52 -53.42 -14.30
C ALA B 115 -22.79 -52.16 -14.70
N LEU B 116 -22.24 -51.43 -13.73
CA LEU B 116 -21.53 -50.19 -14.05
C LEU B 116 -20.29 -50.45 -14.90
N LEU B 117 -19.53 -51.50 -14.57
CA LEU B 117 -18.34 -51.82 -15.35
C LEU B 117 -18.70 -52.20 -16.77
N ARG B 118 -19.73 -53.02 -16.94
CA ARG B 118 -20.16 -53.42 -18.28
C ARG B 118 -20.66 -52.22 -19.07
N LEU B 119 -21.41 -51.33 -18.43
CA LEU B 119 -21.93 -50.15 -19.12
C LEU B 119 -20.78 -49.24 -19.54
N SER B 120 -19.80 -49.02 -18.66
CA SER B 120 -18.68 -48.17 -19.02
C SER B 120 -17.85 -48.78 -20.14
N ASP B 121 -17.66 -50.10 -20.12
CA ASP B 121 -16.95 -50.76 -21.20
C ASP B 121 -17.72 -50.65 -22.51
N HIS B 122 -19.04 -50.77 -22.46
CA HIS B 122 -19.86 -50.67 -23.67
C HIS B 122 -19.83 -49.26 -24.24
N LEU B 123 -19.86 -48.25 -23.38
CA LEU B 123 -19.90 -46.87 -23.86
C LEU B 123 -18.53 -46.37 -24.29
N LEU B 124 -17.56 -46.39 -23.38
CA LEU B 124 -16.29 -45.71 -23.60
C LEU B 124 -15.34 -46.45 -24.52
N ALA B 125 -15.61 -47.71 -24.85
CA ALA B 125 -14.79 -48.42 -25.83
C ALA B 125 -15.02 -47.83 -27.21
N ASN B 126 -13.94 -47.78 -28.00
CA ASN B 126 -13.93 -47.18 -29.34
C ASN B 126 -14.77 -45.90 -29.42
N TYR B 127 -14.68 -45.07 -28.39
CA TYR B 127 -15.37 -43.79 -28.34
C TYR B 127 -14.35 -42.69 -28.50
N LYS B 128 -14.54 -41.83 -29.50
CA LYS B 128 -13.63 -40.74 -29.80
C LYS B 128 -14.13 -39.47 -29.13
N LYS B 129 -13.30 -38.89 -28.25
CA LYS B 129 -13.67 -37.70 -27.51
C LYS B 129 -13.38 -36.41 -28.28
N GLY B 130 -12.74 -36.50 -29.43
CA GLY B 130 -12.51 -35.35 -30.28
C GLY B 130 -13.54 -35.13 -31.36
N VAL B 131 -14.62 -35.91 -31.38
CA VAL B 131 -15.64 -35.85 -32.40
C VAL B 131 -16.90 -35.27 -31.78
N ARG B 132 -17.51 -34.30 -32.46
CA ARG B 132 -18.77 -33.76 -31.99
C ARG B 132 -19.83 -34.86 -32.04
N PRO B 133 -20.51 -35.15 -30.92
CA PRO B 133 -21.37 -36.34 -30.83
C PRO B 133 -22.72 -36.20 -31.53
N VAL B 134 -22.70 -36.33 -32.85
CA VAL B 134 -23.92 -36.35 -33.66
C VAL B 134 -23.77 -37.42 -34.73
N ARG B 135 -24.83 -38.21 -34.93
CA ARG B 135 -24.82 -39.16 -36.03
C ARG B 135 -24.97 -38.44 -37.37
N ASP B 136 -25.66 -37.31 -37.39
CA ASP B 136 -25.77 -36.46 -38.57
C ASP B 136 -25.05 -35.16 -38.29
N TRP B 137 -24.02 -34.86 -39.09
CA TRP B 137 -23.21 -33.66 -38.87
C TRP B 137 -23.98 -32.38 -39.16
N ARG B 138 -25.12 -32.45 -39.83
CA ARG B 138 -25.89 -31.25 -40.14
C ARG B 138 -26.61 -30.69 -38.91
N LYS B 139 -27.01 -31.56 -37.98
CA LYS B 139 -27.71 -30.99 -36.84
C LYS B 139 -26.71 -30.55 -35.77
N PRO B 140 -26.99 -29.46 -35.06
CA PRO B 140 -26.08 -28.99 -34.02
C PRO B 140 -26.37 -29.65 -32.68
N THR B 141 -25.40 -29.50 -31.76
CA THR B 141 -25.54 -29.96 -30.39
C THR B 141 -26.05 -28.79 -29.56
N THR B 142 -27.32 -28.86 -29.16
CA THR B 142 -27.95 -27.78 -28.41
C THR B 142 -27.54 -27.86 -26.95
N VAL B 143 -26.67 -26.95 -26.53
CA VAL B 143 -26.21 -26.91 -25.15
C VAL B 143 -27.12 -25.99 -24.34
N SER B 144 -27.70 -26.53 -23.28
CA SER B 144 -28.57 -25.76 -22.39
C SER B 144 -27.76 -25.27 -21.20
N ILE B 145 -27.90 -23.98 -20.87
CA ILE B 145 -27.04 -23.33 -19.91
C ILE B 145 -27.88 -22.78 -18.76
N ASP B 146 -27.35 -22.91 -17.54
CA ASP B 146 -27.94 -22.32 -16.36
C ASP B 146 -26.83 -21.73 -15.51
N VAL B 147 -27.07 -20.55 -14.96
CA VAL B 147 -26.06 -19.82 -14.18
C VAL B 147 -26.71 -19.32 -12.90
N ILE B 148 -26.05 -19.55 -11.78
CA ILE B 148 -26.49 -19.08 -10.47
C ILE B 148 -25.34 -18.33 -9.82
N MET B 149 -25.62 -17.10 -9.38
CA MET B 149 -24.57 -16.29 -8.76
C MET B 149 -24.36 -16.72 -7.31
N TYR B 150 -23.09 -16.94 -6.95
CA TYR B 150 -22.71 -17.27 -5.58
C TYR B 150 -22.25 -16.05 -4.79
N ALA B 151 -21.27 -15.31 -5.29
CA ALA B 151 -20.77 -14.16 -4.58
C ALA B 151 -20.12 -13.21 -5.58
N ILE B 152 -20.05 -11.94 -5.18
CA ILE B 152 -19.35 -10.93 -5.98
C ILE B 152 -18.05 -10.61 -5.26
N LEU B 153 -16.97 -11.27 -5.68
CA LEU B 153 -15.72 -11.21 -4.93
C LEU B 153 -15.12 -9.80 -4.93
N ASN B 154 -15.17 -9.12 -6.07
CA ASN B 154 -14.50 -7.83 -6.19
C ASN B 154 -15.07 -7.09 -7.39
N VAL B 155 -15.40 -5.81 -7.19
CA VAL B 155 -15.74 -4.89 -8.26
C VAL B 155 -14.70 -3.78 -8.25
N ASP B 156 -13.89 -3.71 -9.30
CA ASP B 156 -12.75 -2.80 -9.37
C ASP B 156 -13.13 -1.72 -10.39
N GLU B 157 -13.39 -0.51 -9.90
CA GLU B 157 -13.76 0.60 -10.79
C GLU B 157 -12.54 1.21 -11.48
N LYS B 158 -11.33 0.92 -11.00
CA LYS B 158 -10.13 1.49 -11.60
C LYS B 158 -9.81 0.82 -12.93
N ASN B 159 -9.57 -0.49 -12.89
CA ASN B 159 -9.32 -1.24 -14.12
C ASN B 159 -10.59 -1.72 -14.80
N GLN B 160 -11.75 -1.50 -14.19
CA GLN B 160 -13.05 -1.85 -14.76
C GLN B 160 -13.14 -3.36 -15.03
N VAL B 161 -12.91 -4.15 -13.98
CA VAL B 161 -13.03 -5.59 -14.04
C VAL B 161 -13.94 -6.04 -12.90
N LEU B 162 -14.78 -7.04 -13.16
CA LEU B 162 -15.70 -7.58 -12.16
C LEU B 162 -15.32 -9.02 -11.87
N THR B 163 -15.11 -9.34 -10.60
CA THR B 163 -14.77 -10.69 -10.15
C THR B 163 -15.98 -11.28 -9.44
N THR B 164 -16.48 -12.40 -9.96
CA THR B 164 -17.65 -13.06 -9.40
C THR B 164 -17.43 -14.56 -9.37
N TYR B 165 -18.15 -15.22 -8.47
CA TYR B 165 -18.18 -16.68 -8.37
C TYR B 165 -19.59 -17.15 -8.69
N ILE B 166 -19.72 -18.06 -9.65
CA ILE B 166 -21.01 -18.53 -10.10
C ILE B 166 -21.03 -20.06 -10.06
N TRP B 167 -22.23 -20.61 -9.99
CA TRP B 167 -22.46 -22.04 -10.12
C TRP B 167 -23.03 -22.29 -11.52
N TYR B 168 -22.23 -22.93 -12.37
CA TYR B 168 -22.57 -23.11 -13.78
C TYR B 168 -22.84 -24.57 -14.06
N ARG B 169 -23.99 -24.85 -14.67
CA ARG B 169 -24.34 -26.19 -15.09
C ARG B 169 -24.83 -26.15 -16.52
N GLN B 170 -24.52 -27.21 -17.27
CA GLN B 170 -24.92 -27.30 -18.68
C GLN B 170 -25.21 -28.75 -19.00
N TYR B 171 -26.09 -28.96 -19.98
CA TYR B 171 -26.38 -30.31 -20.43
C TYR B 171 -26.63 -30.31 -21.94
N TRP B 172 -26.05 -31.30 -22.61
CA TRP B 172 -26.19 -31.48 -24.05
C TRP B 172 -26.44 -32.95 -24.33
N THR B 173 -27.07 -33.24 -25.47
CA THR B 173 -27.42 -34.60 -25.84
C THR B 173 -26.26 -35.23 -26.60
N ASP B 174 -25.60 -36.19 -25.97
CA ASP B 174 -24.54 -36.97 -26.60
C ASP B 174 -25.17 -38.21 -27.24
N GLU B 175 -25.10 -38.30 -28.56
CA GLU B 175 -25.78 -39.38 -29.28
C GLU B 175 -24.97 -40.67 -29.32
N PHE B 176 -23.76 -40.69 -28.75
CA PHE B 176 -22.98 -41.91 -28.65
C PHE B 176 -23.08 -42.58 -27.29
N LEU B 177 -23.35 -41.82 -26.23
CA LEU B 177 -23.51 -42.37 -24.89
C LEU B 177 -24.98 -42.70 -24.65
N GLN B 178 -25.46 -43.67 -25.41
CA GLN B 178 -26.84 -44.14 -25.30
C GLN B 178 -26.86 -45.65 -25.11
N TRP B 179 -27.81 -46.11 -24.31
CA TRP B 179 -27.95 -47.54 -24.05
C TRP B 179 -29.38 -47.81 -23.60
N THR B 180 -29.77 -49.07 -23.63
CA THR B 180 -31.05 -49.50 -23.08
C THR B 180 -30.85 -50.01 -21.67
N PRO B 181 -31.59 -49.49 -20.68
CA PRO B 181 -31.35 -49.90 -19.29
C PRO B 181 -31.54 -51.38 -19.03
N GLU B 182 -32.47 -52.04 -19.74
CA GLU B 182 -32.79 -53.42 -19.45
C GLU B 182 -31.62 -54.36 -19.66
N ASP B 183 -30.62 -53.97 -20.46
CA ASP B 183 -29.47 -54.82 -20.71
C ASP B 183 -28.35 -54.64 -19.69
N PHE B 184 -28.46 -53.69 -18.77
CA PHE B 184 -27.41 -53.38 -17.81
C PHE B 184 -27.98 -53.25 -16.41
N ASP B 185 -28.85 -54.20 -16.02
CA ASP B 185 -29.42 -54.24 -14.68
C ASP B 185 -30.19 -52.96 -14.35
N ASN B 186 -30.93 -52.45 -15.34
CA ASN B 186 -31.85 -51.33 -15.15
C ASN B 186 -31.14 -50.06 -14.65
N VAL B 187 -29.90 -49.84 -15.08
CA VAL B 187 -29.21 -48.60 -14.73
C VAL B 187 -29.65 -47.51 -15.70
N THR B 188 -30.15 -46.40 -15.16
CA THR B 188 -30.65 -45.31 -15.99
C THR B 188 -29.67 -44.15 -16.11
N LYS B 189 -28.71 -44.04 -15.20
CA LYS B 189 -27.72 -42.98 -15.28
C LYS B 189 -26.44 -43.45 -14.59
N LEU B 190 -25.32 -42.83 -14.98
CA LEU B 190 -24.04 -43.15 -14.38
C LEU B 190 -23.12 -41.94 -14.52
N SER B 191 -22.07 -41.93 -13.71
CA SER B 191 -21.08 -40.85 -13.72
C SER B 191 -19.91 -41.26 -14.59
N ILE B 192 -19.52 -40.38 -15.51
CA ILE B 192 -18.42 -40.63 -16.44
C ILE B 192 -17.42 -39.50 -16.29
N PRO B 193 -16.11 -39.78 -16.29
CA PRO B 193 -15.12 -38.70 -16.15
C PRO B 193 -15.25 -37.67 -17.26
N THR B 194 -15.05 -36.40 -16.88
CA THR B 194 -15.18 -35.32 -17.86
C THR B 194 -14.11 -35.40 -18.94
N ASP B 195 -12.98 -36.03 -18.64
CA ASP B 195 -11.89 -36.14 -19.60
C ASP B 195 -12.10 -37.26 -20.61
N SER B 196 -13.13 -38.09 -20.43
CA SER B 196 -13.38 -39.22 -21.32
C SER B 196 -14.47 -38.97 -22.34
N ILE B 197 -15.06 -37.76 -22.35
CA ILE B 197 -16.17 -37.45 -23.25
C ILE B 197 -15.93 -36.10 -23.91
N TRP B 198 -16.67 -35.86 -24.98
CA TRP B 198 -16.62 -34.57 -25.65
C TRP B 198 -17.36 -33.53 -24.81
N VAL B 199 -16.72 -32.39 -24.60
CA VAL B 199 -17.27 -31.32 -23.79
C VAL B 199 -17.24 -30.03 -24.62
N PRO B 200 -18.36 -29.31 -24.75
CA PRO B 200 -18.36 -28.08 -25.54
C PRO B 200 -17.48 -27.02 -24.90
N ASP B 201 -16.89 -26.18 -25.75
CA ASP B 201 -15.97 -25.14 -25.30
C ASP B 201 -16.71 -23.82 -25.08
N ILE B 202 -17.70 -23.87 -24.19
CA ILE B 202 -18.49 -22.69 -23.85
C ILE B 202 -17.69 -21.85 -22.85
N LEU B 203 -17.42 -20.60 -23.21
CA LEU B 203 -16.69 -19.71 -22.33
C LEU B 203 -17.10 -18.27 -22.62
N ILE B 204 -16.78 -17.38 -21.68
CA ILE B 204 -17.31 -16.02 -21.69
C ILE B 204 -16.43 -15.12 -22.55
N ASN B 205 -17.09 -14.27 -23.35
CA ASN B 205 -16.37 -13.27 -24.13
C ASN B 205 -15.70 -12.23 -23.24
N GLU B 206 -16.38 -11.81 -22.17
CA GLU B 206 -15.90 -10.72 -21.32
C GLU B 206 -14.66 -11.09 -20.52
N PHE B 207 -14.12 -12.29 -20.69
CA PHE B 207 -12.95 -12.70 -19.92
C PHE B 207 -11.77 -11.78 -20.19
N VAL B 208 -11.08 -11.39 -19.12
CA VAL B 208 -9.80 -10.69 -19.22
C VAL B 208 -8.71 -11.39 -18.42
N ASP B 209 -9.05 -12.45 -17.69
CA ASP B 209 -8.11 -13.22 -16.89
C ASP B 209 -8.81 -14.52 -16.52
N VAL B 210 -8.03 -15.60 -16.48
CA VAL B 210 -8.61 -16.91 -16.20
C VAL B 210 -8.81 -17.06 -14.69
N GLY B 211 -9.99 -17.54 -14.31
CA GLY B 211 -10.31 -17.71 -12.91
C GLY B 211 -9.90 -19.06 -12.37
N LYS B 212 -9.43 -19.07 -11.13
CA LYS B 212 -9.05 -20.29 -10.44
C LYS B 212 -10.29 -20.89 -9.79
N SER B 213 -10.76 -22.00 -10.35
CA SER B 213 -11.95 -22.68 -9.86
C SER B 213 -11.67 -24.16 -9.73
N PRO B 214 -12.33 -24.84 -8.78
CA PRO B 214 -12.15 -26.28 -8.64
C PRO B 214 -12.58 -27.03 -9.89
N ASN B 215 -11.88 -28.12 -10.17
CA ASN B 215 -12.14 -28.94 -11.34
C ASN B 215 -13.03 -30.11 -10.95
N ILE B 216 -14.18 -30.21 -11.60
CA ILE B 216 -15.13 -31.30 -11.34
C ILE B 216 -14.77 -32.45 -12.27
N PRO B 217 -14.38 -33.62 -11.74
CA PRO B 217 -13.89 -34.70 -12.59
C PRO B 217 -14.96 -35.61 -13.19
N TYR B 218 -16.22 -35.51 -12.75
CA TYR B 218 -17.27 -36.42 -13.21
C TYR B 218 -18.45 -35.64 -13.75
N VAL B 219 -19.13 -36.26 -14.72
CA VAL B 219 -20.37 -35.73 -15.30
C VAL B 219 -21.40 -36.85 -15.35
N TYR B 220 -22.67 -36.50 -15.17
CA TYR B 220 -23.74 -37.48 -15.21
C TYR B 220 -24.19 -37.72 -16.65
N VAL B 221 -24.39 -38.98 -17.00
CA VAL B 221 -24.84 -39.38 -18.33
C VAL B 221 -26.09 -40.25 -18.16
N HIS B 222 -27.16 -39.91 -18.87
CA HIS B 222 -28.40 -40.65 -18.84
C HIS B 222 -28.45 -41.64 -20.01
N HIS B 223 -29.44 -42.54 -19.95
CA HIS B 223 -29.54 -43.61 -20.93
C HIS B 223 -30.07 -43.12 -22.27
N ARG B 224 -30.51 -41.88 -22.38
CA ARG B 224 -30.89 -41.29 -23.67
C ARG B 224 -29.85 -40.31 -24.18
N GLY B 225 -28.67 -40.24 -23.55
CA GLY B 225 -27.58 -39.43 -24.03
C GLY B 225 -27.37 -38.12 -23.32
N GLU B 226 -28.34 -37.68 -22.51
CA GLU B 226 -28.21 -36.41 -21.82
C GLU B 226 -27.01 -36.44 -20.88
N VAL B 227 -26.08 -35.51 -21.08
CA VAL B 227 -24.88 -35.40 -20.27
C VAL B 227 -24.95 -34.10 -19.48
N GLN B 228 -24.89 -34.20 -18.16
CA GLN B 228 -25.04 -33.06 -17.27
C GLN B 228 -23.69 -32.73 -16.64
N ASN B 229 -23.25 -31.49 -16.82
CA ASN B 229 -21.95 -31.03 -16.33
C ASN B 229 -22.18 -29.91 -15.32
N TYR B 230 -21.88 -30.19 -14.05
CA TYR B 230 -21.94 -29.18 -13.00
C TYR B 230 -20.53 -28.70 -12.68
N LYS B 231 -20.36 -27.38 -12.59
CA LYS B 231 -19.03 -26.83 -12.36
C LYS B 231 -19.11 -25.43 -11.75
N PRO B 232 -18.35 -25.16 -10.68
CA PRO B 232 -18.24 -23.78 -10.21
C PRO B 232 -17.19 -23.02 -11.00
N LEU B 233 -17.47 -21.74 -11.25
CA LEU B 233 -16.59 -20.91 -12.06
C LEU B 233 -16.33 -19.59 -11.35
N GLN B 234 -15.06 -19.20 -11.29
CA GLN B 234 -14.67 -17.86 -10.85
C GLN B 234 -14.37 -17.03 -12.09
N LEU B 235 -15.03 -15.89 -12.22
CA LEU B 235 -14.99 -15.09 -13.43
C LEU B 235 -14.33 -13.76 -13.15
N VAL B 236 -13.37 -13.39 -13.99
CA VAL B 236 -12.75 -12.06 -13.97
C VAL B 236 -13.07 -11.43 -15.33
N THR B 237 -14.17 -10.68 -15.37
CA THR B 237 -14.71 -10.15 -16.62
C THR B 237 -14.65 -8.63 -16.63
N ALA B 238 -14.37 -8.07 -17.80
CA ALA B 238 -14.37 -6.62 -17.97
C ALA B 238 -15.79 -6.10 -18.11
N CYS B 239 -16.04 -4.94 -17.51
CA CYS B 239 -17.36 -4.33 -17.58
C CYS B 239 -17.21 -2.81 -17.51
N SER B 240 -18.23 -2.12 -17.98
CA SER B 240 -18.28 -0.66 -17.94
C SER B 240 -18.94 -0.23 -16.63
N LEU B 241 -18.15 0.27 -15.70
CA LEU B 241 -18.63 0.68 -14.38
C LEU B 241 -18.80 2.18 -14.36
N ASP B 242 -20.05 2.63 -14.33
CA ASP B 242 -20.38 4.05 -14.26
C ASP B 242 -20.60 4.42 -12.80
N ILE B 243 -19.74 5.28 -12.26
CA ILE B 243 -19.79 5.66 -10.87
C ILE B 243 -20.32 7.09 -10.69
N TYR B 244 -21.15 7.56 -11.62
CA TYR B 244 -21.71 8.90 -11.51
C TYR B 244 -22.51 9.07 -10.23
N ASN B 245 -23.12 8.00 -9.75
CA ASN B 245 -23.86 7.99 -8.49
C ASN B 245 -23.15 7.11 -7.46
N PHE B 246 -21.81 7.25 -7.38
CA PHE B 246 -20.89 6.33 -6.69
C PHE B 246 -21.42 5.73 -5.40
N PRO B 247 -21.88 6.52 -4.42
CA PRO B 247 -22.41 5.90 -3.19
C PRO B 247 -23.65 5.07 -3.41
N PHE B 248 -24.45 5.38 -4.43
CA PHE B 248 -25.73 4.72 -4.66
C PHE B 248 -25.81 4.11 -6.05
N ASP B 249 -24.69 3.94 -6.73
CA ASP B 249 -24.69 3.49 -8.11
C ASP B 249 -25.14 2.03 -8.21
N VAL B 250 -25.92 1.74 -9.26
CA VAL B 250 -26.31 0.37 -9.59
C VAL B 250 -25.61 0.00 -10.89
N GLN B 251 -24.88 -1.10 -10.86
CA GLN B 251 -24.11 -1.53 -12.01
C GLN B 251 -24.88 -2.54 -12.84
N ASN B 252 -24.55 -2.62 -14.13
CA ASN B 252 -25.23 -3.49 -15.07
C ASN B 252 -24.13 -4.20 -15.85
N CYS B 253 -23.67 -5.34 -15.34
CA CYS B 253 -22.60 -6.10 -15.93
C CYS B 253 -23.15 -7.26 -16.75
N SER B 254 -22.46 -7.57 -17.85
CA SER B 254 -22.91 -8.57 -18.80
C SER B 254 -21.96 -9.75 -18.83
N LEU B 255 -22.51 -10.96 -18.80
CA LEU B 255 -21.78 -12.19 -18.98
C LEU B 255 -22.32 -12.89 -20.23
N THR B 256 -21.44 -13.13 -21.19
CA THR B 256 -21.84 -13.66 -22.49
C THR B 256 -21.21 -15.03 -22.70
N PHE B 257 -22.03 -16.08 -22.59
CA PHE B 257 -21.57 -17.45 -22.78
C PHE B 257 -21.77 -17.83 -24.23
N THR B 258 -20.68 -18.18 -24.92
CA THR B 258 -20.76 -18.61 -26.31
C THR B 258 -19.58 -19.51 -26.62
N SER B 259 -19.74 -20.33 -27.64
CA SER B 259 -18.65 -21.19 -28.11
C SER B 259 -17.62 -20.34 -28.83
N TRP B 260 -16.34 -20.50 -28.44
CA TRP B 260 -15.30 -19.66 -29.01
C TRP B 260 -15.01 -20.00 -30.46
N LEU B 261 -15.23 -21.25 -30.86
CA LEU B 261 -14.91 -21.71 -32.21
C LEU B 261 -16.15 -22.10 -33.01
N HIS B 262 -17.01 -22.94 -32.46
CA HIS B 262 -18.11 -23.51 -33.22
C HIS B 262 -19.15 -22.45 -33.54
N THR B 263 -19.66 -22.49 -34.77
CA THR B 263 -20.73 -21.60 -35.19
C THR B 263 -22.07 -22.11 -34.69
N ILE B 264 -23.15 -21.39 -35.03
CA ILE B 264 -24.48 -21.81 -34.60
C ILE B 264 -24.92 -23.10 -35.27
N GLN B 265 -24.30 -23.46 -36.40
CA GLN B 265 -24.62 -24.71 -37.07
C GLN B 265 -23.94 -25.91 -36.43
N ASP B 266 -23.05 -25.68 -35.46
CA ASP B 266 -22.39 -26.76 -34.73
C ASP B 266 -22.81 -26.80 -33.26
N ILE B 267 -22.72 -25.68 -32.56
CA ILE B 267 -23.11 -25.60 -31.15
C ILE B 267 -24.09 -24.44 -31.00
N ASN B 268 -25.27 -24.73 -30.47
CA ASN B 268 -26.26 -23.71 -30.15
C ASN B 268 -26.52 -23.72 -28.64
N ILE B 269 -26.91 -22.56 -28.11
CA ILE B 269 -27.03 -22.37 -26.67
C ILE B 269 -28.46 -21.93 -26.34
N THR B 270 -29.04 -22.56 -25.33
CA THR B 270 -30.35 -22.19 -24.80
C THR B 270 -30.25 -22.15 -23.27
N LEU B 271 -31.40 -22.04 -22.62
CA LEU B 271 -31.48 -21.94 -21.16
C LEU B 271 -32.07 -23.21 -20.58
N TRP B 272 -31.46 -23.70 -19.50
CA TRP B 272 -32.01 -24.84 -18.77
C TRP B 272 -33.38 -24.51 -18.19
N ARG B 273 -33.52 -23.32 -17.61
CA ARG B 273 -34.76 -22.89 -16.98
C ARG B 273 -35.33 -21.68 -17.73
N SER B 274 -36.59 -21.38 -17.42
CA SER B 274 -37.23 -20.22 -18.02
C SER B 274 -36.52 -18.94 -17.56
N PRO B 275 -36.55 -17.88 -18.38
CA PRO B 275 -35.83 -16.65 -18.01
C PRO B 275 -36.29 -16.04 -16.69
N GLU B 276 -37.58 -16.17 -16.35
CA GLU B 276 -38.07 -15.63 -15.08
C GLU B 276 -37.44 -16.35 -13.90
N GLU B 277 -37.29 -17.67 -14.00
CA GLU B 277 -36.68 -18.43 -12.91
C GLU B 277 -35.23 -18.04 -12.71
N VAL B 278 -34.50 -17.83 -13.81
CA VAL B 278 -33.11 -17.38 -13.70
C VAL B 278 -33.06 -15.97 -13.11
N ARG B 279 -34.03 -15.13 -13.48
CA ARG B 279 -34.07 -13.76 -12.97
C ARG B 279 -34.30 -13.74 -11.47
N SER B 280 -35.21 -14.59 -10.97
CA SER B 280 -35.62 -14.55 -9.56
C SER B 280 -34.69 -15.32 -8.63
N ASP B 281 -33.62 -15.90 -9.14
CA ASP B 281 -32.77 -16.79 -8.35
C ASP B 281 -31.83 -15.95 -7.49
N LYS B 282 -32.13 -15.85 -6.20
CA LYS B 282 -31.27 -15.17 -5.23
C LYS B 282 -31.19 -15.98 -3.94
N SER B 283 -31.14 -17.30 -4.04
CA SER B 283 -31.18 -18.13 -2.85
C SER B 283 -29.79 -18.27 -2.21
N ILE B 284 -28.81 -18.78 -2.97
CA ILE B 284 -27.48 -19.08 -2.44
C ILE B 284 -26.48 -17.94 -2.61
N PHE B 285 -26.91 -16.78 -3.10
CA PHE B 285 -26.02 -15.63 -3.18
C PHE B 285 -25.60 -15.17 -1.78
N ILE B 286 -24.31 -14.88 -1.63
CA ILE B 286 -23.79 -14.28 -0.39
C ILE B 286 -24.23 -12.82 -0.38
N ASN B 287 -25.10 -12.47 0.57
CA ASN B 287 -25.85 -11.22 0.48
C ASN B 287 -25.27 -10.08 1.31
N GLN B 288 -24.71 -10.35 2.49
CA GLN B 288 -24.38 -9.29 3.43
C GLN B 288 -23.07 -8.58 3.10
N GLY B 289 -22.51 -8.81 1.92
CA GLY B 289 -21.31 -8.11 1.50
C GLY B 289 -21.59 -6.66 1.12
N GLU B 290 -20.64 -6.07 0.41
CA GLU B 290 -20.79 -4.69 -0.02
C GLU B 290 -21.80 -4.54 -1.16
N TRP B 291 -21.81 -5.48 -2.09
CA TRP B 291 -22.63 -5.41 -3.28
C TRP B 291 -23.87 -6.28 -3.13
N GLU B 292 -25.03 -5.72 -3.50
CA GLU B 292 -26.30 -6.42 -3.44
C GLU B 292 -26.73 -6.79 -4.85
N LEU B 293 -27.05 -8.06 -5.06
CA LEU B 293 -27.50 -8.54 -6.36
C LEU B 293 -28.98 -8.27 -6.53
N LEU B 294 -29.34 -7.62 -7.64
CA LEU B 294 -30.75 -7.34 -7.92
C LEU B 294 -31.40 -8.46 -8.74
N GLU B 295 -30.81 -8.80 -9.88
CA GLU B 295 -31.36 -9.83 -10.76
C GLU B 295 -30.27 -10.25 -11.75
N VAL B 296 -30.49 -11.41 -12.37
CA VAL B 296 -29.64 -11.90 -13.45
C VAL B 296 -30.57 -12.17 -14.63
N PHE B 297 -30.48 -11.31 -15.66
CA PHE B 297 -31.43 -11.33 -16.75
C PHE B 297 -30.81 -12.01 -17.97
N PRO B 298 -31.30 -13.17 -18.39
CA PRO B 298 -30.73 -13.85 -19.56
C PRO B 298 -31.36 -13.37 -20.86
N GLN B 299 -30.53 -13.24 -21.89
CA GLN B 299 -30.97 -12.80 -23.21
C GLN B 299 -30.15 -13.52 -24.27
N PHE B 300 -30.82 -13.93 -25.35
CA PHE B 300 -30.19 -14.68 -26.43
C PHE B 300 -30.04 -13.79 -27.66
N LYS B 301 -28.85 -13.80 -28.25
CA LYS B 301 -28.56 -13.06 -29.47
C LYS B 301 -27.69 -13.91 -30.38
N GLU B 302 -27.70 -13.58 -31.67
CA GLU B 302 -26.86 -14.25 -32.66
C GLU B 302 -25.76 -13.30 -33.10
N PHE B 303 -24.55 -13.50 -32.58
CA PHE B 303 -23.42 -12.65 -32.93
C PHE B 303 -22.86 -13.10 -34.26
N SER B 304 -22.84 -12.20 -35.24
CA SER B 304 -22.34 -12.54 -36.58
C SER B 304 -21.83 -11.30 -37.27
N ILE B 305 -20.60 -11.38 -37.79
CA ILE B 305 -20.03 -10.36 -38.66
C ILE B 305 -19.74 -10.94 -40.05
N ASP B 306 -20.46 -12.01 -40.41
CA ASP B 306 -20.32 -12.65 -41.69
C ASP B 306 -21.67 -13.24 -42.08
N ILE B 307 -21.84 -13.48 -43.38
CA ILE B 307 -23.12 -14.00 -43.87
C ILE B 307 -23.40 -15.38 -43.27
N SER B 308 -22.39 -16.24 -43.21
CA SER B 308 -22.58 -17.61 -42.75
C SER B 308 -22.00 -17.90 -41.37
N ASN B 309 -21.02 -17.11 -40.91
CA ASN B 309 -20.39 -17.35 -39.61
C ASN B 309 -21.20 -16.69 -38.50
N SER B 310 -22.33 -17.33 -38.18
CA SER B 310 -23.19 -16.88 -37.10
C SER B 310 -22.87 -17.66 -35.83
N TYR B 311 -22.68 -16.94 -34.73
CA TYR B 311 -22.33 -17.54 -33.44
C TYR B 311 -23.47 -17.31 -32.45
N ALA B 312 -23.85 -18.36 -31.74
CA ALA B 312 -24.90 -18.28 -30.74
C ALA B 312 -24.28 -17.90 -29.39
N GLU B 313 -24.89 -16.94 -28.71
CA GLU B 313 -24.40 -16.44 -27.44
C GLU B 313 -25.56 -16.25 -26.48
N MET B 314 -25.27 -16.36 -25.18
CA MET B 314 -26.28 -16.15 -24.14
C MET B 314 -25.74 -15.11 -23.18
N LYS B 315 -26.44 -13.98 -23.06
CA LYS B 315 -26.01 -12.86 -22.24
C LYS B 315 -26.79 -12.87 -20.93
N PHE B 316 -26.07 -12.92 -19.81
CA PHE B 316 -26.66 -12.82 -18.48
C PHE B 316 -26.28 -11.46 -17.92
N TYR B 317 -27.25 -10.55 -17.85
CA TYR B 317 -27.02 -9.20 -17.37
C TYR B 317 -27.04 -9.21 -15.85
N VAL B 318 -25.85 -9.28 -15.25
CA VAL B 318 -25.74 -9.27 -13.79
C VAL B 318 -25.87 -7.82 -13.32
N ILE B 319 -26.93 -7.52 -12.59
CA ILE B 319 -27.23 -6.18 -12.12
C ILE B 319 -27.02 -6.15 -10.61
N ILE B 320 -26.12 -5.28 -10.16
CA ILE B 320 -25.72 -5.20 -8.77
C ILE B 320 -25.82 -3.77 -8.29
N ARG B 321 -26.29 -3.59 -7.06
CA ARG B 321 -26.45 -2.28 -6.46
C ARG B 321 -25.54 -2.17 -5.23
N ARG B 322 -24.75 -1.09 -5.18
CA ARG B 322 -23.87 -0.87 -4.06
C ARG B 322 -24.69 -0.44 -2.83
N ARG B 323 -24.22 -0.86 -1.66
CA ARG B 323 -24.86 -0.48 -0.40
C ARG B 323 -24.19 0.79 0.12
N PRO B 324 -24.90 1.91 0.20
CA PRO B 324 -24.25 3.18 0.57
C PRO B 324 -23.83 3.26 2.03
N LEU B 325 -24.34 2.38 2.89
CA LEU B 325 -24.02 2.46 4.31
C LEU B 325 -22.54 2.21 4.59
N PHE B 326 -21.81 1.64 3.63
CA PHE B 326 -20.38 1.44 3.81
C PHE B 326 -19.65 2.76 4.01
N TYR B 327 -19.98 3.77 3.20
CA TYR B 327 -19.22 5.01 3.14
C TYR B 327 -19.86 6.15 3.91
N ALA B 328 -20.96 5.90 4.63
CA ALA B 328 -21.61 6.97 5.38
C ALA B 328 -20.67 7.55 6.43
N VAL B 329 -20.09 6.69 7.27
CA VAL B 329 -19.15 7.15 8.29
C VAL B 329 -17.93 7.77 7.64
N SER B 330 -17.50 7.23 6.50
CA SER B 330 -16.27 7.70 5.87
C SER B 330 -16.44 9.10 5.28
N LEU B 331 -17.62 9.43 4.76
CA LEU B 331 -17.82 10.71 4.08
C LEU B 331 -18.60 11.71 4.92
N LEU B 332 -19.80 11.36 5.37
CA LEU B 332 -20.67 12.35 6.02
C LEU B 332 -20.08 12.80 7.36
N LEU B 333 -19.53 11.88 8.14
CA LEU B 333 -19.07 12.23 9.48
C LEU B 333 -17.95 13.27 9.48
N PRO B 334 -16.86 13.13 8.70
CA PRO B 334 -15.80 14.16 8.76
C PRO B 334 -16.26 15.53 8.29
N SER B 335 -17.02 15.60 7.19
CA SER B 335 -17.47 16.89 6.69
C SER B 335 -18.40 17.58 7.67
N ILE B 336 -19.35 16.83 8.24
CA ILE B 336 -20.29 17.39 9.21
C ILE B 336 -19.53 17.84 10.46
N PHE B 337 -18.58 17.03 10.92
CA PHE B 337 -17.79 17.39 12.10
C PHE B 337 -16.99 18.66 11.86
N LEU B 338 -16.38 18.80 10.68
CA LEU B 338 -15.59 19.98 10.41
C LEU B 338 -16.47 21.21 10.20
N MET B 339 -17.67 21.04 9.65
CA MET B 339 -18.62 22.15 9.62
C MET B 339 -19.01 22.58 11.04
N VAL B 340 -19.21 21.60 11.92
CA VAL B 340 -19.60 21.92 13.30
C VAL B 340 -18.49 22.69 13.99
N VAL B 341 -17.24 22.25 13.83
CA VAL B 341 -16.14 22.98 14.46
C VAL B 341 -15.94 24.34 13.81
N ASP B 342 -16.26 24.47 12.52
CA ASP B 342 -16.22 25.79 11.89
C ASP B 342 -17.26 26.72 12.52
N ILE B 343 -18.47 26.22 12.74
CA ILE B 343 -19.50 27.02 13.39
C ILE B 343 -19.06 27.40 14.79
N VAL B 344 -18.45 26.46 15.52
CA VAL B 344 -18.00 26.74 16.88
C VAL B 344 -16.92 27.81 16.87
N GLY B 345 -15.96 27.70 15.94
CA GLY B 345 -14.87 28.67 15.87
C GLY B 345 -15.27 30.03 15.35
N PHE B 346 -16.40 30.11 14.63
CA PHE B 346 -16.90 31.41 14.20
C PHE B 346 -17.25 32.32 15.38
N CYS B 347 -17.43 31.75 16.58
CA CYS B 347 -17.79 32.53 17.75
C CYS B 347 -16.62 33.31 18.34
N LEU B 348 -15.39 32.99 17.95
CA LEU B 348 -14.23 33.70 18.48
C LEU B 348 -14.31 35.18 18.07
N PRO B 349 -13.95 36.10 18.97
CA PRO B 349 -13.96 37.52 18.60
C PRO B 349 -12.98 37.79 17.47
N PRO B 350 -13.35 38.64 16.52
CA PRO B 350 -12.45 38.89 15.38
C PRO B 350 -11.14 39.52 15.77
N ASP B 351 -11.11 40.33 16.82
CA ASP B 351 -9.91 41.02 17.26
C ASP B 351 -9.06 40.19 18.21
N SER B 352 -9.44 38.93 18.46
CA SER B 352 -8.67 38.08 19.35
C SER B 352 -7.27 37.80 18.81
N GLY B 353 -7.09 37.87 17.49
CA GLY B 353 -5.82 37.58 16.88
C GLY B 353 -5.54 36.13 16.61
N GLU B 354 -6.49 35.24 16.92
CA GLU B 354 -6.34 33.82 16.70
C GLU B 354 -7.43 33.21 15.84
N ARG B 355 -8.44 33.99 15.45
CA ARG B 355 -9.53 33.48 14.63
C ARG B 355 -9.03 33.04 13.25
N VAL B 356 -8.15 33.83 12.64
CA VAL B 356 -7.64 33.47 11.32
C VAL B 356 -6.77 32.23 11.40
N SER B 357 -5.98 32.11 12.48
CA SER B 357 -5.19 30.90 12.67
C SER B 357 -6.08 29.68 12.83
N PHE B 358 -7.17 29.82 13.59
CA PHE B 358 -8.14 28.74 13.71
C PHE B 358 -8.71 28.36 12.35
N LYS B 359 -9.09 29.35 11.56
CA LYS B 359 -9.70 29.08 10.26
C LYS B 359 -8.71 28.40 9.30
N ILE B 360 -7.46 28.86 9.29
CA ILE B 360 -6.49 28.25 8.38
C ILE B 360 -6.13 26.83 8.82
N THR B 361 -6.05 26.60 10.14
CA THR B 361 -5.82 25.24 10.61
C THR B 361 -6.97 24.32 10.24
N LEU B 362 -8.21 24.80 10.38
CA LEU B 362 -9.37 24.02 9.98
C LEU B 362 -9.36 23.74 8.48
N LEU B 363 -8.98 24.74 7.69
CA LEU B 363 -8.93 24.56 6.24
C LEU B 363 -7.88 23.53 5.85
N LEU B 364 -6.71 23.57 6.52
CA LEU B 364 -5.69 22.55 6.27
C LEU B 364 -6.19 21.16 6.65
N GLY B 365 -6.90 21.05 7.77
CA GLY B 365 -7.46 19.77 8.16
C GLY B 365 -8.44 19.23 7.12
N TYR B 366 -9.34 20.09 6.63
CA TYR B 366 -10.28 19.65 5.61
C TYR B 366 -9.55 19.27 4.31
N SER B 367 -8.50 20.02 3.96
CA SER B 367 -7.76 19.73 2.74
C SER B 367 -7.08 18.36 2.84
N VAL B 368 -6.44 18.06 3.97
CA VAL B 368 -5.80 16.75 4.11
C VAL B 368 -6.86 15.65 4.16
N PHE B 369 -8.03 15.93 4.76
CA PHE B 369 -9.10 14.94 4.75
C PHE B 369 -9.54 14.63 3.32
N LEU B 370 -9.73 15.67 2.51
CA LEU B 370 -10.14 15.46 1.12
C LEU B 370 -9.07 14.69 0.34
N ILE B 371 -7.80 15.05 0.53
CA ILE B 371 -6.74 14.38 -0.19
C ILE B 371 -6.66 12.91 0.21
N ILE B 372 -6.84 12.59 1.50
CA ILE B 372 -6.81 11.21 1.93
C ILE B 372 -8.02 10.44 1.42
N VAL B 373 -9.21 11.05 1.48
CA VAL B 373 -10.42 10.35 1.06
C VAL B 373 -10.45 10.18 -0.46
N SER B 374 -9.66 10.97 -1.19
CA SER B 374 -9.57 10.77 -2.64
C SER B 374 -8.99 9.40 -2.99
N ASP B 375 -8.25 8.78 -2.06
CA ASP B 375 -7.72 7.44 -2.31
C ASP B 375 -8.82 6.38 -2.36
N THR B 376 -9.97 6.63 -1.74
CA THR B 376 -11.08 5.69 -1.76
C THR B 376 -12.20 6.10 -2.70
N LEU B 377 -12.12 7.29 -3.31
CA LEU B 377 -13.14 7.74 -4.24
C LEU B 377 -12.68 7.40 -5.66
N PRO B 378 -13.34 6.48 -6.36
CA PRO B 378 -12.90 6.12 -7.70
C PRO B 378 -13.29 7.16 -8.72
N ALA B 379 -12.65 7.08 -9.89
CA ALA B 379 -12.92 8.00 -10.99
C ALA B 379 -12.99 7.22 -12.29
N THR B 380 -13.73 7.77 -13.26
CA THR B 380 -13.89 7.14 -14.56
C THR B 380 -13.74 8.19 -15.65
N ALA B 381 -13.53 7.72 -16.88
CA ALA B 381 -13.28 8.62 -18.00
C ALA B 381 -14.49 9.48 -18.30
N ILE B 382 -15.70 8.90 -18.26
CA ILE B 382 -16.90 9.64 -18.64
C ILE B 382 -17.17 10.79 -17.68
N GLY B 383 -16.87 10.61 -16.40
CA GLY B 383 -17.05 11.69 -15.45
C GLY B 383 -16.76 11.34 -14.01
N THR B 384 -16.47 12.36 -13.20
CA THR B 384 -16.24 12.19 -11.78
C THR B 384 -17.56 11.92 -11.05
N PRO B 385 -17.51 11.23 -9.90
CA PRO B 385 -18.74 11.03 -9.13
C PRO B 385 -19.34 12.35 -8.68
N LEU B 386 -20.67 12.36 -8.57
CA LEU B 386 -21.41 13.59 -8.27
C LEU B 386 -21.11 14.14 -6.88
N ILE B 387 -20.68 13.28 -5.94
CA ILE B 387 -20.40 13.77 -4.59
C ILE B 387 -19.19 14.68 -4.55
N GLY B 388 -18.37 14.68 -5.60
CA GLY B 388 -17.32 15.68 -5.70
C GLY B 388 -17.86 17.10 -5.73
N VAL B 389 -19.03 17.28 -6.35
CA VAL B 389 -19.66 18.59 -6.37
C VAL B 389 -20.02 19.02 -4.95
N TYR B 390 -20.59 18.10 -4.16
CA TYR B 390 -20.92 18.43 -2.78
C TYR B 390 -19.67 18.71 -1.96
N PHE B 391 -18.61 17.95 -2.18
CA PHE B 391 -17.37 18.18 -1.44
C PHE B 391 -16.78 19.55 -1.78
N VAL B 392 -16.77 19.93 -3.05
CA VAL B 392 -16.24 21.25 -3.39
C VAL B 392 -17.18 22.36 -2.94
N VAL B 393 -18.49 22.08 -2.83
CA VAL B 393 -19.40 23.06 -2.25
C VAL B 393 -19.08 23.30 -0.78
N CYS B 394 -18.83 22.22 -0.04
CA CYS B 394 -18.38 22.35 1.35
C CYS B 394 -17.08 23.12 1.43
N MET B 395 -16.15 22.82 0.52
CA MET B 395 -14.87 23.51 0.51
C MET B 395 -15.05 25.00 0.25
N ALA B 396 -15.95 25.35 -0.69
CA ALA B 396 -16.23 26.74 -0.98
C ALA B 396 -16.89 27.43 0.21
N LEU B 397 -17.72 26.71 0.96
CA LEU B 397 -18.28 27.29 2.18
C LEU B 397 -17.19 27.59 3.20
N LEU B 398 -16.23 26.67 3.36
CA LEU B 398 -15.12 26.93 4.28
C LEU B 398 -14.28 28.11 3.82
N VAL B 399 -14.04 28.21 2.50
CA VAL B 399 -13.25 29.32 1.98
C VAL B 399 -13.99 30.63 2.17
N ILE B 400 -15.32 30.62 2.01
CA ILE B 400 -16.11 31.82 2.24
C ILE B 400 -16.05 32.23 3.71
N SER B 401 -16.08 31.26 4.62
CA SER B 401 -15.92 31.56 6.04
C SER B 401 -14.56 32.21 6.30
N LEU B 402 -13.50 31.66 5.70
CA LEU B 402 -12.17 32.23 5.88
C LEU B 402 -12.10 33.65 5.33
N ALA B 403 -12.70 33.89 4.16
CA ALA B 403 -12.68 35.22 3.57
C ALA B 403 -13.45 36.22 4.43
N GLU B 404 -14.59 35.79 4.99
CA GLU B 404 -15.33 36.64 5.90
C GLU B 404 -14.51 36.99 7.13
N THR B 405 -13.82 35.99 7.69
CA THR B 405 -12.98 36.24 8.85
C THR B 405 -11.87 37.24 8.52
N ILE B 406 -11.24 37.09 7.35
CA ILE B 406 -10.17 37.99 6.95
C ILE B 406 -10.71 39.40 6.75
N PHE B 407 -11.88 39.52 6.12
CA PHE B 407 -12.47 40.85 5.90
C PHE B 407 -12.78 41.54 7.23
N ILE B 408 -13.37 40.81 8.18
CA ILE B 408 -13.71 41.42 9.45
C ILE B 408 -12.44 41.76 10.22
N VAL B 409 -11.40 40.93 10.13
CA VAL B 409 -10.12 41.24 10.75
C VAL B 409 -9.54 42.52 10.17
N ARG B 410 -9.67 42.69 8.85
CA ARG B 410 -9.25 43.95 8.22
C ARG B 410 -10.02 45.12 8.77
N LEU B 411 -11.34 44.96 8.96
CA LEU B 411 -12.15 46.06 9.46
C LEU B 411 -11.76 46.47 10.87
N VAL B 412 -11.56 45.49 11.76
CA VAL B 412 -11.40 45.78 13.19
C VAL B 412 -9.95 45.94 13.64
N HIS B 413 -8.98 45.67 12.77
CA HIS B 413 -7.59 45.78 13.17
C HIS B 413 -7.25 47.23 13.51
N LYS B 414 -6.55 47.41 14.64
CA LYS B 414 -6.24 48.74 15.15
C LYS B 414 -4.82 49.11 14.71
N GLN B 415 -4.72 50.04 13.77
CA GLN B 415 -3.45 50.61 13.35
C GLN B 415 -3.61 52.12 13.23
N ASP B 416 -2.49 52.82 13.37
CA ASP B 416 -2.51 54.27 13.54
C ASP B 416 -2.98 55.01 12.29
N LEU B 417 -3.06 54.35 11.14
CA LEU B 417 -3.55 54.99 9.93
C LEU B 417 -5.07 55.02 9.85
N GLN B 418 -5.76 54.44 10.84
CA GLN B 418 -7.22 54.42 10.82
C GLN B 418 -7.79 55.83 10.79
N ARG B 419 -8.81 56.02 9.96
CA ARG B 419 -9.55 57.26 9.85
C ARG B 419 -10.96 57.07 10.36
N PRO B 420 -11.65 58.15 10.74
CA PRO B 420 -13.01 58.00 11.29
C PRO B 420 -13.94 57.30 10.31
N VAL B 421 -14.86 56.53 10.86
CA VAL B 421 -15.80 55.75 10.04
C VAL B 421 -16.62 56.71 9.17
N PRO B 422 -16.74 56.46 7.86
CA PRO B 422 -17.50 57.38 7.01
C PRO B 422 -18.96 57.44 7.42
N ASP B 423 -19.61 58.55 7.05
CA ASP B 423 -20.98 58.80 7.45
C ASP B 423 -21.91 57.71 6.91
N TRP B 424 -21.75 57.35 5.64
CA TRP B 424 -22.63 56.35 5.04
C TRP B 424 -22.48 55.00 5.71
N LEU B 425 -21.23 54.55 5.93
CA LEU B 425 -21.01 53.25 6.56
C LEU B 425 -21.52 53.25 8.00
N ARG B 426 -21.24 54.32 8.75
CA ARG B 426 -21.72 54.40 10.12
C ARG B 426 -23.24 54.33 10.18
N HIS B 427 -23.91 55.19 9.41
CA HIS B 427 -25.37 55.19 9.41
C HIS B 427 -25.91 53.83 9.04
N LEU B 428 -25.46 53.28 7.91
CA LEU B 428 -25.97 52.00 7.44
C LEU B 428 -25.78 50.92 8.50
N VAL B 429 -24.53 50.61 8.84
CA VAL B 429 -24.25 49.47 9.71
C VAL B 429 -24.88 49.66 11.09
N LEU B 430 -24.74 50.85 11.68
CA LEU B 430 -25.17 51.04 13.05
C LEU B 430 -26.64 51.35 13.21
N ASP B 431 -27.38 51.61 12.13
CA ASP B 431 -28.82 51.79 12.25
C ASP B 431 -29.61 50.72 11.52
N ARG B 432 -29.43 50.57 10.20
CA ARG B 432 -30.27 49.65 9.44
C ARG B 432 -29.95 48.21 9.77
N ILE B 433 -28.66 47.85 9.74
CA ILE B 433 -28.25 46.49 10.03
C ILE B 433 -28.50 46.16 11.50
N ALA B 434 -28.29 47.14 12.38
CA ALA B 434 -28.56 46.94 13.80
C ALA B 434 -30.05 46.67 14.05
N TRP B 435 -30.93 47.40 13.36
CA TRP B 435 -32.36 47.17 13.52
C TRP B 435 -32.77 45.84 12.89
N ILE B 436 -32.10 45.45 11.81
CA ILE B 436 -32.34 44.11 11.23
C ILE B 436 -31.98 43.03 12.24
N LEU B 437 -30.83 43.17 12.91
CA LEU B 437 -30.38 42.20 13.88
C LEU B 437 -31.04 42.44 15.24
N LEU B 501 5.57 86.66 34.76
CA LEU B 501 4.82 85.60 35.42
C LEU B 501 5.04 84.26 34.71
N ALA B 502 5.50 83.26 35.46
CA ALA B 502 5.78 81.95 34.91
C ALA B 502 4.57 81.03 34.89
N VAL B 503 3.41 81.51 35.33
CA VAL B 503 2.19 80.70 35.27
C VAL B 503 1.83 80.39 33.83
N ARG B 504 2.07 81.34 32.93
CA ARG B 504 1.87 81.07 31.50
C ARG B 504 2.79 79.96 31.02
N GLY B 505 4.05 79.97 31.44
CA GLY B 505 4.96 78.89 31.10
C GLY B 505 4.51 77.56 31.66
N LEU B 506 3.96 77.57 32.87
CA LEU B 506 3.41 76.34 33.44
C LEU B 506 2.23 75.83 32.61
N LEU B 507 1.41 76.74 32.10
CA LEU B 507 0.24 76.35 31.33
C LEU B 507 0.62 75.65 30.03
N GLN B 508 1.75 76.05 29.42
CA GLN B 508 2.12 75.50 28.13
C GLN B 508 2.43 74.00 28.23
N GLU B 509 3.16 73.60 29.28
CA GLU B 509 3.50 72.18 29.42
C GLU B 509 2.26 71.33 29.65
N LEU B 510 1.34 71.81 30.50
CA LEU B 510 0.09 71.07 30.72
C LEU B 510 -0.73 71.02 29.43
N SER B 511 -0.73 72.09 28.66
CA SER B 511 -1.43 72.08 27.38
C SER B 511 -0.85 71.03 26.44
N SER B 512 0.48 70.93 26.39
CA SER B 512 1.12 69.92 25.53
C SER B 512 0.78 68.51 25.99
N ILE B 513 0.84 68.27 27.31
CA ILE B 513 0.50 66.95 27.83
C ILE B 513 -0.95 66.60 27.49
N ARG B 514 -1.85 67.57 27.68
CA ARG B 514 -3.26 67.36 27.34
C ARG B 514 -3.43 67.10 25.85
N HIS B 515 -2.63 67.76 25.01
CA HIS B 515 -2.69 67.51 23.57
C HIS B 515 -2.31 66.08 23.24
N PHE B 516 -1.21 65.58 23.85
CA PHE B 516 -0.80 64.20 23.58
C PHE B 516 -1.87 63.21 24.05
N LEU B 517 -2.41 63.43 25.25
CA LEU B 517 -3.45 62.54 25.76
C LEU B 517 -4.70 62.59 24.88
N GLU B 518 -5.06 63.77 24.39
CA GLU B 518 -6.21 63.90 23.51
C GLU B 518 -5.99 63.16 22.20
N LYS B 519 -4.79 63.25 21.64
CA LYS B 519 -4.48 62.53 20.42
C LYS B 519 -4.63 61.02 20.62
N ARG B 520 -4.08 60.51 21.72
CA ARG B 520 -4.20 59.08 21.99
C ARG B 520 -5.66 58.68 22.19
N ASP B 521 -6.43 59.51 22.92
CA ASP B 521 -7.83 59.21 23.15
C ASP B 521 -8.63 59.22 21.86
N GLU B 522 -8.34 60.16 20.96
CA GLU B 522 -9.04 60.20 19.68
C GLU B 522 -8.73 58.97 18.84
N MET B 523 -7.47 58.54 18.82
CA MET B 523 -7.13 57.32 18.11
C MET B 523 -7.88 56.13 18.70
N ARG B 524 -7.93 56.05 20.03
CA ARG B 524 -8.65 54.96 20.68
C ARG B 524 -10.13 54.98 20.35
N GLU B 525 -10.74 56.17 20.31
CA GLU B 525 -12.16 56.28 19.99
C GLU B 525 -12.45 55.86 18.56
N VAL B 526 -11.59 56.26 17.62
CA VAL B 526 -11.76 55.82 16.24
C VAL B 526 -11.64 54.31 16.13
N ALA B 527 -10.67 53.72 16.83
CA ALA B 527 -10.54 52.27 16.84
C ALA B 527 -11.78 51.61 17.43
N ARG B 528 -12.35 52.20 18.48
CA ARG B 528 -13.57 51.66 19.08
C ARG B 528 -14.73 51.68 18.10
N ASP B 529 -14.90 52.79 17.37
CA ASP B 529 -15.98 52.87 16.39
C ASP B 529 -15.81 51.81 15.30
N TRP B 530 -14.58 51.66 14.79
CA TRP B 530 -14.34 50.64 13.77
C TRP B 530 -14.59 49.24 14.32
N LEU B 531 -14.22 48.99 15.58
CA LEU B 531 -14.45 47.69 16.18
C LEU B 531 -15.94 47.42 16.34
N ARG B 532 -16.72 48.43 16.71
CA ARG B 532 -18.17 48.26 16.81
C ARG B 532 -18.77 47.91 15.46
N VAL B 533 -18.37 48.62 14.41
CA VAL B 533 -18.87 48.32 13.07
C VAL B 533 -18.50 46.91 12.66
N GLY B 534 -17.26 46.51 12.92
CA GLY B 534 -16.83 45.16 12.59
C GLY B 534 -17.58 44.10 13.36
N TYR B 535 -17.88 44.36 14.63
CA TYR B 535 -18.64 43.40 15.43
C TYR B 535 -20.05 43.23 14.89
N VAL B 536 -20.72 44.33 14.53
CA VAL B 536 -22.07 44.22 13.99
C VAL B 536 -22.05 43.45 12.67
N LEU B 537 -21.10 43.78 11.79
CA LEU B 537 -21.01 43.09 10.51
C LEU B 537 -20.69 41.61 10.70
N ASP B 538 -19.84 41.29 11.66
CA ASP B 538 -19.50 39.89 11.93
C ASP B 538 -20.72 39.12 12.44
N ARG B 539 -21.52 39.74 13.30
CA ARG B 539 -22.74 39.08 13.77
C ARG B 539 -23.68 38.80 12.60
N LEU B 540 -23.89 39.80 11.74
CA LEU B 540 -24.79 39.61 10.60
C LEU B 540 -24.28 38.51 9.67
N LEU B 541 -22.98 38.53 9.35
CA LEU B 541 -22.44 37.54 8.43
C LEU B 541 -22.41 36.15 9.05
N PHE B 542 -22.21 36.05 10.37
CA PHE B 542 -22.31 34.75 11.03
C PHE B 542 -23.73 34.20 10.93
N ARG B 543 -24.73 35.06 11.13
CA ARG B 543 -26.11 34.59 10.97
C ARG B 543 -26.39 34.13 9.54
N ILE B 544 -25.90 34.89 8.56
CA ILE B 544 -26.09 34.50 7.16
C ILE B 544 -25.41 33.17 6.86
N TYR B 545 -24.18 33.00 7.35
CA TYR B 545 -23.45 31.74 7.11
C TYR B 545 -24.14 30.57 7.78
N LEU B 546 -24.66 30.77 9.00
CA LEU B 546 -25.40 29.71 9.68
C LEU B 546 -26.65 29.33 8.89
N LEU B 547 -27.37 30.32 8.37
CA LEU B 547 -28.54 30.03 7.55
C LEU B 547 -28.16 29.26 6.30
N ALA B 548 -27.06 29.66 5.65
CA ALA B 548 -26.61 28.95 4.44
C ALA B 548 -26.24 27.51 4.76
N VAL B 549 -25.53 27.28 5.87
CA VAL B 549 -25.15 25.92 6.25
C VAL B 549 -26.39 25.08 6.54
N LEU B 550 -27.36 25.66 7.25
CA LEU B 550 -28.60 24.94 7.53
C LEU B 550 -29.35 24.60 6.24
N ALA B 551 -29.39 25.54 5.30
CA ALA B 551 -30.05 25.27 4.02
C ALA B 551 -29.35 24.16 3.26
N TYR B 552 -28.02 24.17 3.25
CA TYR B 552 -27.27 23.12 2.57
C TYR B 552 -27.52 21.76 3.20
N SER B 553 -27.52 21.69 4.53
CA SER B 553 -27.77 20.43 5.22
C SER B 553 -29.19 19.94 4.95
N ILE B 554 -30.17 20.85 4.96
CA ILE B 554 -31.55 20.47 4.69
C ILE B 554 -31.70 19.96 3.26
N THR B 555 -31.03 20.61 2.31
CA THR B 555 -31.07 20.16 0.93
C THR B 555 -30.48 18.76 0.79
N LEU B 556 -29.34 18.51 1.45
CA LEU B 556 -28.75 17.18 1.39
C LEU B 556 -29.67 16.13 2.00
N VAL B 557 -30.29 16.45 3.14
CA VAL B 557 -31.19 15.51 3.80
C VAL B 557 -32.40 15.21 2.91
N THR B 558 -32.99 16.24 2.31
CA THR B 558 -34.17 16.03 1.47
C THR B 558 -33.81 15.30 0.18
N LEU B 559 -32.57 15.46 -0.30
CA LEU B 559 -32.12 14.69 -1.45
C LEU B 559 -31.95 13.22 -1.08
N TRP B 560 -31.45 12.95 0.13
CA TRP B 560 -31.30 11.56 0.57
C TRP B 560 -32.66 10.92 0.83
N SER B 561 -33.63 11.72 1.27
CA SER B 561 -34.95 11.16 1.59
C SER B 561 -35.66 10.61 0.37
N ILE B 562 -35.61 11.34 -0.75
CA ILE B 562 -36.34 10.90 -1.94
C ILE B 562 -35.74 9.62 -2.51
N TRP B 563 -34.43 9.40 -2.32
CA TRP B 563 -33.83 8.17 -2.79
C TRP B 563 -34.21 6.98 -1.93
N HIS B 564 -34.50 7.21 -0.65
CA HIS B 564 -34.91 6.14 0.25
C HIS B 564 -36.27 5.56 -0.14
N THR C 112 7.04 -66.55 -5.56
CA THR C 112 8.20 -66.23 -6.40
C THR C 112 8.39 -64.71 -6.48
N GLN C 113 7.47 -64.04 -7.17
CA GLN C 113 7.52 -62.60 -7.31
C GLN C 113 7.23 -61.93 -5.96
N PRO C 114 7.67 -60.68 -5.80
CA PRO C 114 7.38 -59.96 -4.55
C PRO C 114 5.87 -59.85 -4.32
N ALA C 115 5.48 -59.91 -3.04
CA ALA C 115 4.06 -59.90 -2.70
C ALA C 115 3.39 -58.61 -3.13
N LEU C 116 4.07 -57.47 -2.94
CA LEU C 116 3.47 -56.19 -3.30
C LEU C 116 3.26 -56.09 -4.80
N LEU C 117 4.24 -56.54 -5.60
CA LEU C 117 4.09 -56.49 -7.06
C LEU C 117 2.93 -57.36 -7.52
N ARG C 118 2.84 -58.58 -6.97
CA ARG C 118 1.74 -59.48 -7.34
C ARG C 118 0.39 -58.90 -6.94
N LEU C 119 0.32 -58.30 -5.74
CA LEU C 119 -0.93 -57.71 -5.29
C LEU C 119 -1.35 -56.54 -6.17
N SER C 120 -0.40 -55.68 -6.52
CA SER C 120 -0.71 -54.55 -7.39
C SER C 120 -1.14 -55.02 -8.77
N ASP C 121 -0.49 -56.05 -9.30
CA ASP C 121 -0.91 -56.60 -10.59
C ASP C 121 -2.30 -57.20 -10.51
N HIS C 122 -2.61 -57.88 -9.41
CA HIS C 122 -3.93 -58.49 -9.25
C HIS C 122 -5.02 -57.44 -9.12
N LEU C 123 -4.74 -56.34 -8.41
CA LEU C 123 -5.76 -55.32 -8.18
C LEU C 123 -5.92 -54.40 -9.38
N LEU C 124 -4.84 -53.74 -9.78
CA LEU C 124 -4.93 -52.64 -10.75
C LEU C 124 -5.09 -53.11 -12.19
N ALA C 125 -4.90 -54.39 -12.48
CA ALA C 125 -5.16 -54.89 -13.82
C ALA C 125 -6.66 -54.87 -14.10
N ASN C 126 -7.02 -54.56 -15.35
CA ASN C 126 -8.40 -54.41 -15.80
C ASN C 126 -9.29 -53.74 -14.77
N TYR C 127 -8.76 -52.70 -14.12
CA TYR C 127 -9.49 -51.92 -13.14
C TYR C 127 -9.79 -50.55 -13.74
N LYS C 128 -11.08 -50.19 -13.77
CA LYS C 128 -11.52 -48.94 -14.36
C LYS C 128 -11.66 -47.90 -13.25
N LYS C 129 -10.93 -46.79 -13.38
CA LYS C 129 -10.94 -45.74 -12.37
C LYS C 129 -12.06 -44.74 -12.58
N GLY C 130 -12.79 -44.83 -13.69
CA GLY C 130 -13.94 -43.98 -13.93
C GLY C 130 -15.26 -44.57 -13.50
N VAL C 131 -15.26 -45.71 -12.83
CA VAL C 131 -16.47 -46.42 -12.44
C VAL C 131 -16.59 -46.33 -10.92
N ARG C 132 -17.77 -45.95 -10.45
CA ARG C 132 -18.02 -45.94 -9.01
C ARG C 132 -17.91 -47.36 -8.47
N PRO C 133 -17.07 -47.60 -7.48
CA PRO C 133 -16.74 -48.98 -7.06
C PRO C 133 -17.81 -49.66 -6.21
N VAL C 134 -18.86 -50.12 -6.88
CA VAL C 134 -19.91 -50.90 -6.23
C VAL C 134 -20.30 -52.05 -7.16
N ARG C 135 -20.43 -53.24 -6.60
CA ARG C 135 -20.94 -54.36 -7.39
C ARG C 135 -22.43 -54.19 -7.68
N ASP C 136 -23.16 -53.54 -6.76
CA ASP C 136 -24.56 -53.21 -6.96
C ASP C 136 -24.67 -51.69 -7.05
N TRP C 137 -25.16 -51.19 -8.19
CA TRP C 137 -25.26 -49.76 -8.41
C TRP C 137 -26.29 -49.09 -7.53
N ARG C 138 -27.19 -49.85 -6.89
CA ARG C 138 -28.21 -49.26 -6.03
C ARG C 138 -27.63 -48.78 -4.71
N LYS C 139 -26.60 -49.44 -4.20
CA LYS C 139 -26.09 -48.96 -2.92
C LYS C 139 -25.07 -47.84 -3.14
N PRO C 140 -25.04 -46.84 -2.26
CA PRO C 140 -24.08 -45.75 -2.40
C PRO C 140 -22.75 -46.07 -1.75
N THR C 141 -21.75 -45.25 -2.08
CA THR C 141 -20.43 -45.33 -1.47
C THR C 141 -20.40 -44.33 -0.31
N THR C 142 -20.44 -44.85 0.91
CA THR C 142 -20.48 -44.03 2.11
C THR C 142 -19.08 -43.51 2.41
N VAL C 143 -18.85 -42.23 2.15
CA VAL C 143 -17.56 -41.60 2.42
C VAL C 143 -17.56 -41.02 3.82
N SER C 144 -16.61 -41.44 4.64
CA SER C 144 -16.46 -40.94 6.00
C SER C 144 -15.43 -39.83 6.02
N ILE C 145 -15.76 -38.73 6.67
CA ILE C 145 -14.96 -37.51 6.59
C ILE C 145 -14.49 -37.11 7.98
N ASP C 146 -13.24 -36.64 8.05
CA ASP C 146 -12.69 -36.06 9.26
C ASP C 146 -11.87 -34.83 8.88
N VAL C 147 -12.00 -33.77 9.68
CA VAL C 147 -11.36 -32.50 9.42
C VAL C 147 -10.69 -32.02 10.70
N ILE C 148 -9.43 -31.60 10.59
CA ILE C 148 -8.68 -31.04 11.70
C ILE C 148 -8.10 -29.70 11.24
N MET C 149 -8.37 -28.66 12.02
CA MET C 149 -7.87 -27.33 11.66
C MET C 149 -6.40 -27.20 12.03
N TYR C 150 -5.59 -26.73 11.09
CA TYR C 150 -4.17 -26.47 11.32
C TYR C 150 -3.90 -25.02 11.67
N ALA C 151 -4.34 -24.09 10.85
CA ALA C 151 -4.09 -22.67 11.10
C ALA C 151 -5.14 -21.85 10.39
N ILE C 152 -5.33 -20.63 10.87
CA ILE C 152 -6.24 -19.67 10.23
C ILE C 152 -5.38 -18.61 9.55
N LEU C 153 -5.11 -18.81 8.26
CA LEU C 153 -4.12 -17.97 7.58
C LEU C 153 -4.57 -16.51 7.51
N ASN C 154 -5.85 -16.28 7.22
CA ASN C 154 -6.31 -14.91 7.01
C ASN C 154 -7.82 -14.88 7.15
N VAL C 155 -8.31 -13.93 7.96
CA VAL C 155 -9.73 -13.59 8.02
C VAL C 155 -9.86 -12.18 7.48
N ASP C 156 -10.56 -12.03 6.36
CA ASP C 156 -10.60 -10.79 5.60
C ASP C 156 -12.04 -10.27 5.69
N GLU C 157 -12.24 -9.21 6.47
CA GLU C 157 -13.58 -8.67 6.69
C GLU C 157 -14.08 -7.79 5.55
N LYS C 158 -13.18 -7.35 4.67
CA LYS C 158 -13.60 -6.48 3.57
C LYS C 158 -14.34 -7.26 2.49
N ASN C 159 -13.68 -8.26 1.90
CA ASN C 159 -14.32 -9.12 0.92
C ASN C 159 -15.04 -10.32 1.54
N GLN C 160 -14.96 -10.48 2.86
CA GLN C 160 -15.68 -11.53 3.58
C GLN C 160 -15.28 -12.92 3.10
N VAL C 161 -13.98 -13.19 3.16
CA VAL C 161 -13.42 -14.49 2.80
C VAL C 161 -12.54 -14.96 3.95
N LEU C 162 -12.58 -16.27 4.24
CA LEU C 162 -11.79 -16.87 5.30
C LEU C 162 -10.80 -17.84 4.68
N THR C 163 -9.52 -17.66 5.00
CA THR C 163 -8.45 -18.53 4.53
C THR C 163 -7.96 -19.39 5.68
N THR C 164 -8.07 -20.71 5.53
CA THR C 164 -7.66 -21.64 6.58
C THR C 164 -6.91 -22.80 5.96
N TYR C 165 -6.08 -23.44 6.78
CA TYR C 165 -5.38 -24.66 6.42
C TYR C 165 -5.87 -25.78 7.31
N ILE C 166 -6.33 -26.88 6.72
CA ILE C 166 -6.89 -27.99 7.46
C ILE C 166 -6.22 -29.28 7.03
N TRP C 167 -6.27 -30.27 7.91
CA TRP C 167 -5.83 -31.63 7.61
C TRP C 167 -7.07 -32.47 7.37
N TYR C 168 -7.24 -32.93 6.13
CA TYR C 168 -8.46 -33.60 5.71
C TYR C 168 -8.15 -35.05 5.39
N ARG C 169 -8.91 -35.96 5.99
CA ARG C 169 -8.79 -37.39 5.69
C ARG C 169 -10.18 -37.96 5.46
N GLN C 170 -10.25 -38.92 4.53
CA GLN C 170 -11.51 -39.57 4.20
C GLN C 170 -11.25 -41.02 3.85
N TYR C 171 -12.25 -41.86 4.08
CA TYR C 171 -12.12 -43.27 3.72
C TYR C 171 -13.47 -43.80 3.24
N TRP C 172 -13.42 -44.56 2.16
CA TRP C 172 -14.60 -45.18 1.56
C TRP C 172 -14.27 -46.62 1.20
N THR C 173 -15.31 -47.45 1.11
CA THR C 173 -15.14 -48.87 0.84
C THR C 173 -15.15 -49.08 -0.67
N ASP C 174 -13.98 -49.43 -1.22
CA ASP C 174 -13.87 -49.79 -2.63
C ASP C 174 -14.04 -51.30 -2.76
N GLU C 175 -15.09 -51.71 -3.47
CA GLU C 175 -15.43 -53.13 -3.56
C GLU C 175 -14.65 -53.87 -4.64
N PHE C 176 -13.79 -53.18 -5.39
CA PHE C 176 -12.93 -53.84 -6.37
C PHE C 176 -11.52 -54.07 -5.85
N LEU C 177 -11.06 -53.26 -4.90
CA LEU C 177 -9.72 -53.42 -4.31
C LEU C 177 -9.82 -54.30 -3.08
N GLN C 178 -10.17 -55.57 -3.30
CA GLN C 178 -10.31 -56.55 -2.25
C GLN C 178 -9.51 -57.80 -2.58
N TRP C 179 -8.91 -58.39 -1.56
CA TRP C 179 -8.12 -59.60 -1.73
C TRP C 179 -8.06 -60.33 -0.40
N THR C 180 -7.65 -61.61 -0.47
CA THR C 180 -7.40 -62.38 0.73
C THR C 180 -5.91 -62.33 1.06
N PRO C 181 -5.53 -61.96 2.28
CA PRO C 181 -4.10 -61.81 2.59
C PRO C 181 -3.29 -63.09 2.44
N GLU C 182 -3.90 -64.26 2.69
CA GLU C 182 -3.15 -65.51 2.69
C GLU C 182 -2.55 -65.84 1.32
N ASP C 183 -3.09 -65.26 0.24
CA ASP C 183 -2.58 -65.54 -1.09
C ASP C 183 -1.45 -64.59 -1.51
N PHE C 184 -1.12 -63.59 -0.69
CA PHE C 184 -0.13 -62.59 -1.05
C PHE C 184 0.83 -62.35 0.12
N ASP C 185 1.30 -63.44 0.73
CA ASP C 185 2.28 -63.37 1.83
C ASP C 185 1.74 -62.54 2.99
N ASN C 186 0.46 -62.71 3.31
CA ASN C 186 -0.17 -62.12 4.50
C ASN C 186 -0.09 -60.60 4.50
N VAL C 187 -0.17 -59.96 3.34
CA VAL C 187 -0.20 -58.50 3.28
C VAL C 187 -1.63 -58.04 3.54
N THR C 188 -1.80 -57.17 4.52
CA THR C 188 -3.13 -56.69 4.89
C THR C 188 -3.43 -55.29 4.35
N LYS C 189 -2.42 -54.52 3.99
CA LYS C 189 -2.64 -53.19 3.44
C LYS C 189 -1.45 -52.83 2.55
N LEU C 190 -1.70 -51.90 1.62
CA LEU C 190 -0.65 -51.43 0.73
C LEU C 190 -1.01 -50.03 0.25
N SER C 191 -0.01 -49.33 -0.25
CA SER C 191 -0.18 -47.97 -0.75
C SER C 191 -0.38 -48.02 -2.26
N ILE C 192 -1.42 -47.35 -2.74
CA ILE C 192 -1.75 -47.33 -4.16
C ILE C 192 -1.82 -45.87 -4.60
N PRO C 193 -1.29 -45.53 -5.78
CA PRO C 193 -1.34 -44.13 -6.23
C PRO C 193 -2.77 -43.62 -6.32
N THR C 194 -2.95 -42.34 -5.96
CA THR C 194 -4.29 -41.75 -5.98
C THR C 194 -4.84 -41.64 -7.39
N ASP C 195 -3.96 -41.58 -8.39
CA ASP C 195 -4.39 -41.44 -9.78
C ASP C 195 -4.82 -42.76 -10.40
N SER C 196 -4.63 -43.88 -9.71
CA SER C 196 -4.96 -45.18 -10.25
C SER C 196 -6.28 -45.74 -9.73
N ILE C 197 -6.99 -45.00 -8.89
CA ILE C 197 -8.22 -45.48 -8.27
C ILE C 197 -9.30 -44.41 -8.37
N TRP C 198 -10.55 -44.83 -8.17
CA TRP C 198 -11.66 -43.91 -8.13
C TRP C 198 -11.63 -43.12 -6.83
N VAL C 199 -11.77 -41.80 -6.92
CA VAL C 199 -11.72 -40.92 -5.77
C VAL C 199 -12.98 -40.05 -5.79
N PRO C 200 -13.75 -39.99 -4.70
CA PRO C 200 -14.94 -39.16 -4.69
C PRO C 200 -14.60 -37.68 -4.82
N ASP C 201 -15.49 -36.93 -5.46
CA ASP C 201 -15.29 -35.51 -5.71
C ASP C 201 -15.91 -34.66 -4.60
N ILE C 202 -15.45 -34.90 -3.39
CA ILE C 202 -15.92 -34.16 -2.22
C ILE C 202 -15.19 -32.82 -2.17
N LEU C 203 -15.96 -31.73 -2.20
CA LEU C 203 -15.38 -30.40 -2.15
C LEU C 203 -16.38 -29.45 -1.51
N ILE C 204 -15.88 -28.29 -1.08
CA ILE C 204 -16.65 -27.38 -0.23
C ILE C 204 -17.49 -26.46 -1.09
N ASN C 205 -18.74 -26.25 -0.67
CA ASN C 205 -19.62 -25.29 -1.33
C ASN C 205 -19.11 -23.86 -1.18
N GLU C 206 -18.61 -23.52 0.00
CA GLU C 206 -18.22 -22.15 0.31
C GLU C 206 -17.00 -21.68 -0.47
N PHE C 207 -16.43 -22.50 -1.35
CA PHE C 207 -15.25 -22.11 -2.09
C PHE C 207 -15.51 -20.87 -2.95
N VAL C 208 -14.57 -19.92 -2.91
CA VAL C 208 -14.56 -18.79 -3.82
C VAL C 208 -13.24 -18.67 -4.57
N ASP C 209 -12.27 -19.52 -4.27
CA ASP C 209 -10.96 -19.52 -4.91
C ASP C 209 -10.29 -20.84 -4.54
N VAL C 210 -9.55 -21.41 -5.49
CA VAL C 210 -8.91 -22.70 -5.25
C VAL C 210 -7.64 -22.50 -4.44
N GLY C 211 -7.46 -23.32 -3.42
CA GLY C 211 -6.31 -23.22 -2.55
C GLY C 211 -5.13 -24.04 -3.06
N LYS C 212 -3.93 -23.49 -2.89
CA LYS C 212 -2.70 -24.17 -3.26
C LYS C 212 -2.26 -25.06 -2.11
N SER C 213 -2.42 -26.37 -2.28
CA SER C 213 -2.08 -27.34 -1.25
C SER C 213 -1.24 -28.45 -1.87
N PRO C 214 -0.35 -29.06 -1.08
CA PRO C 214 0.47 -30.16 -1.61
C PRO C 214 -0.40 -31.33 -2.04
N ASN C 215 0.05 -32.02 -3.08
CA ASN C 215 -0.66 -33.15 -3.64
C ASN C 215 -0.08 -34.44 -3.04
N ILE C 216 -0.95 -35.23 -2.42
CA ILE C 216 -0.55 -36.51 -1.83
C ILE C 216 -0.72 -37.59 -2.90
N PRO C 217 0.36 -38.25 -3.33
CA PRO C 217 0.26 -39.20 -4.45
C PRO C 217 -0.16 -40.61 -4.08
N TYR C 218 -0.24 -40.96 -2.80
CA TYR C 218 -0.54 -42.33 -2.39
C TYR C 218 -1.72 -42.36 -1.42
N VAL C 219 -2.47 -43.47 -1.47
CA VAL C 219 -3.57 -43.73 -0.55
C VAL C 219 -3.44 -45.17 -0.05
N TYR C 220 -3.84 -45.40 1.19
CA TYR C 220 -3.77 -46.73 1.76
C TYR C 220 -5.02 -47.53 1.41
N VAL C 221 -4.82 -48.80 1.04
CA VAL C 221 -5.91 -49.70 0.71
C VAL C 221 -5.77 -50.95 1.57
N HIS C 222 -6.85 -51.33 2.24
CA HIS C 222 -6.87 -52.52 3.08
C HIS C 222 -7.43 -53.71 2.30
N HIS C 223 -7.27 -54.90 2.89
CA HIS C 223 -7.67 -56.13 2.20
C HIS C 223 -9.17 -56.31 2.14
N ARG C 224 -9.95 -55.49 2.84
CA ARG C 224 -11.40 -55.51 2.73
C ARG C 224 -11.95 -54.35 1.91
N GLY C 225 -11.08 -53.59 1.26
CA GLY C 225 -11.50 -52.54 0.35
C GLY C 225 -11.41 -51.14 0.90
N GLU C 226 -11.24 -50.97 2.20
CA GLU C 226 -11.18 -49.64 2.78
C GLU C 226 -10.00 -48.87 2.22
N VAL C 227 -10.29 -47.72 1.61
CA VAL C 227 -9.28 -46.86 1.01
C VAL C 227 -9.22 -45.57 1.82
N GLN C 228 -8.04 -45.26 2.35
CA GLN C 228 -7.84 -44.11 3.23
C GLN C 228 -7.04 -43.06 2.48
N ASN C 229 -7.59 -41.84 2.40
CA ASN C 229 -6.97 -40.74 1.68
C ASN C 229 -6.68 -39.62 2.66
N TYR C 230 -5.39 -39.36 2.90
CA TYR C 230 -4.95 -38.26 3.73
C TYR C 230 -4.45 -37.12 2.85
N LYS C 231 -4.89 -35.91 3.14
CA LYS C 231 -4.53 -34.76 2.31
C LYS C 231 -4.67 -33.45 3.07
N PRO C 232 -3.67 -32.57 3.00
CA PRO C 232 -3.84 -31.22 3.54
C PRO C 232 -4.52 -30.32 2.52
N LEU C 233 -5.38 -29.44 3.01
CA LEU C 233 -6.16 -28.56 2.15
C LEU C 233 -6.06 -27.13 2.65
N GLN C 234 -5.79 -26.20 1.73
CA GLN C 234 -5.87 -24.77 2.00
C GLN C 234 -7.19 -24.27 1.42
N LEU C 235 -8.00 -23.64 2.25
CA LEU C 235 -9.36 -23.27 1.90
C LEU C 235 -9.51 -21.76 1.86
N VAL C 236 -10.09 -21.26 0.78
CA VAL C 236 -10.45 -19.85 0.67
C VAL C 236 -11.97 -19.83 0.51
N THR C 237 -12.68 -19.71 1.63
CA THR C 237 -14.13 -19.84 1.67
C THR C 237 -14.79 -18.53 2.06
N ALA C 238 -15.93 -18.25 1.46
CA ALA C 238 -16.71 -17.07 1.79
C ALA C 238 -17.50 -17.30 3.08
N CYS C 239 -17.58 -16.26 3.90
CA CYS C 239 -18.31 -16.35 5.17
C CYS C 239 -18.87 -14.97 5.52
N SER C 240 -19.88 -14.97 6.37
CA SER C 240 -20.49 -13.74 6.86
C SER C 240 -19.78 -13.33 8.14
N LEU C 241 -18.98 -12.27 8.06
CA LEU C 241 -18.19 -11.80 9.19
C LEU C 241 -18.87 -10.58 9.79
N ASP C 242 -19.41 -10.75 11.00
CA ASP C 242 -20.08 -9.66 11.72
C ASP C 242 -19.08 -9.05 12.69
N ILE C 243 -18.71 -7.79 12.45
CA ILE C 243 -17.72 -7.11 13.27
C ILE C 243 -18.37 -6.09 14.20
N TYR C 244 -19.62 -6.32 14.60
CA TYR C 244 -20.31 -5.42 15.52
C TYR C 244 -19.55 -5.28 16.83
N ASN C 245 -18.87 -6.34 17.26
CA ASN C 245 -18.03 -6.33 18.44
C ASN C 245 -16.56 -6.47 18.07
N PHE C 246 -16.14 -5.73 17.02
CA PHE C 246 -14.88 -5.91 16.29
C PHE C 246 -13.68 -6.29 17.15
N PRO C 247 -13.34 -5.56 18.22
CA PRO C 247 -12.20 -5.98 19.05
C PRO C 247 -12.41 -7.31 19.73
N PHE C 248 -13.66 -7.69 20.03
CA PHE C 248 -13.94 -8.90 20.80
C PHE C 248 -14.88 -9.84 20.05
N ASP C 249 -15.02 -9.66 18.73
CA ASP C 249 -16.00 -10.42 17.98
C ASP C 249 -15.59 -11.89 17.88
N VAL C 250 -16.58 -12.77 17.96
CA VAL C 250 -16.38 -14.21 17.73
C VAL C 250 -17.10 -14.56 16.43
N GLN C 251 -16.37 -15.15 15.50
CA GLN C 251 -16.92 -15.48 14.20
C GLN C 251 -17.41 -16.92 14.17
N ASN C 252 -18.36 -17.19 13.28
CA ASN C 252 -18.99 -18.50 13.15
C ASN C 252 -19.00 -18.82 11.66
N CYS C 253 -17.92 -19.43 11.19
CA CYS C 253 -17.76 -19.75 9.77
C CYS C 253 -18.12 -21.22 9.52
N SER C 254 -18.70 -21.48 8.35
CA SER C 254 -19.20 -22.79 8.01
C SER C 254 -18.41 -23.37 6.83
N LEU C 255 -18.02 -24.64 6.96
CA LEU C 255 -17.41 -25.41 5.89
C LEU C 255 -18.32 -26.58 5.57
N THR C 256 -18.77 -26.66 4.32
CA THR C 256 -19.75 -27.65 3.90
C THR C 256 -19.12 -28.59 2.88
N PHE C 257 -18.82 -29.82 3.30
CA PHE C 257 -18.24 -30.83 2.43
C PHE C 257 -19.36 -31.65 1.81
N THR C 258 -19.46 -31.63 0.48
CA THR C 258 -20.47 -32.40 -0.23
C THR C 258 -19.97 -32.72 -1.63
N SER C 259 -20.52 -33.78 -2.20
CA SER C 259 -20.19 -34.14 -3.58
C SER C 259 -20.87 -33.16 -4.52
N TRP C 260 -20.08 -32.62 -5.46
CA TRP C 260 -20.60 -31.58 -6.35
C TRP C 260 -21.59 -32.14 -7.37
N LEU C 261 -21.45 -33.41 -7.74
CA LEU C 261 -22.30 -34.03 -8.76
C LEU C 261 -23.18 -35.13 -8.23
N HIS C 262 -22.61 -36.09 -7.50
CA HIS C 262 -23.35 -37.27 -7.09
C HIS C 262 -24.41 -36.94 -6.05
N THR C 263 -25.59 -37.53 -6.20
CA THR C 263 -26.66 -37.37 -5.24
C THR C 263 -26.43 -38.28 -4.03
N ILE C 264 -27.36 -38.24 -3.08
CA ILE C 264 -27.24 -39.08 -1.89
C ILE C 264 -27.38 -40.56 -2.21
N GLN C 265 -27.97 -40.90 -3.36
CA GLN C 265 -28.08 -42.30 -3.76
C GLN C 265 -26.81 -42.82 -4.38
N ASP C 266 -25.82 -41.97 -4.63
CA ASP C 266 -24.53 -42.37 -5.16
C ASP C 266 -23.40 -42.21 -4.15
N ILE C 267 -23.27 -41.02 -3.55
CA ILE C 267 -22.24 -40.74 -2.56
C ILE C 267 -22.92 -40.15 -1.33
N ASN C 268 -22.71 -40.78 -0.18
CA ASN C 268 -23.19 -40.28 1.09
C ASN C 268 -22.00 -39.99 2.00
N ILE C 269 -22.18 -39.04 2.92
CA ILE C 269 -21.10 -38.51 3.74
C ILE C 269 -21.44 -38.70 5.21
N THR C 270 -20.49 -39.23 5.97
CA THR C 270 -20.61 -39.37 7.42
C THR C 270 -19.30 -38.87 8.05
N LEU C 271 -19.15 -39.13 9.34
CA LEU C 271 -18.00 -38.66 10.12
C LEU C 271 -17.12 -39.84 10.51
N TRP C 272 -15.81 -39.67 10.34
CA TRP C 272 -14.87 -40.69 10.81
C TRP C 272 -14.95 -40.87 12.32
N ARG C 273 -15.02 -39.76 13.05
CA ARG C 273 -15.05 -39.78 14.51
C ARG C 273 -16.38 -39.23 15.01
N SER C 274 -16.64 -39.45 16.29
CA SER C 274 -17.85 -38.92 16.90
C SER C 274 -17.81 -37.40 16.88
N PRO C 275 -18.97 -36.73 16.86
CA PRO C 275 -18.97 -35.26 16.79
C PRO C 275 -18.27 -34.60 17.96
N GLU C 276 -18.32 -35.19 19.16
CA GLU C 276 -17.64 -34.60 20.30
C GLU C 276 -16.13 -34.61 20.12
N GLU C 277 -15.59 -35.69 19.56
CA GLU C 277 -14.14 -35.77 19.32
C GLU C 277 -13.70 -34.73 18.31
N VAL C 278 -14.49 -34.52 17.26
CA VAL C 278 -14.17 -33.48 16.28
C VAL C 278 -14.27 -32.10 16.93
N ARG C 279 -15.26 -31.92 17.81
CA ARG C 279 -15.44 -30.63 18.47
C ARG C 279 -14.26 -30.31 19.38
N SER C 280 -13.75 -31.29 20.11
CA SER C 280 -12.71 -31.06 21.11
C SER C 280 -11.30 -31.05 20.54
N ASP C 281 -11.14 -31.19 19.23
CA ASP C 281 -9.82 -31.34 18.62
C ASP C 281 -9.17 -29.96 18.47
N LYS C 282 -8.21 -29.67 19.35
CA LYS C 282 -7.43 -28.44 19.27
C LYS C 282 -5.96 -28.72 19.56
N SER C 283 -5.46 -29.86 19.10
CA SER C 283 -4.10 -30.26 19.43
C SER C 283 -3.07 -29.57 18.52
N ILE C 284 -3.20 -29.78 17.20
CA ILE C 284 -2.20 -29.29 16.24
C ILE C 284 -2.54 -27.91 15.66
N PHE C 285 -3.60 -27.27 16.12
CA PHE C 285 -3.91 -25.91 15.69
C PHE C 285 -2.79 -24.95 16.10
N ILE C 286 -2.39 -24.09 15.17
CA ILE C 286 -1.47 -23.00 15.47
C ILE C 286 -2.24 -21.96 16.28
N ASN C 287 -1.88 -21.81 17.55
CA ASN C 287 -2.72 -21.10 18.51
C ASN C 287 -2.33 -19.65 18.72
N GLN C 288 -1.05 -19.30 18.60
CA GLN C 288 -0.56 -18.02 19.07
C GLN C 288 -0.75 -16.91 18.01
N GLY C 289 -1.60 -17.15 17.02
CA GLY C 289 -1.89 -16.13 16.03
C GLY C 289 -2.89 -15.12 16.53
N GLU C 290 -3.44 -14.34 15.59
CA GLU C 290 -4.44 -13.35 15.96
C GLU C 290 -5.76 -13.98 16.33
N TRP C 291 -6.13 -15.07 15.66
CA TRP C 291 -7.43 -15.70 15.84
C TRP C 291 -7.29 -16.96 16.69
N GLU C 292 -8.20 -17.11 17.65
CA GLU C 292 -8.24 -18.26 18.54
C GLU C 292 -9.40 -19.17 18.14
N LEU C 293 -9.11 -20.44 17.93
CA LEU C 293 -10.13 -21.42 17.56
C LEU C 293 -10.85 -21.90 18.81
N LEU C 294 -12.17 -21.82 18.80
CA LEU C 294 -12.98 -22.29 19.91
C LEU C 294 -13.39 -23.76 19.75
N GLU C 295 -14.03 -24.09 18.64
CA GLU C 295 -14.47 -25.46 18.39
C GLU C 295 -14.80 -25.60 16.91
N VAL C 296 -14.86 -26.85 16.45
CA VAL C 296 -15.30 -27.19 15.10
C VAL C 296 -16.46 -28.16 15.26
N PHE C 297 -17.68 -27.67 14.98
CA PHE C 297 -18.88 -28.43 15.27
C PHE C 297 -19.43 -29.04 13.98
N PRO C 298 -19.41 -30.37 13.85
CA PRO C 298 -19.95 -31.00 12.63
C PRO C 298 -21.44 -31.24 12.70
N GLN C 299 -22.10 -31.01 11.56
CA GLN C 299 -23.54 -31.21 11.45
C GLN C 299 -23.86 -31.75 10.06
N PHE C 300 -24.78 -32.71 10.00
CA PHE C 300 -25.16 -33.36 8.75
C PHE C 300 -26.56 -32.90 8.34
N LYS C 301 -26.69 -32.53 7.06
CA LYS C 301 -27.96 -32.11 6.49
C LYS C 301 -28.08 -32.69 5.09
N GLU C 302 -29.32 -32.76 4.60
CA GLU C 302 -29.61 -33.22 3.25
C GLU C 302 -30.07 -32.02 2.42
N PHE C 303 -29.16 -31.51 1.58
CA PHE C 303 -29.49 -30.38 0.72
C PHE C 303 -30.25 -30.88 -0.51
N SER C 304 -31.46 -30.37 -0.71
CA SER C 304 -32.29 -30.80 -1.82
C SER C 304 -33.26 -29.70 -2.21
N ILE C 305 -33.28 -29.37 -3.50
CA ILE C 305 -34.29 -28.49 -4.07
C ILE C 305 -35.11 -29.23 -5.13
N ASP C 306 -35.17 -30.55 -5.01
CA ASP C 306 -35.94 -31.40 -5.91
C ASP C 306 -36.43 -32.61 -5.13
N ILE C 307 -37.47 -33.26 -5.66
CA ILE C 307 -38.05 -34.41 -4.97
C ILE C 307 -37.03 -35.54 -4.86
N SER C 308 -36.29 -35.79 -5.94
CA SER C 308 -35.36 -36.92 -5.98
C SER C 308 -33.89 -36.51 -5.90
N ASN C 309 -33.54 -35.28 -6.28
CA ASN C 309 -32.14 -34.85 -6.29
C ASN C 309 -31.75 -34.34 -4.89
N SER C 310 -31.55 -35.30 -3.99
CA SER C 310 -31.09 -35.01 -2.65
C SER C 310 -29.59 -35.18 -2.56
N TYR C 311 -28.92 -34.18 -2.00
CA TYR C 311 -27.46 -34.17 -1.88
C TYR C 311 -27.08 -34.22 -0.41
N ALA C 312 -26.14 -35.11 -0.07
CA ALA C 312 -25.65 -35.24 1.29
C ALA C 312 -24.50 -34.26 1.52
N GLU C 313 -24.55 -33.54 2.63
CA GLU C 313 -23.53 -32.54 2.95
C GLU C 313 -23.18 -32.64 4.43
N MET C 314 -21.95 -32.26 4.75
CA MET C 314 -21.46 -32.26 6.12
C MET C 314 -20.91 -30.87 6.42
N LYS C 315 -21.52 -30.19 7.40
CA LYS C 315 -21.17 -28.82 7.72
C LYS C 315 -20.31 -28.81 8.98
N PHE C 316 -19.13 -28.19 8.88
CA PHE C 316 -18.24 -28.00 10.01
C PHE C 316 -18.23 -26.52 10.36
N TYR C 317 -18.88 -26.17 11.48
CA TYR C 317 -19.00 -24.78 11.90
C TYR C 317 -17.71 -24.38 12.62
N VAL C 318 -16.79 -23.76 11.88
CA VAL C 318 -15.54 -23.29 12.44
C VAL C 318 -15.83 -21.99 13.19
N ILE C 319 -15.65 -22.02 14.52
CA ILE C 319 -15.95 -20.89 15.39
C ILE C 319 -14.63 -20.34 15.91
N ILE C 320 -14.35 -19.08 15.62
CA ILE C 320 -13.07 -18.45 15.94
C ILE C 320 -13.33 -17.13 16.67
N ARG C 321 -12.51 -16.86 17.69
CA ARG C 321 -12.63 -15.65 18.49
C ARG C 321 -11.37 -14.81 18.33
N ARG C 322 -11.55 -13.53 18.01
CA ARG C 322 -10.42 -12.63 17.87
C ARG C 322 -9.82 -12.30 19.23
N ARG C 323 -8.50 -12.13 19.26
CA ARG C 323 -7.81 -11.74 20.48
C ARG C 323 -7.72 -10.22 20.54
N PRO C 324 -8.37 -9.57 21.50
CA PRO C 324 -8.42 -8.10 21.50
C PRO C 324 -7.09 -7.43 21.84
N LEU C 325 -6.13 -8.17 22.40
CA LEU C 325 -4.87 -7.55 22.81
C LEU C 325 -4.07 -7.03 21.63
N PHE C 326 -4.40 -7.44 20.40
CA PHE C 326 -3.73 -6.92 19.23
C PHE C 326 -3.92 -5.41 19.09
N TYR C 327 -5.15 -4.94 19.30
CA TYR C 327 -5.51 -3.56 19.02
C TYR C 327 -5.55 -2.66 20.25
N ALA C 328 -5.16 -3.19 21.42
CA ALA C 328 -5.19 -2.36 22.63
C ALA C 328 -4.26 -1.16 22.50
N VAL C 329 -3.00 -1.40 22.12
CA VAL C 329 -2.05 -0.30 21.97
C VAL C 329 -2.48 0.61 20.83
N SER C 330 -3.05 0.04 19.76
CA SER C 330 -3.42 0.84 18.61
C SER C 330 -4.61 1.76 18.88
N LEU C 331 -5.53 1.35 19.74
CA LEU C 331 -6.76 2.10 19.97
C LEU C 331 -6.76 2.85 21.29
N LEU C 332 -6.56 2.17 22.42
CA LEU C 332 -6.73 2.82 23.71
C LEU C 332 -5.62 3.83 23.98
N LEU C 333 -4.39 3.51 23.61
CA LEU C 333 -3.26 4.39 23.94
C LEU C 333 -3.37 5.77 23.31
N PRO C 334 -3.62 5.93 22.00
CA PRO C 334 -3.70 7.29 21.45
C PRO C 334 -4.83 8.12 22.03
N SER C 335 -6.02 7.54 22.17
CA SER C 335 -7.15 8.30 22.69
C SER C 335 -6.91 8.73 24.14
N ILE C 336 -6.40 7.81 24.97
CA ILE C 336 -6.11 8.14 26.36
C ILE C 336 -5.03 9.21 26.44
N PHE C 337 -3.98 9.08 25.61
CA PHE C 337 -2.91 10.06 25.60
C PHE C 337 -3.42 11.44 25.19
N LEU C 338 -4.30 11.50 24.19
CA LEU C 338 -4.81 12.78 23.74
C LEU C 338 -5.78 13.39 24.76
N MET C 339 -6.55 12.54 25.46
CA MET C 339 -7.34 13.04 26.58
C MET C 339 -6.45 13.62 27.68
N VAL C 340 -5.34 12.94 27.96
CA VAL C 340 -4.43 13.41 29.00
C VAL C 340 -3.84 14.77 28.63
N VAL C 341 -3.40 14.91 27.38
CA VAL C 341 -2.84 16.20 26.96
C VAL C 341 -3.94 17.27 26.90
N ASP C 342 -5.18 16.88 26.61
CA ASP C 342 -6.28 17.84 26.69
C ASP C 342 -6.47 18.34 28.12
N ILE C 343 -6.44 17.42 29.08
CA ILE C 343 -6.56 17.81 30.49
C ILE C 343 -5.40 18.72 30.88
N VAL C 344 -4.19 18.39 30.43
CA VAL C 344 -3.02 19.22 30.74
C VAL C 344 -3.17 20.62 30.15
N GLY C 345 -3.61 20.71 28.90
CA GLY C 345 -3.76 21.99 28.24
C GLY C 345 -4.93 22.82 28.73
N PHE C 346 -5.90 22.18 29.38
CA PHE C 346 -6.99 22.94 29.98
C PHE C 346 -6.50 23.88 31.08
N CYS C 347 -5.29 23.64 31.61
CA CYS C 347 -4.75 24.47 32.68
C CYS C 347 -4.24 25.82 32.21
N LEU C 348 -4.04 26.00 30.91
CA LEU C 348 -3.56 27.27 30.39
C LEU C 348 -4.57 28.37 30.71
N PRO C 349 -4.11 29.57 31.09
CA PRO C 349 -5.05 30.66 31.35
C PRO C 349 -5.81 31.02 30.09
N PRO C 350 -7.11 31.31 30.20
CA PRO C 350 -7.90 31.61 29.01
C PRO C 350 -7.44 32.86 28.26
N ASP C 351 -6.91 33.84 28.97
CA ASP C 351 -6.46 35.09 28.36
C ASP C 351 -5.03 35.03 27.85
N SER C 352 -4.39 33.85 27.92
CA SER C 352 -3.01 33.74 27.44
C SER C 352 -2.92 33.97 25.94
N GLY C 353 -4.00 33.74 25.20
CA GLY C 353 -3.99 33.89 23.77
C GLY C 353 -3.49 32.71 22.98
N GLU C 354 -3.13 31.61 23.66
CA GLU C 354 -2.64 30.40 23.00
C GLU C 354 -3.46 29.17 23.34
N ARG C 355 -4.44 29.28 24.23
CA ARG C 355 -5.26 28.13 24.60
C ARG C 355 -6.08 27.62 23.42
N VAL C 356 -6.66 28.53 22.64
CA VAL C 356 -7.45 28.13 21.48
C VAL C 356 -6.57 27.46 20.44
N SER C 357 -5.36 28.00 20.23
CA SER C 357 -4.43 27.35 19.30
C SER C 357 -4.06 25.96 19.77
N PHE C 358 -3.82 25.80 21.07
CA PHE C 358 -3.54 24.48 21.63
C PHE C 358 -4.71 23.53 21.37
N LYS C 359 -5.93 23.99 21.61
CA LYS C 359 -7.09 23.12 21.44
C LYS C 359 -7.30 22.73 19.98
N ILE C 360 -7.12 23.68 19.06
CA ILE C 360 -7.33 23.37 17.65
C ILE C 360 -6.24 22.44 17.13
N THR C 361 -4.99 22.64 17.59
CA THR C 361 -3.93 21.71 17.21
C THR C 361 -4.21 20.31 17.73
N LEU C 362 -4.69 20.21 18.97
CA LEU C 362 -5.03 18.91 19.54
C LEU C 362 -6.16 18.25 18.76
N LEU C 363 -7.18 19.03 18.38
CA LEU C 363 -8.29 18.48 17.61
C LEU C 363 -7.82 18.01 16.24
N LEU C 364 -6.91 18.75 15.61
CA LEU C 364 -6.36 18.31 14.34
C LEU C 364 -5.59 17.00 14.50
N GLY C 365 -4.80 16.90 15.58
CA GLY C 365 -4.09 15.66 15.83
C GLY C 365 -5.02 14.47 16.02
N TYR C 366 -6.09 14.66 16.80
CA TYR C 366 -7.03 13.57 17.00
C TYR C 366 -7.75 13.23 15.70
N SER C 367 -8.05 14.23 14.88
CA SER C 367 -8.72 13.98 13.60
C SER C 367 -7.83 13.15 12.67
N VAL C 368 -6.55 13.50 12.57
CA VAL C 368 -5.66 12.72 11.71
C VAL C 368 -5.45 11.33 12.28
N PHE C 369 -5.43 11.20 13.61
CA PHE C 369 -5.35 9.88 14.21
C PHE C 369 -6.56 9.02 13.84
N LEU C 370 -7.77 9.60 13.92
CA LEU C 370 -8.97 8.86 13.57
C LEU C 370 -8.96 8.47 12.10
N ILE C 371 -8.56 9.39 11.22
CA ILE C 371 -8.54 9.11 9.80
C ILE C 371 -7.54 8.00 9.48
N ILE C 372 -6.38 8.01 10.15
CA ILE C 372 -5.39 6.97 9.89
C ILE C 372 -5.86 5.63 10.45
N VAL C 373 -6.44 5.62 11.65
CA VAL C 373 -6.86 4.37 12.26
C VAL C 373 -8.08 3.79 11.54
N SER C 374 -8.81 4.61 10.79
CA SER C 374 -9.90 4.09 9.98
C SER C 374 -9.42 3.09 8.93
N ASP C 375 -8.14 3.14 8.57
CA ASP C 375 -7.60 2.19 7.60
C ASP C 375 -7.52 0.78 8.17
N THR C 376 -7.48 0.64 9.50
CA THR C 376 -7.42 -0.67 10.14
C THR C 376 -8.74 -1.09 10.76
N LEU C 377 -9.75 -0.21 10.76
CA LEU C 377 -11.05 -0.55 11.32
C LEU C 377 -11.97 -1.04 10.21
N PRO C 378 -12.37 -2.30 10.20
CA PRO C 378 -13.22 -2.80 9.13
C PRO C 378 -14.66 -2.33 9.28
N ALA C 379 -15.41 -2.42 8.18
CA ALA C 379 -16.81 -2.06 8.16
C ALA C 379 -17.58 -3.11 7.36
N THR C 380 -18.86 -3.27 7.68
CA THR C 380 -19.72 -4.22 6.99
C THR C 380 -21.06 -3.56 6.68
N ALA C 381 -21.82 -4.22 5.81
CA ALA C 381 -23.10 -3.66 5.35
C ALA C 381 -24.10 -3.55 6.50
N ILE C 382 -24.16 -4.56 7.36
CA ILE C 382 -25.17 -4.58 8.41
C ILE C 382 -24.96 -3.46 9.41
N GLY C 383 -23.70 -3.12 9.69
CA GLY C 383 -23.43 -2.03 10.62
C GLY C 383 -21.97 -1.80 10.93
N THR C 384 -21.65 -0.59 11.37
CA THR C 384 -20.31 -0.23 11.78
C THR C 384 -19.99 -0.85 13.14
N PRO C 385 -18.69 -1.09 13.42
CA PRO C 385 -18.33 -1.60 14.75
C PRO C 385 -18.71 -0.63 15.85
N LEU C 386 -19.03 -1.20 17.02
CA LEU C 386 -19.55 -0.40 18.13
C LEU C 386 -18.52 0.58 18.69
N ILE C 387 -17.23 0.32 18.51
CA ILE C 387 -16.21 1.22 19.04
C ILE C 387 -16.21 2.56 18.32
N GLY C 388 -16.85 2.63 17.15
CA GLY C 388 -17.05 3.92 16.50
C GLY C 388 -17.86 4.88 17.37
N VAL C 389 -18.83 4.34 18.12
CA VAL C 389 -19.61 5.16 19.03
C VAL C 389 -18.69 5.77 20.10
N TYR C 390 -17.80 4.95 20.67
CA TYR C 390 -16.87 5.47 21.67
C TYR C 390 -15.92 6.50 21.08
N PHE C 391 -15.46 6.26 19.85
CA PHE C 391 -14.55 7.21 19.21
C PHE C 391 -15.24 8.55 18.95
N VAL C 392 -16.48 8.52 18.47
CA VAL C 392 -17.19 9.78 18.24
C VAL C 392 -17.58 10.43 19.56
N VAL C 393 -17.74 9.64 20.63
CA VAL C 393 -17.94 10.25 21.96
C VAL C 393 -16.70 11.00 22.38
N CYS C 394 -15.51 10.42 22.15
CA CYS C 394 -14.27 11.14 22.45
C CYS C 394 -14.16 12.40 21.60
N MET C 395 -14.53 12.31 20.32
CA MET C 395 -14.59 13.50 19.47
C MET C 395 -15.52 14.56 20.06
N ALA C 396 -16.68 14.15 20.54
CA ALA C 396 -17.64 15.09 21.12
C ALA C 396 -17.07 15.72 22.38
N LEU C 397 -16.35 14.95 23.20
CA LEU C 397 -15.74 15.51 24.40
C LEU C 397 -14.68 16.55 24.03
N LEU C 398 -13.85 16.26 23.03
CA LEU C 398 -12.85 17.23 22.59
C LEU C 398 -13.51 18.49 22.03
N VAL C 399 -14.60 18.32 21.27
CA VAL C 399 -15.30 19.47 20.71
C VAL C 399 -15.94 20.30 21.81
N ILE C 400 -16.47 19.65 22.85
CA ILE C 400 -17.04 20.37 23.98
C ILE C 400 -15.95 21.14 24.71
N SER C 401 -14.77 20.56 24.85
CA SER C 401 -13.65 21.28 25.45
C SER C 401 -13.29 22.51 24.62
N LEU C 402 -13.23 22.36 23.30
CA LEU C 402 -12.92 23.50 22.43
C LEU C 402 -13.99 24.58 22.54
N ALA C 403 -15.26 24.19 22.57
CA ALA C 403 -16.34 25.16 22.68
C ALA C 403 -16.29 25.89 24.02
N GLU C 404 -15.98 25.17 25.10
CA GLU C 404 -15.81 25.81 26.40
C GLU C 404 -14.67 26.82 26.37
N THR C 405 -13.55 26.44 25.76
CA THR C 405 -12.42 27.35 25.65
C THR C 405 -12.80 28.60 24.87
N ILE C 406 -13.52 28.44 23.76
CA ILE C 406 -13.93 29.57 22.94
C ILE C 406 -14.88 30.48 23.72
N PHE C 407 -15.83 29.87 24.45
CA PHE C 407 -16.77 30.67 25.24
C PHE C 407 -16.06 31.48 26.32
N ILE C 408 -15.11 30.86 27.02
CA ILE C 408 -14.40 31.57 28.08
C ILE C 408 -13.50 32.66 27.48
N VAL C 409 -12.90 32.38 26.31
CA VAL C 409 -12.12 33.41 25.62
C VAL C 409 -13.01 34.59 25.25
N ARG C 410 -14.23 34.31 24.80
CA ARG C 410 -15.19 35.38 24.53
C ARG C 410 -15.47 36.19 25.79
N LEU C 411 -15.63 35.51 26.92
CA LEU C 411 -15.95 36.22 28.16
C LEU C 411 -14.81 37.14 28.60
N VAL C 412 -13.56 36.64 28.56
CA VAL C 412 -12.44 37.34 29.16
C VAL C 412 -11.69 38.25 28.20
N HIS C 413 -12.00 38.22 26.91
CA HIS C 413 -11.28 39.06 25.95
C HIS C 413 -11.52 40.53 26.26
N LYS C 414 -10.43 41.30 26.25
CA LYS C 414 -10.48 42.73 26.60
C LYS C 414 -10.58 43.56 25.33
N GLN C 415 -11.76 44.12 25.10
CA GLN C 415 -11.98 45.07 24.01
C GLN C 415 -12.78 46.25 24.53
N ASP C 416 -12.63 47.40 23.87
CA ASP C 416 -13.12 48.66 24.40
C ASP C 416 -14.65 48.73 24.43
N LEU C 417 -15.35 47.82 23.76
CA LEU C 417 -16.80 47.80 23.82
C LEU C 417 -17.36 47.12 25.06
N GLN C 418 -16.48 46.59 25.92
CA GLN C 418 -16.93 45.91 27.13
C GLN C 418 -17.75 46.84 28.01
N ARG C 419 -18.85 46.32 28.54
CA ARG C 419 -19.72 47.01 29.47
C ARG C 419 -19.64 46.34 30.84
N PRO C 420 -20.00 47.05 31.91
CA PRO C 420 -19.89 46.46 33.25
C PRO C 420 -20.71 45.18 33.38
N VAL C 421 -20.18 44.26 34.18
CA VAL C 421 -20.83 42.95 34.35
C VAL C 421 -22.24 43.16 34.92
N PRO C 422 -23.26 42.53 34.35
CA PRO C 422 -24.62 42.74 34.86
C PRO C 422 -24.76 42.23 36.29
N ASP C 423 -25.75 42.80 36.98
CA ASP C 423 -25.95 42.49 38.40
C ASP C 423 -26.21 41.00 38.60
N TRP C 424 -27.08 40.42 37.77
CA TRP C 424 -27.43 39.00 37.93
C TRP C 424 -26.21 38.11 37.73
N LEU C 425 -25.45 38.35 36.65
CA LEU C 425 -24.29 37.52 36.37
C LEU C 425 -23.23 37.68 37.45
N ARG C 426 -22.97 38.92 37.88
CA ARG C 426 -21.99 39.15 38.93
C ARG C 426 -22.38 38.43 40.20
N HIS C 427 -23.62 38.64 40.67
CA HIS C 427 -24.06 37.99 41.90
C HIS C 427 -23.95 36.48 41.79
N LEU C 428 -24.52 35.91 40.72
CA LEU C 428 -24.52 34.46 40.55
C LEU C 428 -23.09 33.91 40.56
N VAL C 429 -22.28 34.32 39.58
CA VAL C 429 -20.96 33.71 39.41
C VAL C 429 -20.07 33.97 40.62
N LEU C 430 -20.06 35.20 41.13
CA LEU C 430 -19.11 35.55 42.18
C LEU C 430 -19.58 35.18 43.58
N ASP C 431 -20.83 34.77 43.77
CA ASP C 431 -21.25 34.29 45.08
C ASP C 431 -21.64 32.82 45.07
N ARG C 432 -22.63 32.42 44.28
CA ARG C 432 -23.14 31.05 44.37
C ARG C 432 -22.13 30.06 43.80
N ILE C 433 -21.62 30.33 42.61
CA ILE C 433 -20.65 29.43 42.00
C ILE C 433 -19.34 29.46 42.79
N ALA C 434 -18.97 30.62 43.33
CA ALA C 434 -17.77 30.71 44.15
C ALA C 434 -17.90 29.87 45.41
N TRP C 435 -19.07 29.88 46.06
CA TRP C 435 -19.26 29.07 47.25
C TRP C 435 -19.37 27.60 46.89
N ILE C 436 -19.85 27.28 45.69
CA ILE C 436 -19.81 25.90 45.21
C ILE C 436 -18.36 25.44 45.07
N LEU C 437 -17.51 26.29 44.51
CA LEU C 437 -16.11 25.95 44.32
C LEU C 437 -15.30 26.20 45.59
N LEU C 501 -6.91 85.67 36.96
CA LEU C 501 -6.12 84.61 37.58
C LEU C 501 -6.06 83.38 36.67
N ALA C 502 -4.85 82.95 36.33
CA ALA C 502 -4.65 81.81 35.45
C ALA C 502 -4.64 80.49 36.19
N VAL C 503 -4.84 80.50 37.51
CA VAL C 503 -4.92 79.25 38.26
C VAL C 503 -6.10 78.42 37.79
N ARG C 504 -7.22 79.07 37.46
CA ARG C 504 -8.37 78.36 36.91
C ARG C 504 -8.01 77.67 35.60
N GLY C 505 -7.29 78.37 34.72
CA GLY C 505 -6.83 77.76 33.48
C GLY C 505 -5.88 76.60 33.73
N LEU C 506 -5.04 76.72 34.76
CA LEU C 506 -4.16 75.62 35.14
C LEU C 506 -4.96 74.40 35.56
N LEU C 507 -6.07 74.63 36.29
CA LEU C 507 -6.87 73.52 36.80
C LEU C 507 -7.57 72.76 35.68
N GLN C 508 -7.92 73.44 34.58
CA GLN C 508 -8.66 72.78 33.51
C GLN C 508 -7.83 71.68 32.84
N GLU C 509 -6.55 71.94 32.59
CA GLU C 509 -5.71 70.94 31.96
C GLU C 509 -5.52 69.72 32.87
N LEU C 510 -5.31 69.96 34.17
CA LEU C 510 -5.20 68.86 35.12
C LEU C 510 -6.50 68.06 35.17
N SER C 511 -7.64 68.75 35.13
CA SER C 511 -8.92 68.05 35.12
C SER C 511 -9.07 67.18 33.88
N SER C 512 -8.65 67.69 32.73
CA SER C 512 -8.73 66.89 31.51
C SER C 512 -7.82 65.66 31.57
N ILE C 513 -6.60 65.84 32.06
CA ILE C 513 -5.68 64.71 32.21
C ILE C 513 -6.26 63.67 33.17
N ARG C 514 -6.80 64.13 34.29
CA ARG C 514 -7.43 63.24 35.26
C ARG C 514 -8.62 62.52 34.63
N HIS C 515 -9.38 63.20 33.77
CA HIS C 515 -10.51 62.56 33.09
C HIS C 515 -10.03 61.44 32.19
N PHE C 516 -8.98 61.68 31.41
CA PHE C 516 -8.47 60.62 30.53
C PHE C 516 -7.97 59.43 31.33
N LEU C 517 -7.22 59.70 32.41
CA LEU C 517 -6.72 58.62 33.25
C LEU C 517 -7.86 57.85 33.90
N GLU C 518 -8.90 58.56 34.34
CA GLU C 518 -10.06 57.90 34.94
C GLU C 518 -10.78 57.02 33.93
N LYS C 519 -10.91 57.48 32.68
CA LYS C 519 -11.54 56.66 31.66
C LYS C 519 -10.76 55.38 31.42
N ARG C 520 -9.44 55.51 31.31
CA ARG C 520 -8.61 54.31 31.11
C ARG C 520 -8.71 53.37 32.31
N ASP C 521 -8.70 53.92 33.52
CA ASP C 521 -8.80 53.09 34.72
C ASP C 521 -10.15 52.37 34.79
N GLU C 522 -11.22 53.05 34.42
CA GLU C 522 -12.55 52.43 34.44
C GLU C 522 -12.62 51.29 33.42
N MET C 523 -12.06 51.50 32.23
CA MET C 523 -12.02 50.42 31.26
C MET C 523 -11.22 49.23 31.79
N ARG C 524 -10.08 49.51 32.44
CA ARG C 524 -9.27 48.44 33.00
C ARG C 524 -10.04 47.68 34.09
N GLU C 525 -10.77 48.40 34.93
CA GLU C 525 -11.52 47.76 36.01
C GLU C 525 -12.64 46.89 35.46
N VAL C 526 -13.33 47.36 34.42
CA VAL C 526 -14.37 46.54 33.78
C VAL C 526 -13.75 45.27 33.21
N ALA C 527 -12.61 45.41 32.54
CA ALA C 527 -11.92 44.23 32.02
C ALA C 527 -11.53 43.27 33.14
N ARG C 528 -11.09 43.81 34.27
CA ARG C 528 -10.71 42.98 35.41
C ARG C 528 -11.91 42.20 35.94
N ASP C 529 -13.06 42.86 36.06
CA ASP C 529 -14.25 42.17 36.54
C ASP C 529 -14.66 41.05 35.60
N TRP C 530 -14.64 41.33 34.29
CA TRP C 530 -14.98 40.29 33.32
C TRP C 530 -13.99 39.14 33.36
N LEU C 531 -12.71 39.45 33.55
CA LEU C 531 -11.69 38.41 33.65
C LEU C 531 -11.90 37.55 34.88
N ARG C 532 -12.28 38.16 36.01
CA ARG C 532 -12.56 37.38 37.21
C ARG C 532 -13.74 36.44 36.99
N VAL C 533 -14.81 36.95 36.38
CA VAL C 533 -15.97 36.09 36.11
C VAL C 533 -15.58 34.94 35.19
N GLY C 534 -14.81 35.24 34.15
CA GLY C 534 -14.35 34.19 33.23
C GLY C 534 -13.48 33.17 33.92
N TYR C 535 -12.61 33.60 34.82
CA TYR C 535 -11.75 32.67 35.54
C TYR C 535 -12.56 31.73 36.42
N VAL C 536 -13.55 32.26 37.14
CA VAL C 536 -14.38 31.42 37.99
C VAL C 536 -15.15 30.40 37.15
N LEU C 537 -15.74 30.88 36.04
CA LEU C 537 -16.49 29.98 35.18
C LEU C 537 -15.59 28.91 34.56
N ASP C 538 -14.36 29.30 34.19
CA ASP C 538 -13.43 28.35 33.61
C ASP C 538 -13.04 27.27 34.63
N ARG C 539 -12.82 27.67 35.88
CA ARG C 539 -12.52 26.69 36.92
C ARG C 539 -13.67 25.71 37.10
N LEU C 540 -14.90 26.23 37.17
CA LEU C 540 -16.06 25.34 37.35
C LEU C 540 -16.20 24.38 36.17
N LEU C 541 -16.08 24.90 34.95
CA LEU C 541 -16.25 24.06 33.77
C LEU C 541 -15.12 23.06 33.62
N PHE C 542 -13.90 23.42 34.02
CA PHE C 542 -12.81 22.45 34.03
C PHE C 542 -13.08 21.33 35.01
N ARG C 543 -13.60 21.65 36.19
CA ARG C 543 -13.95 20.59 37.14
C ARG C 543 -15.04 19.69 36.57
N ILE C 544 -16.06 20.28 35.93
CA ILE C 544 -17.13 19.48 35.35
C ILE C 544 -16.59 18.57 34.24
N TYR C 545 -15.72 19.11 33.39
CA TYR C 545 -15.15 18.32 32.30
C TYR C 545 -14.27 17.18 32.84
N LEU C 546 -13.51 17.46 33.89
CA LEU C 546 -12.70 16.41 34.50
C LEU C 546 -13.58 15.31 35.08
N LEU C 547 -14.68 15.68 35.73
CA LEU C 547 -15.60 14.68 36.26
C LEU C 547 -16.21 13.85 35.13
N ALA C 548 -16.58 14.51 34.03
CA ALA C 548 -17.16 13.78 32.90
C ALA C 548 -16.15 12.81 32.29
N VAL C 549 -14.89 13.25 32.15
CA VAL C 549 -13.86 12.37 31.60
C VAL C 549 -13.62 11.18 32.52
N LEU C 550 -13.58 11.42 33.83
CA LEU C 550 -13.40 10.33 34.78
C LEU C 550 -14.57 9.35 34.71
N ALA C 551 -15.80 9.87 34.60
CA ALA C 551 -16.96 8.99 34.48
C ALA C 551 -16.89 8.15 33.21
N TYR C 552 -16.50 8.77 32.10
CA TYR C 552 -16.37 8.02 30.85
C TYR C 552 -15.33 6.92 30.95
N SER C 553 -14.17 7.24 31.54
CA SER C 553 -13.12 6.23 31.70
C SER C 553 -13.57 5.11 32.62
N ILE C 554 -14.26 5.44 33.71
CA ILE C 554 -14.75 4.42 34.63
C ILE C 554 -15.78 3.53 33.94
N THR C 555 -16.66 4.12 33.14
CA THR C 555 -17.64 3.34 32.40
C THR C 555 -16.96 2.38 31.43
N LEU C 556 -15.95 2.86 30.71
CA LEU C 556 -15.22 1.98 29.79
C LEU C 556 -14.54 0.84 30.54
N VAL C 557 -13.92 1.15 31.68
CA VAL C 557 -13.22 0.12 32.45
C VAL C 557 -14.21 -0.92 32.96
N THR C 558 -15.35 -0.48 33.48
CA THR C 558 -16.33 -1.42 34.02
C THR C 558 -17.00 -2.23 32.92
N LEU C 559 -17.08 -1.66 31.70
CA LEU C 559 -17.57 -2.44 30.57
C LEU C 559 -16.57 -3.50 30.16
N TRP C 560 -15.27 -3.18 30.22
CA TRP C 560 -14.25 -4.17 29.89
C TRP C 560 -14.17 -5.26 30.96
N SER C 561 -14.47 -4.90 32.22
CA SER C 561 -14.35 -5.86 33.31
C SER C 561 -15.36 -7.00 33.17
N ILE C 562 -16.61 -6.67 32.82
CA ILE C 562 -17.65 -7.69 32.75
C ILE C 562 -17.39 -8.67 31.60
N TRP C 563 -16.72 -8.21 30.55
CA TRP C 563 -16.40 -9.11 29.45
C TRP C 563 -15.26 -10.06 29.82
N HIS C 564 -14.37 -9.64 30.72
CA HIS C 564 -13.26 -10.48 31.16
C HIS C 564 -13.76 -11.69 31.94
N THR D 112 26.60 -54.80 -28.15
CA THR D 112 26.12 -54.23 -29.40
C THR D 112 25.43 -52.89 -29.17
N GLN D 113 24.27 -52.94 -28.52
CA GLN D 113 23.54 -51.73 -28.20
C GLN D 113 24.29 -50.92 -27.14
N PRO D 114 24.06 -49.61 -27.06
CA PRO D 114 24.72 -48.81 -26.02
C PRO D 114 24.38 -49.32 -24.62
N ALA D 115 25.36 -49.21 -23.72
CA ALA D 115 25.20 -49.76 -22.38
C ALA D 115 24.08 -49.08 -21.62
N LEU D 116 23.96 -47.75 -21.76
CA LEU D 116 22.90 -47.03 -21.05
C LEU D 116 21.53 -47.46 -21.53
N LEU D 117 21.35 -47.61 -22.84
CA LEU D 117 20.07 -48.04 -23.37
C LEU D 117 19.70 -49.43 -22.88
N ARG D 118 20.65 -50.36 -22.93
CA ARG D 118 20.38 -51.72 -22.45
C ARG D 118 20.05 -51.73 -20.97
N LEU D 119 20.78 -50.94 -20.17
CA LEU D 119 20.52 -50.88 -18.74
C LEU D 119 19.13 -50.31 -18.46
N SER D 120 18.74 -49.25 -19.19
CA SER D 120 17.43 -48.66 -18.97
C SER D 120 16.32 -49.62 -19.37
N ASP D 121 16.49 -50.34 -20.48
CA ASP D 121 15.51 -51.34 -20.88
C ASP D 121 15.43 -52.47 -19.86
N HIS D 122 16.57 -52.88 -19.30
CA HIS D 122 16.57 -53.96 -18.32
C HIS D 122 15.88 -53.53 -17.03
N LEU D 123 16.10 -52.28 -16.60
CA LEU D 123 15.53 -51.82 -15.34
C LEU D 123 14.06 -51.44 -15.47
N LEU D 124 13.77 -50.49 -16.37
CA LEU D 124 12.45 -49.86 -16.40
C LEU D 124 11.38 -50.73 -17.07
N ALA D 125 11.76 -51.81 -17.75
CA ALA D 125 10.76 -52.71 -18.29
C ALA D 125 10.06 -53.46 -17.16
N ASN D 126 8.75 -53.69 -17.33
CA ASN D 126 7.88 -54.33 -16.35
C ASN D 126 8.18 -53.86 -14.93
N TYR D 127 8.45 -52.57 -14.76
CA TYR D 127 8.71 -51.96 -13.47
C TYR D 127 7.51 -51.10 -13.09
N LYS D 128 6.93 -51.39 -11.93
CA LYS D 128 5.75 -50.69 -11.46
C LYS D 128 6.18 -49.56 -10.52
N LYS D 129 5.82 -48.33 -10.87
CA LYS D 129 6.20 -47.16 -10.09
C LYS D 129 5.24 -46.87 -8.95
N GLY D 130 4.13 -47.58 -8.86
CA GLY D 130 3.20 -47.46 -7.77
C GLY D 130 3.41 -48.43 -6.64
N VAL D 131 4.47 -49.22 -6.68
CA VAL D 131 4.75 -50.26 -5.68
C VAL D 131 5.95 -49.81 -4.86
N ARG D 132 5.83 -49.90 -3.54
CA ARG D 132 6.95 -49.59 -2.67
C ARG D 132 8.07 -50.60 -2.93
N PRO D 133 9.28 -50.15 -3.25
CA PRO D 133 10.33 -51.06 -3.75
C PRO D 133 11.02 -51.90 -2.67
N VAL D 134 10.32 -52.94 -2.24
CA VAL D 134 10.88 -53.91 -1.30
C VAL D 134 10.47 -55.30 -1.73
N ARG D 135 11.43 -56.24 -1.72
CA ARG D 135 11.09 -57.63 -1.97
C ARG D 135 10.31 -58.22 -0.80
N ASP D 136 10.58 -57.76 0.41
CA ASP D 136 9.84 -58.15 1.60
C ASP D 136 9.06 -56.94 2.08
N TRP D 137 7.74 -57.06 2.12
CA TRP D 137 6.89 -55.94 2.52
C TRP D 137 7.02 -55.60 4.01
N ARG D 138 7.62 -56.48 4.81
CA ARG D 138 7.77 -56.20 6.24
C ARG D 138 8.86 -55.16 6.51
N LYS D 139 9.90 -55.13 5.69
CA LYS D 139 10.92 -54.12 5.99
C LYS D 139 10.55 -52.78 5.36
N PRO D 140 10.87 -51.68 6.04
CA PRO D 140 10.56 -50.35 5.50
C PRO D 140 11.68 -49.84 4.60
N THR D 141 11.34 -48.80 3.83
CA THR D 141 12.31 -48.10 2.99
C THR D 141 12.86 -46.93 3.79
N THR D 142 14.10 -47.06 4.26
CA THR D 142 14.73 -46.03 5.08
C THR D 142 15.19 -44.89 4.19
N VAL D 143 14.47 -43.77 4.26
CA VAL D 143 14.83 -42.59 3.47
C VAL D 143 15.79 -41.73 4.30
N SER D 144 16.99 -41.52 3.77
CA SER D 144 17.98 -40.68 4.42
C SER D 144 17.85 -39.25 3.89
N ILE D 145 17.88 -38.28 4.79
CA ILE D 145 17.47 -36.92 4.47
C ILE D 145 18.60 -35.94 4.79
N ASP D 146 18.63 -34.84 4.04
CA ASP D 146 19.59 -33.77 4.26
C ASP D 146 18.99 -32.46 3.77
N VAL D 147 19.19 -31.40 4.54
CA VAL D 147 18.63 -30.08 4.24
C VAL D 147 19.72 -29.03 4.41
N ILE D 148 19.84 -28.14 3.43
CA ILE D 148 20.78 -27.03 3.47
C ILE D 148 19.99 -25.76 3.19
N MET D 149 20.11 -24.78 4.09
CA MET D 149 19.38 -23.52 3.92
C MET D 149 20.09 -22.65 2.89
N TYR D 150 19.34 -22.15 1.92
CA TYR D 150 19.87 -21.23 0.91
C TYR D 150 19.60 -19.77 1.26
N ALA D 151 18.34 -19.41 1.50
CA ALA D 151 18.01 -18.03 1.81
C ALA D 151 16.71 -18.01 2.60
N ILE D 152 16.53 -16.93 3.37
CA ILE D 152 15.30 -16.69 4.11
C ILE D 152 14.53 -15.59 3.39
N LEU D 153 13.62 -15.99 2.51
CA LEU D 153 12.99 -15.02 1.62
C LEU D 153 12.14 -14.01 2.38
N ASN D 154 11.39 -14.46 3.38
CA ASN D 154 10.47 -13.57 4.06
C ASN D 154 10.10 -14.17 5.41
N VAL D 155 10.17 -13.35 6.47
CA VAL D 155 9.63 -13.69 7.78
C VAL D 155 8.52 -12.69 8.07
N ASP D 156 7.29 -13.16 8.12
CA ASP D 156 6.11 -12.31 8.25
C ASP D 156 5.55 -12.54 9.66
N GLU D 157 5.72 -11.54 10.53
CA GLU D 157 5.26 -11.66 11.90
C GLU D 157 3.76 -11.47 12.03
N LYS D 158 3.10 -10.93 11.01
CA LYS D 158 1.66 -10.67 11.09
C LYS D 158 0.86 -11.97 11.00
N ASN D 159 1.00 -12.67 9.87
CA ASN D 159 0.34 -13.97 9.71
C ASN D 159 1.16 -15.13 10.26
N GLN D 160 2.38 -14.86 10.74
CA GLN D 160 3.23 -15.88 11.36
C GLN D 160 3.56 -17.01 10.39
N VAL D 161 4.11 -16.64 9.23
CA VAL D 161 4.56 -17.59 8.22
C VAL D 161 6.00 -17.27 7.88
N LEU D 162 6.80 -18.31 7.67
CA LEU D 162 8.20 -18.19 7.31
C LEU D 162 8.42 -18.73 5.91
N THR D 163 9.01 -17.91 5.04
CA THR D 163 9.31 -18.30 3.67
C THR D 163 10.82 -18.48 3.54
N THR D 164 11.23 -19.70 3.17
CA THR D 164 12.65 -20.02 3.03
C THR D 164 12.87 -20.84 1.78
N TYR D 165 14.10 -20.78 1.27
CA TYR D 165 14.55 -21.60 0.15
C TYR D 165 15.65 -22.52 0.66
N ILE D 166 15.48 -23.82 0.42
CA ILE D 166 16.42 -24.82 0.90
C ILE D 166 16.84 -25.72 -0.26
N TRP D 167 18.01 -26.34 -0.09
CA TRP D 167 18.49 -27.36 -1.02
C TRP D 167 18.27 -28.71 -0.34
N TYR D 168 17.38 -29.52 -0.92
CA TYR D 168 16.90 -30.75 -0.29
C TYR D 168 17.39 -31.94 -1.10
N ARG D 169 18.02 -32.89 -0.43
CA ARG D 169 18.43 -34.13 -1.08
C ARG D 169 18.06 -35.31 -0.19
N GLN D 170 17.70 -36.42 -0.82
CA GLN D 170 17.32 -37.62 -0.10
C GLN D 170 17.75 -38.83 -0.92
N TYR D 171 17.99 -39.94 -0.24
CA TYR D 171 18.33 -41.17 -0.94
C TYR D 171 17.74 -42.37 -0.20
N TRP D 172 17.18 -43.29 -0.98
CA TRP D 172 16.58 -44.50 -0.46
C TRP D 172 17.01 -45.68 -1.33
N THR D 173 16.97 -46.87 -0.75
CA THR D 173 17.41 -48.08 -1.44
C THR D 173 16.22 -48.67 -2.19
N ASP D 174 16.27 -48.59 -3.52
CA ASP D 174 15.27 -49.23 -4.38
C ASP D 174 15.77 -50.63 -4.73
N GLU D 175 15.04 -51.66 -4.29
CA GLU D 175 15.48 -53.03 -4.46
C GLU D 175 15.13 -53.61 -5.82
N PHE D 176 14.46 -52.85 -6.69
CA PHE D 176 14.19 -53.29 -8.05
C PHE D 176 15.16 -52.71 -9.06
N LEU D 177 15.75 -51.55 -8.77
CA LEU D 177 16.74 -50.93 -9.66
C LEU D 177 18.14 -51.37 -9.26
N GLN D 178 18.40 -52.66 -9.46
CA GLN D 178 19.68 -53.26 -9.15
C GLN D 178 20.19 -54.05 -10.34
N TRP D 179 21.51 -54.01 -10.55
CA TRP D 179 22.12 -54.73 -11.64
C TRP D 179 23.59 -54.97 -11.30
N THR D 180 24.21 -55.88 -12.05
CA THR D 180 25.65 -56.10 -11.94
C THR D 180 26.36 -55.29 -13.02
N PRO D 181 27.34 -54.46 -12.66
CA PRO D 181 27.98 -53.61 -13.67
C PRO D 181 28.65 -54.38 -14.80
N GLU D 182 29.20 -55.56 -14.52
CA GLU D 182 29.98 -56.28 -15.52
C GLU D 182 29.15 -56.67 -16.75
N ASP D 183 27.83 -56.73 -16.63
CA ASP D 183 26.98 -57.09 -17.75
C ASP D 183 26.57 -55.90 -18.60
N PHE D 184 26.90 -54.68 -18.21
CA PHE D 184 26.48 -53.46 -18.91
C PHE D 184 27.65 -52.52 -19.10
N ASP D 185 28.79 -53.05 -19.53
CA ASP D 185 29.99 -52.26 -19.82
C ASP D 185 30.44 -51.46 -18.60
N ASN D 186 30.39 -52.10 -17.43
CA ASN D 186 30.93 -51.56 -16.18
C ASN D 186 30.30 -50.23 -15.80
N VAL D 187 29.03 -50.03 -16.11
CA VAL D 187 28.32 -48.82 -15.67
C VAL D 187 27.90 -49.02 -14.22
N THR D 188 28.29 -48.08 -13.35
CA THR D 188 27.98 -48.18 -11.93
C THR D 188 26.82 -47.29 -11.51
N LYS D 189 26.49 -46.26 -12.29
CA LYS D 189 25.37 -45.40 -11.97
C LYS D 189 24.83 -44.80 -13.25
N LEU D 190 23.57 -44.37 -13.19
CA LEU D 190 22.93 -43.74 -14.34
C LEU D 190 21.81 -42.85 -13.84
N SER D 191 21.38 -41.94 -14.70
CA SER D 191 20.29 -41.01 -14.39
C SER D 191 18.99 -41.57 -14.93
N ILE D 192 17.96 -41.59 -14.09
CA ILE D 192 16.65 -42.12 -14.44
C ILE D 192 15.62 -41.03 -14.17
N PRO D 193 14.64 -40.82 -15.05
CA PRO D 193 13.64 -39.78 -14.80
C PRO D 193 12.89 -40.01 -13.50
N THR D 194 12.59 -38.92 -12.80
CA THR D 194 11.90 -39.02 -11.52
C THR D 194 10.49 -39.56 -11.67
N ASP D 195 9.88 -39.38 -12.84
CA ASP D 195 8.52 -39.84 -13.07
C ASP D 195 8.44 -41.32 -13.39
N SER D 196 9.57 -42.00 -13.58
CA SER D 196 9.59 -43.40 -13.94
C SER D 196 9.87 -44.33 -12.77
N ILE D 197 10.04 -43.79 -11.56
CA ILE D 197 10.39 -44.59 -10.39
C ILE D 197 9.51 -44.19 -9.21
N TRP D 198 9.47 -45.06 -8.21
CA TRP D 198 8.76 -44.77 -6.98
C TRP D 198 9.53 -43.73 -6.17
N VAL D 199 8.83 -42.69 -5.72
CA VAL D 199 9.44 -41.62 -4.95
C VAL D 199 8.66 -41.44 -3.66
N PRO D 200 9.30 -41.43 -2.50
CA PRO D 200 8.56 -41.26 -1.24
C PRO D 200 7.92 -39.89 -1.16
N ASP D 201 6.77 -39.83 -0.48
CA ASP D 201 6.01 -38.60 -0.35
C ASP D 201 6.39 -37.86 0.94
N ILE D 202 7.67 -37.52 1.04
CA ILE D 202 8.19 -36.79 2.19
C ILE D 202 7.86 -35.32 1.99
N LEU D 203 7.12 -34.75 2.94
CA LEU D 203 6.76 -33.33 2.87
C LEU D 203 6.57 -32.80 4.28
N ILE D 204 6.57 -31.48 4.40
CA ILE D 204 6.66 -30.81 5.70
C ILE D 204 5.27 -30.65 6.30
N ASN D 205 5.17 -30.92 7.60
CA ASN D 205 3.91 -30.70 8.33
C ASN D 205 3.57 -29.22 8.38
N GLU D 206 4.56 -28.36 8.61
CA GLU D 206 4.33 -26.94 8.84
C GLU D 206 3.84 -26.19 7.60
N PHE D 207 3.62 -26.89 6.48
CA PHE D 207 3.17 -26.23 5.26
C PHE D 207 1.84 -25.52 5.46
N VAL D 208 1.74 -24.29 4.97
CA VAL D 208 0.49 -23.57 4.87
C VAL D 208 0.21 -23.08 3.46
N ASP D 209 1.13 -23.28 2.53
CA ASP D 209 1.00 -22.88 1.15
C ASP D 209 2.10 -23.59 0.37
N VAL D 210 1.78 -23.97 -0.86
CA VAL D 210 2.74 -24.74 -1.67
C VAL D 210 3.73 -23.77 -2.30
N GLY D 211 5.02 -24.11 -2.21
CA GLY D 211 6.05 -23.26 -2.76
C GLY D 211 6.36 -23.59 -4.21
N LYS D 212 6.59 -22.53 -4.98
CA LYS D 212 6.93 -22.66 -6.39
C LYS D 212 8.44 -22.87 -6.51
N SER D 213 8.85 -24.08 -6.86
CA SER D 213 10.24 -24.47 -6.96
C SER D 213 10.49 -25.21 -8.26
N PRO D 214 11.71 -25.10 -8.81
CA PRO D 214 12.01 -25.82 -10.05
C PRO D 214 11.87 -27.32 -9.87
N ASN D 215 11.45 -27.99 -10.94
CA ASN D 215 11.24 -29.43 -10.94
C ASN D 215 12.48 -30.11 -11.53
N ILE D 216 13.09 -31.00 -10.76
CA ILE D 216 14.27 -31.75 -11.19
C ILE D 216 13.78 -33.02 -11.87
N PRO D 217 14.05 -33.21 -13.17
CA PRO D 217 13.50 -34.37 -13.87
C PRO D 217 14.27 -35.67 -13.76
N TYR D 218 15.50 -35.65 -13.23
CA TYR D 218 16.34 -36.84 -13.19
C TYR D 218 16.81 -37.13 -11.77
N VAL D 219 17.02 -38.41 -11.49
CA VAL D 219 17.58 -38.87 -10.23
C VAL D 219 18.66 -39.90 -10.53
N TYR D 220 19.69 -39.93 -9.69
CA TYR D 220 20.78 -40.88 -9.88
C TYR D 220 20.44 -42.21 -9.23
N VAL D 221 20.74 -43.30 -9.93
CA VAL D 221 20.53 -44.65 -9.45
C VAL D 221 21.83 -45.42 -9.54
N HIS D 222 22.25 -46.04 -8.44
CA HIS D 222 23.47 -46.82 -8.41
C HIS D 222 23.16 -48.30 -8.64
N HIS D 223 24.23 -49.07 -8.85
CA HIS D 223 24.07 -50.48 -9.20
C HIS D 223 23.62 -51.34 -8.02
N ARG D 224 23.61 -50.79 -6.80
CA ARG D 224 23.09 -51.52 -5.64
C ARG D 224 21.73 -51.00 -5.20
N GLY D 225 21.09 -50.15 -6.00
CA GLY D 225 19.74 -49.71 -5.75
C GLY D 225 19.60 -48.32 -5.16
N GLU D 226 20.70 -47.74 -4.67
CA GLU D 226 20.62 -46.42 -4.05
C GLU D 226 20.17 -45.38 -5.07
N VAL D 227 19.06 -44.70 -4.77
CA VAL D 227 18.49 -43.68 -5.63
C VAL D 227 18.63 -42.34 -4.93
N GLN D 228 19.31 -41.40 -5.58
CA GLN D 228 19.62 -40.10 -5.00
C GLN D 228 18.77 -39.04 -5.70
N ASN D 229 18.01 -38.28 -4.92
CA ASN D 229 17.09 -37.27 -5.44
C ASN D 229 17.51 -35.90 -4.91
N TYR D 230 18.00 -35.05 -5.80
CA TYR D 230 18.36 -33.67 -5.46
C TYR D 230 17.27 -32.74 -5.95
N LYS D 231 16.84 -31.82 -5.09
CA LYS D 231 15.74 -30.92 -5.45
C LYS D 231 15.76 -29.66 -4.60
N PRO D 232 15.63 -28.48 -5.21
CA PRO D 232 15.45 -27.27 -4.42
C PRO D 232 13.98 -27.08 -4.05
N LEU D 233 13.75 -26.59 -2.83
CA LEU D 233 12.40 -26.43 -2.31
C LEU D 233 12.22 -25.03 -1.74
N GLN D 234 11.14 -24.38 -2.12
CA GLN D 234 10.72 -23.13 -1.50
C GLN D 234 9.59 -23.45 -0.52
N LEU D 235 9.77 -23.05 0.73
CA LEU D 235 8.89 -23.45 1.81
C LEU D 235 8.15 -22.24 2.36
N VAL D 236 6.84 -22.37 2.50
CA VAL D 236 6.01 -21.37 3.18
C VAL D 236 5.40 -22.08 4.38
N THR D 237 6.07 -21.99 5.52
CA THR D 237 5.72 -22.75 6.71
C THR D 237 5.27 -21.83 7.83
N ALA D 238 4.29 -22.29 8.62
CA ALA D 238 3.83 -21.55 9.77
C ALA D 238 4.78 -21.74 10.95
N CYS D 239 5.00 -20.68 11.71
CA CYS D 239 5.88 -20.72 12.86
C CYS D 239 5.40 -19.72 13.89
N SER D 240 5.81 -19.95 15.15
CA SER D 240 5.51 -19.04 16.24
C SER D 240 6.61 -18.00 16.34
N LEU D 241 6.31 -16.77 15.95
CA LEU D 241 7.28 -15.68 15.94
C LEU D 241 7.04 -14.79 17.16
N ASP D 242 7.95 -14.86 18.12
CA ASP D 242 7.87 -14.04 19.33
C ASP D 242 8.74 -12.81 19.12
N ILE D 243 8.12 -11.63 19.09
CA ILE D 243 8.83 -10.39 18.83
C ILE D 243 8.99 -9.56 20.11
N TYR D 244 9.01 -10.21 21.28
CA TYR D 244 9.19 -9.49 22.53
C TYR D 244 10.47 -8.67 22.55
N ASN D 245 11.50 -9.16 21.86
CA ASN D 245 12.76 -8.44 21.69
C ASN D 245 12.96 -8.00 20.25
N PHE D 246 11.89 -7.47 19.64
CA PHE D 246 11.74 -7.25 18.20
C PHE D 246 13.01 -6.80 17.47
N PRO D 247 13.69 -5.72 17.91
CA PRO D 247 14.92 -5.34 17.20
C PRO D 247 16.03 -6.38 17.30
N PHE D 248 16.05 -7.19 18.37
CA PHE D 248 17.14 -8.12 18.61
C PHE D 248 16.63 -9.55 18.76
N ASP D 249 15.40 -9.82 18.34
CA ASP D 249 14.79 -11.13 18.58
C ASP D 249 15.48 -12.21 17.76
N VAL D 250 15.62 -13.39 18.36
CA VAL D 250 16.11 -14.57 17.68
C VAL D 250 14.95 -15.55 17.57
N GLN D 251 14.65 -15.98 16.36
CA GLN D 251 13.53 -16.87 16.11
C GLN D 251 13.99 -18.32 16.09
N ASN D 252 13.05 -19.23 16.39
CA ASN D 252 13.33 -20.66 16.47
C ASN D 252 12.21 -21.35 15.69
N CYS D 253 12.41 -21.51 14.40
CA CYS D 253 11.42 -22.10 13.52
C CYS D 253 11.73 -23.56 13.27
N SER D 254 10.69 -24.37 13.14
CA SER D 254 10.81 -25.81 13.00
C SER D 254 10.31 -26.27 11.63
N LEU D 255 11.09 -27.14 10.99
CA LEU D 255 10.69 -27.79 9.76
C LEU D 255 10.64 -29.29 10.01
N THR D 256 9.47 -29.89 9.82
CA THR D 256 9.23 -31.29 10.16
C THR D 256 8.98 -32.09 8.89
N PHE D 257 9.97 -32.86 8.47
CA PHE D 257 9.86 -33.70 7.28
C PHE D 257 9.35 -35.08 7.69
N THR D 258 8.21 -35.47 7.15
CA THR D 258 7.65 -36.78 7.44
C THR D 258 6.77 -37.22 6.28
N SER D 259 6.58 -38.54 6.17
CA SER D 259 5.68 -39.08 5.16
C SER D 259 4.23 -38.81 5.57
N TRP D 260 3.45 -38.25 4.64
CA TRP D 260 2.09 -37.85 4.98
C TRP D 260 1.18 -39.06 5.18
N LEU D 261 1.47 -40.18 4.51
CA LEU D 261 0.62 -41.36 4.57
C LEU D 261 1.30 -42.55 5.22
N HIS D 262 2.50 -42.89 4.79
CA HIS D 262 3.15 -44.12 5.23
C HIS D 262 3.55 -44.02 6.71
N THR D 263 3.32 -45.11 7.44
CA THR D 263 3.72 -45.20 8.84
C THR D 263 5.21 -45.54 8.93
N ILE D 264 5.71 -45.66 10.16
CA ILE D 264 7.11 -45.99 10.36
C ILE D 264 7.44 -47.41 9.89
N GLN D 265 6.44 -48.27 9.77
CA GLN D 265 6.66 -49.62 9.26
C GLN D 265 6.76 -49.65 7.74
N ASP D 266 6.48 -48.55 7.06
CA ASP D 266 6.61 -48.45 5.61
C ASP D 266 7.74 -47.52 5.18
N ILE D 267 7.76 -46.30 5.71
CA ILE D 267 8.79 -45.32 5.38
C ILE D 267 9.37 -44.78 6.68
N ASN D 268 10.69 -44.89 6.84
CA ASN D 268 11.40 -44.33 7.97
C ASN D 268 12.40 -43.29 7.47
N ILE D 269 12.70 -42.32 8.33
CA ILE D 269 13.51 -41.17 7.94
C ILE D 269 14.72 -41.07 8.86
N THR D 270 15.90 -40.88 8.27
CA THR D 270 17.14 -40.66 9.00
C THR D 270 17.87 -39.48 8.35
N LEU D 271 19.11 -39.27 8.74
CA LEU D 271 19.92 -38.15 8.27
C LEU D 271 21.03 -38.66 7.36
N TRP D 272 21.23 -37.97 6.23
CA TRP D 272 22.36 -38.29 5.36
C TRP D 272 23.69 -38.05 6.07
N ARG D 273 23.80 -36.94 6.80
CA ARG D 273 25.02 -36.57 7.49
C ARG D 273 24.78 -36.56 8.99
N SER D 274 25.88 -36.52 9.74
CA SER D 274 25.78 -36.45 11.19
C SER D 274 25.12 -35.13 11.61
N PRO D 275 24.44 -35.11 12.76
CA PRO D 275 23.74 -33.88 13.17
C PRO D 275 24.66 -32.67 13.31
N GLU D 276 25.90 -32.87 13.74
CA GLU D 276 26.83 -31.74 13.87
C GLU D 276 27.14 -31.13 12.51
N GLU D 277 27.31 -31.96 11.48
CA GLU D 277 27.59 -31.44 10.15
C GLU D 277 26.42 -30.62 9.62
N VAL D 278 25.19 -31.09 9.85
CA VAL D 278 24.02 -30.33 9.44
C VAL D 278 23.93 -29.03 10.24
N ARG D 279 24.30 -29.08 11.52
CA ARG D 279 24.25 -27.89 12.36
C ARG D 279 25.23 -26.82 11.88
N SER D 280 26.44 -27.24 11.50
CA SER D 280 27.50 -26.30 11.15
C SER D 280 27.44 -25.82 9.71
N ASP D 281 26.44 -26.23 8.94
CA ASP D 281 26.39 -25.92 7.51
C ASP D 281 25.86 -24.52 7.31
N LYS D 282 26.75 -23.57 7.00
CA LYS D 282 26.38 -22.20 6.66
C LYS D 282 27.19 -21.70 5.48
N SER D 283 27.43 -22.58 4.51
CA SER D 283 28.32 -22.24 3.39
C SER D 283 27.61 -21.42 2.33
N ILE D 284 26.55 -21.97 1.73
CA ILE D 284 25.89 -21.32 0.60
C ILE D 284 24.72 -20.43 1.00
N PHE D 285 24.48 -20.25 2.29
CA PHE D 285 23.41 -19.37 2.75
C PHE D 285 23.67 -17.93 2.34
N ILE D 286 22.63 -17.27 1.83
CA ILE D 286 22.70 -15.85 1.52
C ILE D 286 22.69 -15.08 2.84
N ASN D 287 23.80 -14.43 3.16
CA ASN D 287 24.05 -13.96 4.52
C ASN D 287 23.71 -12.50 4.75
N GLN D 288 23.96 -11.63 3.77
CA GLN D 288 23.92 -10.19 4.01
C GLN D 288 22.49 -9.62 4.01
N GLY D 289 21.47 -10.47 4.05
CA GLY D 289 20.10 -10.02 4.14
C GLY D 289 19.76 -9.51 5.53
N GLU D 290 18.45 -9.41 5.79
CA GLU D 290 18.00 -8.92 7.08
C GLU D 290 18.18 -9.98 8.18
N TRP D 291 17.93 -11.24 7.86
CA TRP D 291 17.95 -12.32 8.84
C TRP D 291 19.26 -13.09 8.75
N GLU D 292 19.85 -13.37 9.90
CA GLU D 292 21.09 -14.12 10.00
C GLU D 292 20.80 -15.51 10.53
N LEU D 293 21.29 -16.53 9.82
CA LEU D 293 21.08 -17.92 10.22
C LEU D 293 22.12 -18.31 11.26
N LEU D 294 21.66 -18.86 12.39
CA LEU D 294 22.56 -19.31 13.43
C LEU D 294 22.94 -20.77 13.27
N GLU D 295 21.95 -21.66 13.16
CA GLU D 295 22.19 -23.08 13.02
C GLU D 295 20.90 -23.75 12.57
N VAL D 296 21.05 -24.98 12.07
CA VAL D 296 19.93 -25.84 11.70
C VAL D 296 20.11 -27.14 12.46
N PHE D 297 19.28 -27.35 13.49
CA PHE D 297 19.48 -28.45 14.41
C PHE D 297 18.51 -29.58 14.09
N PRO D 298 18.97 -30.74 13.63
CA PRO D 298 18.06 -31.84 13.33
C PRO D 298 17.76 -32.71 14.55
N GLN D 299 16.50 -33.13 14.64
CA GLN D 299 16.05 -33.98 15.75
C GLN D 299 15.01 -34.98 15.21
N PHE D 300 15.10 -36.21 15.69
CA PHE D 300 14.22 -37.28 15.25
C PHE D 300 13.22 -37.63 16.35
N LYS D 301 11.94 -37.71 15.98
CA LYS D 301 10.89 -38.08 16.91
C LYS D 301 9.92 -39.01 16.19
N GLU D 302 9.16 -39.77 16.98
CA GLU D 302 8.13 -40.67 16.45
C GLU D 302 6.76 -40.09 16.80
N PHE D 303 6.10 -39.49 15.81
CA PHE D 303 4.79 -38.91 16.02
C PHE D 303 3.73 -40.01 15.94
N SER D 304 2.97 -40.18 17.02
CA SER D 304 1.96 -41.22 17.07
C SER D 304 0.86 -40.83 18.02
N ILE D 305 -0.39 -40.92 17.55
CA ILE D 305 -1.57 -40.78 18.39
C ILE D 305 -2.39 -42.07 18.38
N ASP D 306 -1.73 -43.19 18.09
CA ASP D 306 -2.37 -44.50 18.06
C ASP D 306 -1.32 -45.53 18.48
N ILE D 307 -1.81 -46.69 18.91
CA ILE D 307 -0.90 -47.74 19.37
C ILE D 307 0.00 -48.21 18.24
N SER D 308 -0.56 -48.39 17.04
CA SER D 308 0.19 -48.93 15.92
C SER D 308 0.53 -47.91 14.84
N ASN D 309 -0.22 -46.81 14.75
CA ASN D 309 0.01 -45.81 13.70
C ASN D 309 1.09 -44.82 14.15
N SER D 310 2.33 -45.29 14.10
CA SER D 310 3.48 -44.47 14.43
C SER D 310 4.10 -43.91 13.16
N TYR D 311 4.35 -42.61 13.14
CA TYR D 311 4.90 -41.91 11.99
C TYR D 311 6.27 -41.37 12.33
N ALA D 312 7.25 -41.61 11.45
CA ALA D 312 8.59 -41.12 11.64
C ALA D 312 8.71 -39.71 11.05
N GLU D 313 9.32 -38.80 11.82
CA GLU D 313 9.46 -37.42 11.40
C GLU D 313 10.85 -36.93 11.74
N MET D 314 11.32 -35.95 10.97
CA MET D 314 12.63 -35.34 11.18
C MET D 314 12.44 -33.83 11.30
N LYS D 315 12.79 -33.29 12.46
CA LYS D 315 12.59 -31.88 12.74
C LYS D 315 13.91 -31.13 12.60
N PHE D 316 13.93 -30.11 11.74
CA PHE D 316 15.07 -29.24 11.55
C PHE D 316 14.72 -27.88 12.16
N TYR D 317 15.32 -27.58 13.31
CA TYR D 317 15.03 -26.33 14.01
C TYR D 317 15.86 -25.21 13.38
N VAL D 318 15.23 -24.46 12.48
CA VAL D 318 15.90 -23.34 11.83
C VAL D 318 15.89 -22.16 12.79
N ILE D 319 17.07 -21.76 13.25
CA ILE D 319 17.21 -20.69 14.24
C ILE D 319 17.83 -19.49 13.52
N ILE D 320 17.11 -18.37 13.55
CA ILE D 320 17.51 -17.18 12.82
C ILE D 320 17.47 -15.98 13.76
N ARG D 321 18.46 -15.09 13.62
CA ARG D 321 18.57 -13.90 14.44
C ARG D 321 18.45 -12.66 13.57
N ARG D 322 17.55 -11.75 13.94
CA ARG D 322 17.38 -10.51 13.20
C ARG D 322 18.57 -9.59 13.43
N ARG D 323 18.93 -8.84 12.39
CA ARG D 323 20.01 -7.86 12.49
C ARG D 323 19.42 -6.52 12.90
N PRO D 324 19.75 -5.99 14.07
CA PRO D 324 19.09 -4.76 14.55
C PRO D 324 19.49 -3.51 13.79
N LEU D 325 20.59 -3.53 13.03
CA LEU D 325 21.05 -2.33 12.36
C LEU D 325 20.08 -1.85 11.29
N PHE D 326 19.13 -2.69 10.88
CA PHE D 326 18.11 -2.26 9.92
C PHE D 326 17.29 -1.10 10.47
N TYR D 327 16.87 -1.19 11.73
CA TYR D 327 15.91 -0.27 12.31
C TYR D 327 16.56 0.81 13.18
N ALA D 328 17.88 0.87 13.23
CA ALA D 328 18.55 1.89 14.04
C ALA D 328 18.18 3.29 13.56
N VAL D 329 18.35 3.56 12.27
CA VAL D 329 18.03 4.87 11.72
C VAL D 329 16.53 5.13 11.83
N SER D 330 15.72 4.09 11.67
CA SER D 330 14.27 4.28 11.67
C SER D 330 13.73 4.60 13.05
N LEU D 331 14.35 4.08 14.12
CA LEU D 331 13.83 4.25 15.46
C LEU D 331 14.63 5.24 16.29
N LEU D 332 15.93 5.05 16.44
CA LEU D 332 16.71 5.88 17.36
C LEU D 332 16.82 7.31 16.86
N LEU D 333 17.04 7.50 15.56
CA LEU D 333 17.28 8.84 15.02
C LEU D 333 16.11 9.79 15.23
N PRO D 334 14.86 9.45 14.88
CA PRO D 334 13.78 10.43 15.08
C PRO D 334 13.54 10.79 16.53
N SER D 335 13.55 9.79 17.43
CA SER D 335 13.30 10.07 18.85
C SER D 335 14.41 10.94 19.44
N ILE D 336 15.67 10.62 19.13
CA ILE D 336 16.79 11.41 19.64
C ILE D 336 16.74 12.82 19.09
N PHE D 337 16.42 12.96 17.80
CA PHE D 337 16.32 14.28 17.18
C PHE D 337 15.22 15.11 17.84
N LEU D 338 14.06 14.47 18.13
CA LEU D 338 12.96 15.23 18.71
C LEU D 338 13.23 15.59 20.17
N MET D 339 13.92 14.72 20.91
CA MET D 339 14.37 15.13 22.25
C MET D 339 15.38 16.26 22.18
N VAL D 340 16.26 16.25 21.18
CA VAL D 340 17.23 17.33 21.04
C VAL D 340 16.51 18.66 20.77
N VAL D 341 15.53 18.65 19.87
CA VAL D 341 14.80 19.89 19.60
C VAL D 341 13.94 20.28 20.79
N ASP D 342 13.48 19.31 21.59
CA ASP D 342 12.78 19.65 22.83
C ASP D 342 13.70 20.38 23.79
N ILE D 343 14.93 19.88 23.95
CA ILE D 343 15.90 20.55 24.81
C ILE D 343 16.20 21.95 24.29
N VAL D 344 16.33 22.08 22.97
CA VAL D 344 16.61 23.39 22.37
C VAL D 344 15.46 24.36 22.64
N GLY D 345 14.22 23.89 22.46
CA GLY D 345 13.06 24.73 22.65
C GLY D 345 12.74 25.05 24.10
N PHE D 346 13.26 24.24 25.03
CA PHE D 346 13.11 24.56 26.44
C PHE D 346 13.76 25.89 26.81
N CYS D 347 14.69 26.37 25.99
CA CYS D 347 15.40 27.61 26.28
C CYS D 347 14.57 28.86 26.02
N LEU D 348 13.45 28.75 25.31
CA LEU D 348 12.62 29.91 25.05
C LEU D 348 12.08 30.48 26.35
N PRO D 349 12.02 31.79 26.50
CA PRO D 349 11.47 32.39 27.72
C PRO D 349 10.01 31.99 27.89
N PRO D 350 9.59 31.68 29.12
CA PRO D 350 8.19 31.25 29.33
C PRO D 350 7.17 32.31 28.97
N ASP D 351 7.50 33.59 29.14
CA ASP D 351 6.57 34.67 28.85
C ASP D 351 6.62 35.12 27.39
N SER D 352 7.38 34.43 26.55
CA SER D 352 7.46 34.82 25.14
C SER D 352 6.12 34.66 24.43
N GLY D 353 5.26 33.76 24.91
CA GLY D 353 3.99 33.50 24.29
C GLY D 353 4.01 32.51 23.15
N GLU D 354 5.17 31.94 22.84
CA GLU D 354 5.29 30.95 21.78
C GLU D 354 5.86 29.62 22.26
N ARG D 355 6.26 29.52 23.52
CA ARG D 355 6.82 28.27 24.04
C ARG D 355 5.78 27.15 24.04
N VAL D 356 4.54 27.47 24.43
CA VAL D 356 3.49 26.46 24.44
C VAL D 356 3.17 25.99 23.03
N SER D 357 3.14 26.93 22.07
CA SER D 357 2.93 26.55 20.68
C SER D 357 4.06 25.65 20.17
N PHE D 358 5.30 25.99 20.53
CA PHE D 358 6.43 25.14 20.17
C PHE D 358 6.27 23.74 20.73
N LYS D 359 5.89 23.64 22.01
CA LYS D 359 5.76 22.34 22.65
C LYS D 359 4.64 21.52 22.03
N ILE D 360 3.50 22.14 21.74
CA ILE D 360 2.38 21.39 21.18
C ILE D 360 2.70 20.96 19.75
N THR D 361 3.39 21.80 18.97
CA THR D 361 3.80 21.40 17.64
C THR D 361 4.77 20.23 17.69
N LEU D 362 5.73 20.27 18.64
CA LEU D 362 6.66 19.16 18.80
C LEU D 362 5.94 17.88 19.20
N LEU D 363 4.97 17.99 20.11
CA LEU D 363 4.22 16.80 20.53
C LEU D 363 3.41 16.23 19.36
N LEU D 364 2.83 17.09 18.53
CA LEU D 364 2.13 16.62 17.35
C LEU D 364 3.08 15.90 16.40
N GLY D 365 4.28 16.46 16.21
CA GLY D 365 5.26 15.80 15.36
C GLY D 365 5.65 14.42 15.88
N TYR D 366 5.89 14.31 17.19
CA TYR D 366 6.22 13.01 17.76
C TYR D 366 5.05 12.05 17.65
N SER D 367 3.83 12.54 17.81
CA SER D 367 2.65 11.68 17.70
C SER D 367 2.51 11.11 16.29
N VAL D 368 2.67 11.97 15.26
CA VAL D 368 2.57 11.48 13.90
C VAL D 368 3.72 10.54 13.58
N PHE D 369 4.91 10.81 14.13
CA PHE D 369 6.02 9.88 13.95
C PHE D 369 5.70 8.50 14.53
N LEU D 370 5.15 8.48 15.75
CA LEU D 370 4.81 7.21 16.37
C LEU D 370 3.74 6.47 15.58
N ILE D 371 2.71 7.20 15.12
CA ILE D 371 1.64 6.57 14.36
C ILE D 371 2.17 6.01 13.05
N ILE D 372 3.08 6.72 12.38
CA ILE D 372 3.64 6.21 11.13
C ILE D 372 4.53 5.01 11.39
N VAL D 373 5.38 5.08 12.42
CA VAL D 373 6.31 3.99 12.68
C VAL D 373 5.58 2.75 13.18
N SER D 374 4.36 2.91 13.70
CA SER D 374 3.57 1.75 14.09
C SER D 374 3.27 0.84 12.92
N ASP D 375 3.32 1.35 11.69
CA ASP D 375 3.10 0.53 10.51
C ASP D 375 4.22 -0.48 10.29
N THR D 376 5.42 -0.22 10.82
CA THR D 376 6.54 -1.12 10.68
C THR D 376 6.85 -1.91 11.95
N LEU D 377 6.15 -1.63 13.05
CA LEU D 377 6.37 -2.35 14.30
C LEU D 377 5.35 -3.48 14.41
N PRO D 378 5.78 -4.73 14.36
CA PRO D 378 4.82 -5.84 14.45
C PRO D 378 4.31 -6.05 15.86
N ALA D 379 3.19 -6.78 15.95
CA ALA D 379 2.58 -7.11 17.23
C ALA D 379 2.12 -8.57 17.20
N THR D 380 2.06 -9.18 18.38
CA THR D 380 1.66 -10.57 18.51
C THR D 380 0.71 -10.71 19.69
N ALA D 381 0.09 -11.91 19.78
CA ALA D 381 -0.94 -12.14 20.78
C ALA D 381 -0.39 -12.09 22.20
N ILE D 382 0.76 -12.73 22.43
CA ILE D 382 1.28 -12.82 23.78
C ILE D 382 1.67 -11.45 24.33
N GLY D 383 2.18 -10.57 23.47
CA GLY D 383 2.56 -9.25 23.93
C GLY D 383 3.20 -8.35 22.90
N THR D 384 3.14 -7.04 23.15
CA THR D 384 3.77 -6.03 22.31
C THR D 384 5.29 -6.08 22.49
N PRO D 385 6.04 -5.63 21.49
CA PRO D 385 7.50 -5.56 21.64
C PRO D 385 7.89 -4.61 22.76
N LEU D 386 9.02 -4.92 23.40
CA LEU D 386 9.44 -4.18 24.58
C LEU D 386 9.81 -2.73 24.27
N ILE D 387 10.17 -2.41 23.02
CA ILE D 387 10.54 -1.04 22.69
C ILE D 387 9.33 -0.11 22.75
N GLY D 388 8.12 -0.65 22.77
CA GLY D 388 6.95 0.18 23.02
C GLY D 388 7.01 0.86 24.38
N VAL D 389 7.57 0.16 25.38
CA VAL D 389 7.75 0.76 26.70
C VAL D 389 8.66 1.99 26.61
N TYR D 390 9.77 1.86 25.88
CA TYR D 390 10.69 2.99 25.72
C TYR D 390 10.02 4.13 24.95
N PHE D 391 9.23 3.80 23.92
CA PHE D 391 8.56 4.84 23.16
C PHE D 391 7.55 5.59 24.01
N VAL D 392 6.77 4.87 24.82
CA VAL D 392 5.81 5.56 25.68
C VAL D 392 6.51 6.30 26.81
N VAL D 393 7.70 5.86 27.21
CA VAL D 393 8.49 6.63 28.17
C VAL D 393 8.92 7.96 27.55
N CYS D 394 9.35 7.93 26.29
CA CYS D 394 9.69 9.17 25.60
C CYS D 394 8.46 10.08 25.46
N MET D 395 7.30 9.48 25.16
CA MET D 395 6.05 10.24 25.14
C MET D 395 5.78 10.88 26.50
N ALA D 396 5.99 10.13 27.58
CA ALA D 396 5.75 10.67 28.92
C ALA D 396 6.71 11.80 29.23
N LEU D 397 7.97 11.69 28.79
CA LEU D 397 8.92 12.78 29.00
C LEU D 397 8.49 14.03 28.25
N LEU D 398 8.04 13.88 27.00
CA LEU D 398 7.56 15.04 26.26
C LEU D 398 6.33 15.66 26.92
N VAL D 399 5.42 14.81 27.42
CA VAL D 399 4.22 15.32 28.08
C VAL D 399 4.58 16.04 29.38
N ILE D 400 5.59 15.53 30.11
CA ILE D 400 6.04 16.19 31.32
C ILE D 400 6.65 17.54 30.98
N SER D 401 7.41 17.62 29.88
CA SER D 401 7.94 18.90 29.45
C SER D 401 6.82 19.88 29.12
N LEU D 402 5.79 19.42 28.42
CA LEU D 402 4.65 20.29 28.09
C LEU D 402 3.93 20.76 29.35
N ALA D 403 3.75 19.85 30.32
CA ALA D 403 3.08 20.23 31.56
C ALA D 403 3.90 21.24 32.35
N GLU D 404 5.22 21.07 32.37
CA GLU D 404 6.10 22.04 33.02
C GLU D 404 5.99 23.40 32.35
N THR D 405 5.98 23.42 31.01
CA THR D 405 5.83 24.67 30.29
C THR D 405 4.50 25.35 30.63
N ILE D 406 3.42 24.57 30.67
CA ILE D 406 2.10 25.13 30.98
C ILE D 406 2.07 25.67 32.40
N PHE D 407 2.67 24.95 33.35
CA PHE D 407 2.69 25.40 34.73
C PHE D 407 3.47 26.71 34.87
N ILE D 408 4.63 26.80 34.22
CA ILE D 408 5.42 28.02 34.32
C ILE D 408 4.72 29.18 33.62
N VAL D 409 4.04 28.91 32.51
CA VAL D 409 3.25 29.93 31.83
C VAL D 409 2.14 30.43 32.74
N ARG D 410 1.51 29.52 33.48
CA ARG D 410 0.51 29.93 34.47
C ARG D 410 1.13 30.83 35.53
N LEU D 411 2.34 30.50 35.99
CA LEU D 411 2.98 31.30 37.03
C LEU D 411 3.29 32.72 36.53
N VAL D 412 3.88 32.83 35.33
CA VAL D 412 4.42 34.10 34.89
C VAL D 412 3.45 34.95 34.08
N HIS D 413 2.28 34.42 33.74
CA HIS D 413 1.32 35.20 32.95
C HIS D 413 0.85 36.42 33.73
N LYS D 414 0.82 37.56 33.05
CA LYS D 414 0.50 38.84 33.68
C LYS D 414 -0.97 39.16 33.42
N GLN D 415 -1.79 39.05 34.46
CA GLN D 415 -3.18 39.46 34.42
C GLN D 415 -3.50 40.24 35.69
N ASP D 416 -4.52 41.10 35.60
CA ASP D 416 -4.78 42.08 36.64
C ASP D 416 -5.25 41.48 37.94
N LEU D 417 -5.62 40.19 37.96
CA LEU D 417 -6.02 39.54 39.20
C LEU D 417 -4.84 39.06 40.02
N GLN D 418 -3.62 39.23 39.54
CA GLN D 418 -2.44 38.79 40.27
C GLN D 418 -2.35 39.45 41.62
N ARG D 419 -2.03 38.65 42.64
CA ARG D 419 -1.81 39.09 43.99
C ARG D 419 -0.33 38.95 44.36
N PRO D 420 0.14 39.68 45.36
CA PRO D 420 1.57 39.60 45.71
C PRO D 420 1.98 38.18 46.07
N VAL D 421 3.23 37.85 45.73
CA VAL D 421 3.76 36.50 45.96
C VAL D 421 3.71 36.21 47.46
N PRO D 422 3.18 35.06 47.87
CA PRO D 422 3.11 34.75 49.30
C PRO D 422 4.49 34.66 49.93
N ASP D 423 4.52 34.87 51.25
CA ASP D 423 5.79 34.91 51.98
C ASP D 423 6.52 33.59 51.85
N TRP D 424 5.82 32.47 52.01
CA TRP D 424 6.46 31.16 51.95
C TRP D 424 7.06 30.90 50.58
N LEU D 425 6.27 31.15 49.52
CA LEU D 425 6.75 30.90 48.16
C LEU D 425 7.93 31.81 47.83
N ARG D 426 7.82 33.08 48.18
CA ARG D 426 8.91 34.02 47.91
C ARG D 426 10.19 33.57 48.61
N HIS D 427 10.12 33.33 49.92
CA HIS D 427 11.30 32.91 50.66
C HIS D 427 11.90 31.65 50.07
N LEU D 428 11.07 30.62 49.90
CA LEU D 428 11.57 29.35 49.38
C LEU D 428 12.25 29.53 48.03
N VAL D 429 11.50 29.96 47.02
CA VAL D 429 12.02 30.00 45.66
C VAL D 429 13.21 30.95 45.54
N LEU D 430 13.10 32.14 46.13
CA LEU D 430 14.12 33.16 45.92
C LEU D 430 15.33 33.01 46.85
N ASP D 431 15.28 32.14 47.86
CA ASP D 431 16.47 31.92 48.68
C ASP D 431 16.99 30.49 48.56
N ARG D 432 16.19 29.49 48.91
CA ARG D 432 16.71 28.13 48.97
C ARG D 432 16.97 27.57 47.57
N ILE D 433 16.01 27.71 46.67
CA ILE D 433 16.18 27.22 45.31
C ILE D 433 17.24 28.04 44.59
N ALA D 434 17.30 29.35 44.88
CA ALA D 434 18.34 30.18 44.28
C ALA D 434 19.74 29.74 44.72
N TRP D 435 19.91 29.42 46.00
CA TRP D 435 21.22 28.99 46.47
C TRP D 435 21.52 27.57 45.98
N ILE D 436 20.47 26.78 45.73
CA ILE D 436 20.65 25.50 45.03
C ILE D 436 21.21 25.73 43.64
N LEU D 437 20.66 26.71 42.92
CA LEU D 437 21.07 26.98 41.55
C LEU D 437 22.26 27.93 41.50
N LEU D 501 -8.44 79.76 48.15
CA LEU D 501 -7.20 79.38 47.46
C LEU D 501 -7.42 78.11 46.64
N ALA D 502 -7.14 78.19 45.34
CA ALA D 502 -7.32 77.06 44.44
C ALA D 502 -6.10 76.15 44.37
N VAL D 503 -5.06 76.44 45.15
CA VAL D 503 -3.89 75.55 45.18
C VAL D 503 -4.29 74.19 45.72
N ARG D 504 -5.20 74.16 46.69
CA ARG D 504 -5.73 72.88 47.18
C ARG D 504 -6.43 72.12 46.07
N GLY D 505 -7.23 72.82 45.25
CA GLY D 505 -7.87 72.18 44.12
C GLY D 505 -6.88 71.66 43.11
N LEU D 506 -5.78 72.39 42.90
CA LEU D 506 -4.72 71.91 42.02
C LEU D 506 -4.09 70.63 42.56
N LEU D 507 -3.92 70.55 43.88
CA LEU D 507 -3.26 69.40 44.48
C LEU D 507 -4.10 68.13 44.32
N GLN D 508 -5.42 68.26 44.30
CA GLN D 508 -6.28 67.08 44.21
C GLN D 508 -6.10 66.34 42.90
N GLU D 509 -6.04 67.07 41.78
CA GLU D 509 -5.86 66.42 40.48
C GLU D 509 -4.51 65.73 40.39
N LEU D 510 -3.45 66.39 40.88
CA LEU D 510 -2.13 65.77 40.89
C LEU D 510 -2.12 64.53 41.76
N SER D 511 -2.81 64.57 42.90
CA SER D 511 -2.90 63.41 43.77
C SER D 511 -3.61 62.26 43.07
N SER D 512 -4.69 62.54 42.34
CA SER D 512 -5.39 61.50 41.61
C SER D 512 -4.53 60.89 40.52
N ILE D 513 -3.81 61.73 39.77
CA ILE D 513 -2.91 61.22 38.73
C ILE D 513 -1.83 60.35 39.34
N ARG D 514 -1.25 60.80 40.46
CA ARG D 514 -0.24 60.02 41.16
C ARG D 514 -0.82 58.70 41.66
N HIS D 515 -2.08 58.70 42.09
CA HIS D 515 -2.72 57.47 42.54
C HIS D 515 -2.85 56.47 41.39
N PHE D 516 -3.28 56.93 40.23
CA PHE D 516 -3.40 56.04 39.08
C PHE D 516 -2.04 55.47 38.68
N LEU D 517 -1.03 56.34 38.63
CA LEU D 517 0.31 55.87 38.27
C LEU D 517 0.84 54.89 39.31
N GLU D 518 0.58 55.13 40.59
CA GLU D 518 1.02 54.22 41.63
C GLU D 518 0.34 52.87 41.52
N LYS D 519 -0.96 52.86 41.20
CA LYS D 519 -1.67 51.60 41.01
C LYS D 519 -1.05 50.80 39.86
N ARG D 520 -0.79 51.46 38.74
CA ARG D 520 -0.18 50.78 37.61
C ARG D 520 1.21 50.25 37.97
N ASP D 521 1.99 51.06 38.69
CA ASP D 521 3.34 50.65 39.08
C ASP D 521 3.30 49.45 40.02
N GLU D 522 2.35 49.45 40.96
CA GLU D 522 2.24 48.32 41.89
C GLU D 522 1.85 47.04 41.15
N MET D 523 0.92 47.14 40.20
CA MET D 523 0.59 45.97 39.39
C MET D 523 1.81 45.47 38.62
N ARG D 524 2.58 46.40 38.04
CA ARG D 524 3.78 46.01 37.31
C ARG D 524 4.80 45.33 38.23
N GLU D 525 4.96 45.84 39.44
CA GLU D 525 5.92 45.26 40.38
C GLU D 525 5.49 43.86 40.81
N VAL D 526 4.20 43.65 41.05
CA VAL D 526 3.71 42.32 41.38
C VAL D 526 3.96 41.35 40.23
N ALA D 527 3.69 41.81 39.01
CA ALA D 527 3.97 40.98 37.83
C ALA D 527 5.45 40.65 37.73
N ARG D 528 6.32 41.62 38.03
CA ARG D 528 7.75 41.39 38.00
C ARG D 528 8.18 40.33 39.02
N ASP D 529 7.65 40.41 40.23
CA ASP D 529 7.98 39.42 41.25
C ASP D 529 7.54 38.02 40.81
N TRP D 530 6.33 37.91 40.28
CA TRP D 530 5.85 36.61 39.82
C TRP D 530 6.71 36.09 38.66
N LEU D 531 7.13 37.00 37.76
CA LEU D 531 7.97 36.59 36.64
C LEU D 531 9.33 36.10 37.13
N ARG D 532 9.90 36.76 38.14
CA ARG D 532 11.17 36.31 38.71
C ARG D 532 11.03 34.91 39.31
N VAL D 533 9.96 34.69 40.08
CA VAL D 533 9.74 33.37 40.67
C VAL D 533 9.60 32.32 39.57
N GLY D 534 8.82 32.64 38.53
CA GLY D 534 8.65 31.70 37.44
C GLY D 534 9.94 31.41 36.71
N TYR D 535 10.78 32.42 36.52
CA TYR D 535 12.07 32.21 35.86
C TYR D 535 12.96 31.29 36.67
N VAL D 536 13.03 31.49 37.99
CA VAL D 536 13.86 30.62 38.82
C VAL D 536 13.35 29.20 38.78
N LEU D 537 12.03 29.02 38.90
CA LEU D 537 11.46 27.68 38.86
C LEU D 537 11.69 27.01 37.51
N ASP D 538 11.58 27.79 36.42
CA ASP D 538 11.82 27.25 35.09
C ASP D 538 13.25 26.80 34.93
N ARG D 539 14.20 27.58 35.44
CA ARG D 539 15.61 27.16 35.38
C ARG D 539 15.83 25.86 36.13
N LEU D 540 15.29 25.76 37.35
CA LEU D 540 15.45 24.54 38.14
C LEU D 540 14.85 23.34 37.43
N LEU D 541 13.62 23.49 36.92
CA LEU D 541 12.95 22.37 36.27
C LEU D 541 13.60 21.99 34.96
N PHE D 542 14.17 22.97 34.24
CA PHE D 542 14.93 22.64 33.04
C PHE D 542 16.17 21.82 33.38
N ARG D 543 16.87 22.19 34.46
CA ARG D 543 18.02 21.39 34.87
C ARG D 543 17.60 19.98 35.25
N ILE D 544 16.49 19.85 35.98
CA ILE D 544 16.01 18.52 36.37
C ILE D 544 15.65 17.69 35.14
N TYR D 545 14.96 18.32 34.17
CA TYR D 545 14.56 17.60 32.97
C TYR D 545 15.78 17.18 32.15
N LEU D 546 16.79 18.05 32.06
CA LEU D 546 18.02 17.70 31.36
C LEU D 546 18.71 16.52 32.04
N LEU D 547 18.77 16.52 33.38
CA LEU D 547 19.36 15.39 34.09
C LEU D 547 18.58 14.11 33.83
N ALA D 548 17.25 14.19 33.83
CA ALA D 548 16.44 13.00 33.57
C ALA D 548 16.66 12.47 32.16
N VAL D 549 16.73 13.36 31.18
CA VAL D 549 16.98 12.94 29.80
C VAL D 549 18.34 12.29 29.68
N LEU D 550 19.36 12.88 30.32
CA LEU D 550 20.69 12.29 30.28
C LEU D 550 20.70 10.91 30.94
N ALA D 551 20.00 10.76 32.06
CA ALA D 551 19.92 9.47 32.72
C ALA D 551 19.24 8.43 31.84
N TYR D 552 18.15 8.82 31.17
CA TYR D 552 17.46 7.90 30.28
C TYR D 552 18.35 7.47 29.12
N SER D 553 19.06 8.43 28.52
CA SER D 553 19.96 8.10 27.41
C SER D 553 21.10 7.19 27.88
N ILE D 554 21.65 7.45 29.06
CA ILE D 554 22.74 6.63 29.59
C ILE D 554 22.23 5.22 29.87
N THR D 555 21.01 5.09 30.41
CA THR D 555 20.44 3.78 30.67
C THR D 555 20.24 3.01 29.36
N LEU D 556 19.73 3.69 28.33
CA LEU D 556 19.55 3.02 27.04
C LEU D 556 20.89 2.58 26.47
N VAL D 557 21.92 3.43 26.57
CA VAL D 557 23.23 3.08 26.04
C VAL D 557 23.83 1.89 26.78
N THR D 558 23.69 1.88 28.11
CA THR D 558 24.28 0.79 28.89
C THR D 558 23.48 -0.50 28.70
N LEU D 559 22.19 -0.41 28.40
CA LEU D 559 21.42 -1.60 28.06
C LEU D 559 21.84 -2.14 26.70
N TRP D 560 22.09 -1.25 25.75
CA TRP D 560 22.55 -1.70 24.43
C TRP D 560 23.95 -2.31 24.50
N SER D 561 24.81 -1.76 25.36
CA SER D 561 26.19 -2.22 25.43
C SER D 561 26.29 -3.67 25.91
N ILE D 562 25.51 -4.03 26.93
CA ILE D 562 25.61 -5.38 27.49
C ILE D 562 25.14 -6.42 26.48
N TRP D 563 24.22 -6.05 25.59
CA TRP D 563 23.78 -6.99 24.56
C TRP D 563 24.86 -7.20 23.50
N HIS D 564 25.71 -6.20 23.28
CA HIS D 564 26.80 -6.30 22.31
C HIS D 564 27.82 -7.34 22.73
N THR E 112 8.43 -42.28 -51.45
CA THR E 112 6.98 -42.36 -51.45
C THR E 112 6.39 -41.46 -50.37
N GLN E 113 6.60 -41.84 -49.11
CA GLN E 113 6.11 -41.06 -48.00
C GLN E 113 6.89 -39.74 -47.89
N PRO E 114 6.31 -38.74 -47.23
CA PRO E 114 7.03 -37.47 -47.06
C PRO E 114 8.34 -37.67 -46.31
N ALA E 115 9.34 -36.87 -46.69
CA ALA E 115 10.67 -37.02 -46.11
C ALA E 115 10.66 -36.74 -44.62
N LEU E 116 9.93 -35.71 -44.19
CA LEU E 116 9.89 -35.38 -42.76
C LEU E 116 9.24 -36.50 -41.95
N LEU E 117 8.14 -37.07 -42.45
CA LEU E 117 7.48 -38.16 -41.75
C LEU E 117 8.39 -39.37 -41.62
N ARG E 118 9.06 -39.74 -42.73
CA ARG E 118 9.97 -40.88 -42.69
C ARG E 118 11.13 -40.62 -41.73
N LEU E 119 11.68 -39.41 -41.75
CA LEU E 119 12.78 -39.08 -40.85
C LEU E 119 12.35 -39.15 -39.40
N SER E 120 11.16 -38.62 -39.08
CA SER E 120 10.68 -38.66 -37.71
C SER E 120 10.42 -40.08 -37.26
N ASP E 121 9.86 -40.92 -38.13
CA ASP E 121 9.65 -42.32 -37.78
C ASP E 121 10.99 -43.03 -37.58
N HIS E 122 11.98 -42.72 -38.40
CA HIS E 122 13.29 -43.36 -38.27
C HIS E 122 13.98 -42.95 -36.97
N LEU E 123 13.86 -41.68 -36.59
CA LEU E 123 14.55 -41.19 -35.39
C LEU E 123 13.80 -41.57 -34.12
N LEU E 124 12.55 -41.15 -33.99
CA LEU E 124 11.84 -41.23 -32.71
C LEU E 124 11.33 -42.63 -32.38
N ALA E 125 11.34 -43.56 -33.33
CA ALA E 125 10.97 -44.93 -33.01
C ALA E 125 12.04 -45.57 -32.13
N ASN E 126 11.59 -46.41 -31.19
CA ASN E 126 12.43 -47.06 -30.19
C ASN E 126 13.53 -46.14 -29.65
N TYR E 127 13.17 -44.88 -29.41
CA TYR E 127 14.08 -43.88 -28.86
C TYR E 127 13.66 -43.59 -27.43
N LYS E 128 14.58 -43.78 -26.50
CA LYS E 128 14.31 -43.59 -25.08
C LYS E 128 14.74 -42.19 -24.67
N LYS E 129 13.80 -41.40 -24.17
CA LYS E 129 14.06 -40.02 -23.78
C LYS E 129 14.60 -39.89 -22.37
N GLY E 130 14.65 -40.98 -21.61
CA GLY E 130 15.23 -40.98 -20.28
C GLY E 130 16.67 -41.40 -20.23
N VAL E 131 17.32 -41.59 -21.38
CA VAL E 131 18.69 -42.07 -21.46
C VAL E 131 19.56 -40.93 -21.95
N ARG E 132 20.68 -40.70 -21.27
CA ARG E 132 21.63 -39.69 -21.74
C ARG E 132 22.19 -40.11 -23.09
N PRO E 133 22.09 -39.28 -24.11
CA PRO E 133 22.39 -39.70 -25.50
C PRO E 133 23.88 -39.81 -25.82
N VAL E 134 24.49 -40.89 -25.35
CA VAL E 134 25.89 -41.21 -25.67
C VAL E 134 26.00 -42.69 -25.94
N ARG E 135 26.71 -43.05 -27.01
CA ARG E 135 27.00 -44.45 -27.26
C ARG E 135 28.01 -44.99 -26.24
N ASP E 136 28.92 -44.14 -25.77
CA ASP E 136 29.86 -44.48 -24.72
C ASP E 136 29.51 -43.67 -23.48
N TRP E 137 29.18 -44.36 -22.39
CA TRP E 137 28.77 -43.68 -21.17
C TRP E 137 29.91 -42.92 -20.50
N ARG E 138 31.17 -43.18 -20.88
CA ARG E 138 32.29 -42.48 -20.28
C ARG E 138 32.39 -41.04 -20.75
N LYS E 139 32.02 -40.77 -22.00
CA LYS E 139 32.15 -39.37 -22.42
C LYS E 139 30.93 -38.57 -21.99
N PRO E 140 31.10 -37.31 -21.61
CA PRO E 140 29.97 -36.48 -21.20
C PRO E 140 29.32 -35.79 -22.40
N THR E 141 28.12 -35.26 -22.15
CA THR E 141 27.40 -34.47 -23.14
C THR E 141 27.73 -33.00 -22.89
N THR E 142 28.54 -32.43 -23.76
CA THR E 142 29.00 -31.06 -23.60
C THR E 142 27.89 -30.11 -24.06
N VAL E 143 27.22 -29.46 -23.11
CA VAL E 143 26.16 -28.51 -23.42
C VAL E 143 26.78 -27.12 -23.59
N SER E 144 26.61 -26.55 -24.77
CA SER E 144 27.10 -25.20 -25.06
C SER E 144 25.99 -24.20 -24.77
N ILE E 145 26.34 -23.12 -24.08
CA ILE E 145 25.35 -22.23 -23.50
C ILE E 145 25.54 -20.81 -24.01
N ASP E 146 24.43 -20.06 -24.06
CA ASP E 146 24.45 -18.67 -24.45
C ASP E 146 23.28 -17.96 -23.78
N VAL E 147 23.54 -16.75 -23.27
CA VAL E 147 22.54 -15.96 -22.55
C VAL E 147 22.57 -14.53 -23.06
N ILE E 148 21.40 -13.98 -23.36
CA ILE E 148 21.24 -12.60 -23.79
C ILE E 148 20.19 -11.95 -22.90
N MET E 149 20.56 -10.81 -22.30
CA MET E 149 19.63 -10.12 -21.41
C MET E 149 18.61 -9.33 -22.23
N TYR E 150 17.33 -9.51 -21.92
CA TYR E 150 16.27 -8.76 -22.57
C TYR E 150 15.80 -7.56 -21.74
N ALA E 151 15.48 -7.78 -20.47
CA ALA E 151 15.00 -6.69 -19.62
C ALA E 151 15.26 -7.04 -18.17
N ILE E 152 15.35 -5.99 -17.35
CA ILE E 152 15.49 -6.15 -15.90
C ILE E 152 14.16 -5.75 -15.27
N LEU E 153 13.31 -6.74 -15.00
CA LEU E 153 11.95 -6.46 -14.59
C LEU E 153 11.89 -5.76 -13.23
N ASN E 154 12.72 -6.20 -12.28
CA ASN E 154 12.62 -5.67 -10.93
C ASN E 154 13.91 -5.98 -10.19
N VAL E 155 14.45 -4.97 -9.51
CA VAL E 155 15.56 -5.14 -8.57
C VAL E 155 15.03 -4.76 -7.19
N ASP E 156 15.01 -5.74 -6.29
CA ASP E 156 14.36 -5.58 -4.98
C ASP E 156 15.44 -5.55 -3.91
N GLU E 157 15.73 -4.36 -3.39
CA GLU E 157 16.78 -4.23 -2.38
C GLU E 157 16.35 -4.69 -1.00
N LYS E 158 15.04 -4.81 -0.73
CA LYS E 158 14.60 -5.23 0.59
C LYS E 158 14.79 -6.73 0.79
N ASN E 159 14.19 -7.54 -0.09
CA ASN E 159 14.38 -8.98 -0.01
C ASN E 159 15.62 -9.47 -0.75
N GLN E 160 16.33 -8.58 -1.44
CA GLN E 160 17.56 -8.91 -2.16
C GLN E 160 17.33 -9.99 -3.20
N VAL E 161 16.37 -9.74 -4.09
CA VAL E 161 16.07 -10.63 -5.21
C VAL E 161 16.08 -9.81 -6.49
N LEU E 162 16.60 -10.39 -7.57
CA LEU E 162 16.69 -9.73 -8.86
C LEU E 162 15.82 -10.46 -9.86
N THR E 163 14.92 -9.74 -10.52
CA THR E 163 14.03 -10.32 -11.53
C THR E 163 14.46 -9.82 -12.91
N THR E 164 14.81 -10.76 -13.80
CA THR E 164 15.24 -10.43 -15.15
C THR E 164 14.58 -11.37 -16.14
N TYR E 165 14.50 -10.91 -17.39
CA TYR E 165 14.05 -11.71 -18.51
C TYR E 165 15.22 -11.87 -19.48
N ILE E 166 15.55 -13.11 -19.82
CA ILE E 166 16.69 -13.40 -20.68
C ILE E 166 16.25 -14.31 -21.81
N TRP E 167 16.99 -14.24 -22.91
CA TRP E 167 16.82 -15.16 -24.03
C TRP E 167 17.91 -16.22 -23.93
N TYR E 168 17.50 -17.46 -23.71
CA TYR E 168 18.43 -18.54 -23.39
C TYR E 168 18.40 -19.57 -24.52
N ARG E 169 19.59 -19.91 -25.03
CA ARG E 169 19.72 -20.96 -26.03
C ARG E 169 20.87 -21.87 -25.65
N GLN E 170 20.70 -23.15 -25.96
CA GLN E 170 21.72 -24.16 -25.67
C GLN E 170 21.69 -25.21 -26.76
N TYR E 171 22.84 -25.86 -26.98
CA TYR E 171 22.90 -26.93 -27.95
C TYR E 171 23.86 -28.00 -27.48
N TRP E 172 23.44 -29.26 -27.64
CA TRP E 172 24.24 -30.42 -27.25
C TRP E 172 24.15 -31.45 -28.36
N THR E 173 25.15 -32.32 -28.44
CA THR E 173 25.23 -33.33 -29.48
C THR E 173 24.50 -34.58 -29.02
N ASP E 174 23.35 -34.86 -29.64
CA ASP E 174 22.60 -36.08 -29.39
C ASP E 174 23.07 -37.15 -30.38
N GLU E 175 23.65 -38.23 -29.87
CA GLU E 175 24.25 -39.24 -30.72
C GLU E 175 23.24 -40.26 -31.23
N PHE E 176 21.97 -40.16 -30.84
CA PHE E 176 20.93 -41.03 -31.37
C PHE E 176 20.12 -40.38 -32.48
N LEU E 177 20.02 -39.05 -32.49
CA LEU E 177 19.30 -38.33 -33.54
C LEU E 177 20.26 -37.96 -34.67
N GLN E 178 20.75 -39.00 -35.33
CA GLN E 178 21.67 -38.84 -36.45
C GLN E 178 21.15 -39.61 -37.65
N TRP E 179 21.38 -39.05 -38.84
CA TRP E 179 20.95 -39.67 -40.08
C TRP E 179 21.81 -39.13 -41.21
N THR E 180 21.76 -39.82 -42.34
CA THR E 180 22.39 -39.33 -43.56
C THR E 180 21.36 -38.62 -44.42
N PRO E 181 21.61 -37.38 -44.84
CA PRO E 181 20.58 -36.63 -45.59
C PRO E 181 20.16 -37.29 -46.89
N GLU E 182 21.08 -37.99 -47.57
CA GLU E 182 20.78 -38.52 -48.89
C GLU E 182 19.67 -39.55 -48.88
N ASP E 183 19.38 -40.16 -47.74
CA ASP E 183 18.33 -41.17 -47.65
C ASP E 183 16.96 -40.58 -47.34
N PHE E 184 16.86 -39.28 -47.09
CA PHE E 184 15.61 -38.64 -46.69
C PHE E 184 15.40 -37.36 -47.47
N ASP E 185 15.61 -37.42 -48.80
CA ASP E 185 15.39 -36.28 -49.69
C ASP E 185 16.21 -35.07 -49.27
N ASN E 186 17.46 -35.31 -48.88
CA ASN E 186 18.44 -34.26 -48.61
C ASN E 186 17.99 -33.31 -47.49
N VAL E 187 17.26 -33.80 -46.51
CA VAL E 187 16.88 -32.97 -45.36
C VAL E 187 18.07 -32.92 -44.41
N THR E 188 18.51 -31.72 -44.06
CA THR E 188 19.65 -31.54 -43.18
C THR E 188 19.27 -31.20 -41.75
N LYS E 189 18.06 -30.69 -41.52
CA LYS E 189 17.60 -30.38 -40.18
C LYS E 189 16.09 -30.47 -40.13
N LEU E 190 15.56 -30.68 -38.93
CA LEU E 190 14.12 -30.74 -38.73
C LEU E 190 13.80 -30.35 -37.30
N SER E 191 12.55 -30.00 -37.07
CA SER E 191 12.07 -29.61 -35.74
C SER E 191 11.46 -30.82 -35.06
N ILE E 192 11.87 -31.07 -33.82
CA ILE E 192 11.39 -32.21 -33.05
C ILE E 192 10.83 -31.68 -31.73
N PRO E 193 9.69 -32.18 -31.26
CA PRO E 193 9.14 -31.69 -30.00
C PRO E 193 10.11 -31.86 -28.84
N THR E 194 10.12 -30.87 -27.94
CA THR E 194 11.03 -30.91 -26.80
C THR E 194 10.70 -32.04 -25.86
N ASP E 195 9.44 -32.49 -25.84
CA ASP E 195 9.02 -33.56 -24.94
C ASP E 195 9.38 -34.95 -25.46
N SER E 196 9.87 -35.06 -26.69
CA SER E 196 10.18 -36.35 -27.29
C SER E 196 11.68 -36.67 -27.28
N ILE E 197 12.51 -35.81 -26.69
CA ILE E 197 13.96 -36.01 -26.68
C ILE E 197 14.50 -35.74 -25.29
N TRP E 198 15.72 -36.22 -25.05
CA TRP E 198 16.41 -35.96 -23.80
C TRP E 198 16.88 -34.51 -23.77
N VAL E 199 16.59 -33.82 -22.66
CA VAL E 199 16.95 -32.42 -22.49
C VAL E 199 17.74 -32.28 -21.19
N PRO E 200 18.91 -31.66 -21.21
CA PRO E 200 19.68 -31.50 -19.97
C PRO E 200 18.95 -30.60 -18.98
N ASP E 201 19.15 -30.89 -17.69
CA ASP E 201 18.48 -30.15 -16.62
C ASP E 201 19.36 -29.00 -16.12
N ILE E 202 19.70 -28.12 -17.05
CA ILE E 202 20.50 -26.94 -16.73
C ILE E 202 19.60 -25.89 -16.11
N LEU E 203 19.92 -25.47 -14.89
CA LEU E 203 19.13 -24.46 -14.20
C LEU E 203 20.03 -23.71 -13.22
N ILE E 204 19.55 -22.55 -12.78
CA ILE E 204 20.38 -21.60 -12.05
C ILE E 204 20.38 -21.91 -10.57
N ASN E 205 21.57 -21.85 -9.96
CA ASN E 205 21.69 -22.02 -8.51
C ASN E 205 21.00 -20.89 -7.76
N GLU E 206 21.14 -19.66 -8.24
CA GLU E 206 20.64 -18.49 -7.53
C GLU E 206 19.11 -18.41 -7.47
N PHE E 207 18.40 -19.41 -8.01
CA PHE E 207 16.95 -19.38 -8.01
C PHE E 207 16.40 -19.33 -6.58
N VAL E 208 15.42 -18.46 -6.37
CA VAL E 208 14.63 -18.45 -5.15
C VAL E 208 13.14 -18.56 -5.43
N ASP E 209 12.74 -18.57 -6.70
CA ASP E 209 11.35 -18.62 -7.11
C ASP E 209 11.33 -18.96 -8.60
N VAL E 210 10.37 -19.78 -9.00
CA VAL E 210 10.29 -20.21 -10.38
C VAL E 210 9.64 -19.12 -11.22
N GLY E 211 10.24 -18.81 -12.36
CA GLY E 211 9.73 -17.76 -13.22
C GLY E 211 8.73 -18.29 -14.23
N LYS E 212 7.70 -17.49 -14.49
CA LYS E 212 6.68 -17.82 -15.47
C LYS E 212 7.17 -17.38 -16.84
N SER E 213 7.52 -18.34 -17.69
CA SER E 213 8.04 -18.07 -19.02
C SER E 213 7.32 -18.95 -20.04
N PRO E 214 7.17 -18.46 -21.27
CA PRO E 214 6.53 -19.28 -22.30
C PRO E 214 7.29 -20.57 -22.56
N ASN E 215 6.54 -21.62 -22.88
CA ASN E 215 7.11 -22.93 -23.13
C ASN E 215 7.29 -23.11 -24.64
N ILE E 216 8.52 -23.38 -25.06
CA ILE E 216 8.84 -23.60 -26.47
C ILE E 216 8.69 -25.08 -26.75
N PRO E 217 7.76 -25.49 -27.63
CA PRO E 217 7.49 -26.92 -27.84
C PRO E 217 8.41 -27.63 -28.83
N TYR E 218 9.23 -26.91 -29.59
CA TYR E 218 10.05 -27.52 -30.62
C TYR E 218 11.52 -27.17 -30.44
N VAL E 219 12.38 -28.09 -30.87
CA VAL E 219 13.83 -27.88 -30.90
C VAL E 219 14.34 -28.34 -32.26
N TYR E 220 15.38 -27.68 -32.75
CA TYR E 220 15.98 -28.04 -34.03
C TYR E 220 17.01 -29.14 -33.85
N VAL E 221 16.98 -30.12 -34.75
CA VAL E 221 17.92 -31.23 -34.75
C VAL E 221 18.57 -31.31 -36.12
N HIS E 222 19.90 -31.36 -36.14
CA HIS E 222 20.64 -31.45 -37.39
C HIS E 222 20.98 -32.91 -37.69
N HIS E 223 21.47 -33.14 -38.92
CA HIS E 223 21.74 -34.51 -39.36
C HIS E 223 22.96 -35.12 -38.69
N ARG E 224 23.74 -34.34 -37.95
CA ARG E 224 24.88 -34.86 -37.21
C ARG E 224 24.62 -34.93 -35.71
N GLY E 225 23.38 -34.69 -35.28
CA GLY E 225 22.99 -34.85 -33.90
C GLY E 225 22.86 -33.57 -33.10
N GLU E 226 23.36 -32.45 -33.62
CA GLU E 226 23.28 -31.20 -32.89
C GLU E 226 21.83 -30.80 -32.67
N VAL E 227 21.45 -30.63 -31.40
CA VAL E 227 20.09 -30.26 -31.02
C VAL E 227 20.12 -28.87 -30.41
N GLN E 228 19.37 -27.95 -30.98
CA GLN E 228 19.38 -26.54 -30.58
C GLN E 228 18.06 -26.23 -29.88
N ASN E 229 18.15 -25.73 -28.65
CA ASN E 229 16.98 -25.42 -27.83
C ASN E 229 16.96 -23.93 -27.54
N TYR E 230 15.99 -23.23 -28.10
CA TYR E 230 15.79 -21.81 -27.85
C TYR E 230 14.62 -21.64 -26.88
N LYS E 231 14.82 -20.81 -25.86
CA LYS E 231 13.79 -20.64 -24.84
C LYS E 231 13.97 -19.33 -24.09
N PRO E 232 12.89 -18.56 -23.90
CA PRO E 232 12.97 -17.39 -23.02
C PRO E 232 12.76 -17.80 -21.57
N LEU E 233 13.50 -17.14 -20.67
CA LEU E 233 13.46 -17.47 -19.26
C LEU E 233 13.26 -16.20 -18.44
N GLN E 234 12.31 -16.26 -17.50
CA GLN E 234 12.16 -15.22 -16.49
C GLN E 234 12.79 -15.73 -15.20
N LEU E 235 13.73 -14.95 -14.66
CA LEU E 235 14.55 -15.39 -13.54
C LEU E 235 14.26 -14.55 -12.32
N VAL E 236 14.04 -15.22 -11.19
CA VAL E 236 13.92 -14.56 -9.89
C VAL E 236 15.05 -15.11 -9.04
N THR E 237 16.18 -14.41 -9.04
CA THR E 237 17.40 -14.90 -8.42
C THR E 237 17.81 -14.01 -7.25
N ALA E 238 18.38 -14.62 -6.22
CA ALA E 238 18.89 -13.88 -5.08
C ALA E 238 20.26 -13.29 -5.40
N CYS E 239 20.49 -12.07 -4.92
CA CYS E 239 21.76 -11.40 -5.13
C CYS E 239 22.05 -10.47 -3.96
N SER E 240 23.32 -10.14 -3.79
CA SER E 240 23.75 -9.21 -2.75
C SER E 240 23.74 -7.80 -3.32
N LEU E 241 22.77 -7.00 -2.89
CA LEU E 241 22.59 -5.64 -3.39
C LEU E 241 23.15 -4.66 -2.37
N ASP E 242 24.27 -4.04 -2.71
CA ASP E 242 24.91 -3.04 -1.86
C ASP E 242 24.47 -1.66 -2.32
N ILE E 243 23.74 -0.96 -1.46
CA ILE E 243 23.18 0.35 -1.80
C ILE E 243 23.95 1.48 -1.11
N TYR E 244 25.22 1.26 -0.78
CA TYR E 244 26.03 2.30 -0.14
C TYR E 244 26.08 3.58 -0.97
N ASN E 245 26.02 3.44 -2.30
CA ASN E 245 25.96 4.57 -3.22
C ASN E 245 24.60 4.64 -3.91
N PHE E 246 23.53 4.44 -3.14
CA PHE E 246 22.17 4.16 -3.60
C PHE E 246 21.76 4.92 -4.86
N PRO E 247 21.86 6.25 -4.92
CA PRO E 247 21.47 6.94 -6.17
C PRO E 247 22.35 6.59 -7.35
N PHE E 248 23.61 6.20 -7.12
CA PHE E 248 24.56 5.96 -8.21
C PHE E 248 25.16 4.57 -8.13
N ASP E 249 24.54 3.67 -7.37
CA ASP E 249 25.13 2.35 -7.14
C ASP E 249 25.11 1.51 -8.41
N VAL E 250 26.19 0.75 -8.61
CA VAL E 250 26.28 -0.22 -9.68
C VAL E 250 26.27 -1.61 -9.05
N GLN E 251 25.34 -2.45 -9.48
CA GLN E 251 25.18 -3.78 -8.91
C GLN E 251 25.94 -4.81 -9.73
N ASN E 252 26.31 -5.91 -9.08
CA ASN E 252 27.09 -6.98 -9.69
C ASN E 252 26.39 -8.29 -9.31
N CYS E 253 25.43 -8.69 -10.13
CA CYS E 253 24.63 -9.87 -9.88
C CYS E 253 25.16 -11.05 -10.69
N SER E 254 25.08 -12.24 -10.11
CA SER E 254 25.62 -13.45 -10.70
C SER E 254 24.52 -14.42 -11.05
N LEU E 255 24.60 -14.99 -12.25
CA LEU E 255 23.73 -16.07 -12.69
C LEU E 255 24.59 -17.29 -12.97
N THR E 256 24.31 -18.39 -12.27
CA THR E 256 25.14 -19.59 -12.32
C THR E 256 24.34 -20.72 -12.94
N PHE E 257 24.63 -21.06 -14.18
CA PHE E 257 23.97 -22.15 -14.89
C PHE E 257 24.76 -23.42 -14.68
N THR E 258 24.12 -24.43 -14.09
CA THR E 258 24.77 -25.72 -13.89
C THR E 258 23.70 -26.80 -13.83
N SER E 259 24.12 -28.03 -14.10
CA SER E 259 23.23 -29.18 -13.97
C SER E 259 23.01 -29.49 -12.50
N TRP E 260 21.74 -29.63 -12.11
CA TRP E 260 21.42 -29.81 -10.69
C TRP E 260 21.84 -31.19 -10.19
N LEU E 261 21.85 -32.19 -11.06
CA LEU E 261 22.15 -33.56 -10.66
C LEU E 261 23.44 -34.10 -11.27
N HIS E 262 23.61 -33.96 -12.58
CA HIS E 262 24.74 -34.60 -13.26
C HIS E 262 26.05 -33.93 -12.89
N THR E 263 27.09 -34.75 -12.71
CA THR E 263 28.43 -34.25 -12.44
C THR E 263 29.10 -33.84 -13.74
N ILE E 264 30.35 -33.38 -13.64
CA ILE E 264 31.09 -32.97 -14.82
C ILE E 264 31.41 -34.15 -15.73
N GLN E 265 31.39 -35.37 -15.20
CA GLN E 265 31.62 -36.55 -16.01
C GLN E 265 30.38 -36.97 -16.81
N ASP E 266 29.24 -36.35 -16.56
CA ASP E 266 28.02 -36.59 -17.30
C ASP E 266 27.60 -35.42 -18.17
N ILE E 267 27.50 -34.22 -17.58
CA ILE E 267 27.12 -33.02 -18.30
C ILE E 267 28.16 -31.95 -18.02
N ASN E 268 28.75 -31.41 -19.09
CA ASN E 268 29.69 -30.29 -18.99
C ASN E 268 29.13 -29.11 -19.76
N ILE E 269 29.49 -27.90 -19.34
CA ILE E 269 28.92 -26.67 -19.85
C ILE E 269 30.03 -25.79 -20.42
N THR E 270 29.80 -25.28 -21.63
CA THR E 270 30.71 -24.33 -22.27
C THR E 270 29.86 -23.18 -22.82
N LEU E 271 30.49 -22.32 -23.62
CA LEU E 271 29.85 -21.13 -24.16
C LEU E 271 29.65 -21.28 -25.67
N TRP E 272 28.45 -20.92 -26.15
CA TRP E 272 28.20 -20.92 -27.58
C TRP E 272 29.09 -19.93 -28.30
N ARG E 273 29.26 -18.74 -27.73
CA ARG E 273 30.06 -17.68 -28.34
C ARG E 273 31.26 -17.37 -27.44
N SER E 274 32.20 -16.63 -28.01
CA SER E 274 33.37 -16.21 -27.24
C SER E 274 32.94 -15.29 -26.11
N PRO E 275 33.70 -15.25 -25.01
CA PRO E 275 33.28 -14.41 -23.87
C PRO E 275 33.16 -12.93 -24.21
N GLU E 276 33.99 -12.42 -25.11
CA GLU E 276 33.89 -11.01 -25.49
C GLU E 276 32.57 -10.72 -26.19
N GLU E 277 32.12 -11.63 -27.06
CA GLU E 277 30.85 -11.42 -27.76
C GLU E 277 29.68 -11.41 -26.78
N VAL E 278 29.71 -12.30 -25.78
CA VAL E 278 28.65 -12.29 -24.76
C VAL E 278 28.73 -11.02 -23.93
N ARG E 279 29.95 -10.55 -23.66
CA ARG E 279 30.12 -9.33 -22.87
C ARG E 279 29.56 -8.11 -23.59
N SER E 280 29.80 -8.01 -24.90
CA SER E 280 29.43 -6.83 -25.66
C SER E 280 27.98 -6.85 -26.14
N ASP E 281 27.21 -7.87 -25.79
CA ASP E 281 25.85 -8.03 -26.30
C ASP E 281 24.89 -7.13 -25.52
N LYS E 282 24.47 -6.03 -26.14
CA LYS E 282 23.47 -5.13 -25.58
C LYS E 282 22.49 -4.70 -26.65
N SER E 283 22.08 -5.63 -27.52
CA SER E 283 21.28 -5.27 -28.68
C SER E 283 19.80 -5.14 -28.33
N ILE E 284 19.18 -6.25 -27.90
CA ILE E 284 17.73 -6.26 -27.67
C ILE E 284 17.35 -5.83 -26.25
N PHE E 285 18.31 -5.47 -25.41
CA PHE E 285 18.01 -5.08 -24.04
C PHE E 285 17.11 -3.85 -24.01
N ILE E 286 16.06 -3.91 -23.19
CA ILE E 286 15.19 -2.77 -22.97
C ILE E 286 15.98 -1.76 -22.13
N ASN E 287 16.33 -0.62 -22.73
CA ASN E 287 17.34 0.26 -22.17
C ASN E 287 16.80 1.42 -21.36
N GLN E 288 15.67 2.02 -21.75
CA GLN E 288 15.23 3.28 -21.17
C GLN E 288 14.53 3.10 -19.81
N GLY E 289 14.62 1.92 -19.21
CA GLY E 289 14.08 1.70 -17.89
C GLY E 289 14.93 2.37 -16.81
N GLU E 290 14.70 1.92 -15.57
CA GLU E 290 15.45 2.49 -14.45
C GLU E 290 16.89 1.99 -14.42
N TRP E 291 17.10 0.71 -14.73
CA TRP E 291 18.40 0.09 -14.62
C TRP E 291 19.06 -0.01 -15.99
N GLU E 292 20.35 0.35 -16.04
CA GLU E 292 21.15 0.29 -17.26
C GLU E 292 22.11 -0.87 -17.17
N LEU E 293 22.10 -1.72 -18.19
CA LEU E 293 22.98 -2.88 -18.25
C LEU E 293 24.35 -2.46 -18.77
N LEU E 294 25.40 -2.81 -18.02
CA LEU E 294 26.76 -2.50 -18.43
C LEU E 294 27.37 -3.62 -19.26
N GLU E 295 27.38 -4.84 -18.73
CA GLU E 295 27.96 -5.99 -19.43
C GLU E 295 27.47 -7.26 -18.76
N VAL E 296 27.62 -8.37 -19.47
CA VAL E 296 27.35 -9.70 -18.95
C VAL E 296 28.61 -10.52 -19.14
N PHE E 297 29.32 -10.79 -18.04
CA PHE E 297 30.65 -11.38 -18.12
C PHE E 297 30.56 -12.87 -17.78
N PRO E 298 30.82 -13.77 -18.72
CA PRO E 298 30.77 -15.20 -18.43
C PRO E 298 32.09 -15.74 -17.88
N GLN E 299 31.97 -16.63 -16.89
CA GLN E 299 33.13 -17.26 -16.27
C GLN E 299 32.79 -18.71 -15.94
N PHE E 300 33.75 -19.60 -16.16
CA PHE E 300 33.57 -21.03 -15.94
C PHE E 300 34.35 -21.47 -14.72
N LYS E 301 33.69 -22.22 -13.83
CA LYS E 301 34.31 -22.76 -12.64
C LYS E 301 33.82 -24.18 -12.43
N GLU E 302 34.59 -24.95 -11.66
CA GLU E 302 34.22 -26.31 -11.30
C GLU E 302 33.85 -26.36 -9.82
N PHE E 303 32.54 -26.40 -9.55
CA PHE E 303 32.05 -26.45 -8.18
C PHE E 303 32.15 -27.88 -7.65
N SER E 304 32.90 -28.07 -6.57
CA SER E 304 33.08 -29.40 -6.02
C SER E 304 33.38 -29.31 -4.53
N ILE E 305 32.64 -30.07 -3.74
CA ILE E 305 32.92 -30.26 -2.32
C ILE E 305 33.23 -31.72 -2.02
N ASP E 306 33.68 -32.46 -3.04
CA ASP E 306 34.04 -33.86 -2.92
C ASP E 306 35.16 -34.14 -3.90
N ILE E 307 35.90 -35.23 -3.64
CA ILE E 307 37.01 -35.59 -4.50
C ILE E 307 36.55 -35.90 -5.92
N SER E 308 35.43 -36.63 -6.05
CA SER E 308 34.94 -37.06 -7.35
C SER E 308 33.69 -36.34 -7.82
N ASN E 309 32.90 -35.77 -6.91
CA ASN E 309 31.65 -35.11 -7.28
C ASN E 309 31.93 -33.66 -7.68
N SER E 310 32.49 -33.51 -8.88
CA SER E 310 32.76 -32.21 -9.46
C SER E 310 31.63 -31.81 -10.38
N TYR E 311 31.12 -30.59 -10.21
CA TYR E 311 30.01 -30.08 -11.00
C TYR E 311 30.49 -28.89 -11.83
N ALA E 312 30.14 -28.91 -13.12
CA ALA E 312 30.49 -27.83 -14.02
C ALA E 312 29.43 -26.74 -13.96
N GLU E 313 29.87 -25.49 -13.88
CA GLU E 313 28.97 -24.36 -13.77
C GLU E 313 29.47 -23.21 -14.64
N MET E 314 28.55 -22.38 -15.11
CA MET E 314 28.87 -21.21 -15.92
C MET E 314 28.24 -19.99 -15.27
N LYS E 315 29.07 -19.04 -14.85
CA LYS E 315 28.61 -17.86 -14.14
C LYS E 315 28.57 -16.67 -15.09
N PHE E 316 27.40 -16.04 -15.20
CA PHE E 316 27.22 -14.82 -15.97
C PHE E 316 27.03 -13.68 -14.98
N TYR E 317 28.06 -12.83 -14.86
CA TYR E 317 28.02 -11.71 -13.92
C TYR E 317 27.25 -10.56 -14.56
N VAL E 318 25.97 -10.47 -14.26
CA VAL E 318 25.13 -9.39 -14.78
C VAL E 318 25.43 -8.14 -13.97
N ILE E 319 25.99 -7.12 -14.62
CA ILE E 319 26.39 -5.89 -13.97
C ILE E 319 25.46 -4.78 -14.45
N ILE E 320 24.76 -4.14 -13.51
CA ILE E 320 23.74 -3.15 -13.82
C ILE E 320 24.01 -1.90 -13.01
N ARG E 321 23.81 -0.74 -13.64
CA ARG E 321 24.01 0.55 -12.99
C ARG E 321 22.69 1.31 -12.94
N ARG E 322 22.33 1.79 -11.75
CA ARG E 322 21.11 2.56 -11.59
C ARG E 322 21.26 3.94 -12.20
N ARG E 323 20.17 4.46 -12.76
CA ARG E 323 20.16 5.80 -13.33
C ARG E 323 19.72 6.79 -12.26
N PRO E 324 20.59 7.71 -11.84
CA PRO E 324 20.25 8.57 -10.70
C PRO E 324 19.18 9.62 -11.00
N LEU E 325 18.88 9.87 -12.28
CA LEU E 325 17.93 10.93 -12.61
C LEU E 325 16.52 10.61 -12.13
N PHE E 326 16.25 9.35 -11.77
CA PHE E 326 14.94 8.99 -11.24
C PHE E 326 14.65 9.73 -9.95
N TYR E 327 15.63 9.83 -9.05
CA TYR E 327 15.42 10.34 -7.71
C TYR E 327 15.87 11.78 -7.54
N ALA E 328 16.30 12.44 -8.60
CA ALA E 328 16.75 13.83 -8.48
C ALA E 328 15.62 14.73 -8.00
N VAL E 329 14.47 14.67 -8.67
CA VAL E 329 13.34 15.50 -8.27
C VAL E 329 12.84 15.09 -6.88
N SER E 330 12.88 13.79 -6.58
CA SER E 330 12.35 13.31 -5.31
C SER E 330 13.23 13.73 -4.13
N LEU E 331 14.54 13.84 -4.32
CA LEU E 331 15.47 14.09 -3.23
C LEU E 331 15.98 15.53 -3.20
N LEU E 332 16.59 16.00 -4.28
CA LEU E 332 17.24 17.31 -4.25
C LEU E 332 16.22 18.45 -4.15
N LEU E 333 15.11 18.34 -4.87
CA LEU E 333 14.15 19.44 -4.93
C LEU E 333 13.54 19.77 -3.57
N PRO E 334 13.01 18.82 -2.79
CA PRO E 334 12.41 19.21 -1.50
C PRO E 334 13.42 19.80 -0.53
N SER E 335 14.61 19.21 -0.41
CA SER E 335 15.61 19.73 0.51
C SER E 335 16.07 21.13 0.11
N ILE E 336 16.34 21.34 -1.17
CA ILE E 336 16.77 22.66 -1.64
C ILE E 336 15.66 23.68 -1.43
N PHE E 337 14.42 23.30 -1.71
CA PHE E 337 13.28 24.20 -1.51
C PHE E 337 13.15 24.58 -0.04
N LEU E 338 13.31 23.62 0.86
CA LEU E 338 13.14 23.90 2.28
C LEU E 338 14.29 24.74 2.82
N MET E 339 15.51 24.54 2.33
CA MET E 339 16.60 25.44 2.68
C MET E 339 16.36 26.85 2.15
N VAL E 340 15.79 26.96 0.95
CA VAL E 340 15.49 28.27 0.39
C VAL E 340 14.46 28.99 1.26
N VAL E 341 13.40 28.30 1.66
CA VAL E 341 12.41 28.94 2.51
C VAL E 341 12.98 29.22 3.90
N ASP E 342 13.94 28.42 4.37
CA ASP E 342 14.61 28.72 5.61
C ASP E 342 15.40 30.02 5.51
N ILE E 343 16.12 30.20 4.41
CA ILE E 343 16.86 31.44 4.18
C ILE E 343 15.90 32.63 4.11
N VAL E 344 14.76 32.44 3.43
CA VAL E 344 13.77 33.50 3.32
C VAL E 344 13.22 33.87 4.69
N GLY E 345 12.88 32.86 5.51
CA GLY E 345 12.32 33.12 6.82
C GLY E 345 13.31 33.64 7.84
N PHE E 346 14.61 33.45 7.60
CA PHE E 346 15.61 34.03 8.47
C PHE E 346 15.55 35.56 8.48
N CYS E 347 14.92 36.17 7.47
CA CYS E 347 14.85 37.61 7.37
C CYS E 347 13.82 38.23 8.33
N LEU E 348 12.93 37.42 8.90
CA LEU E 348 11.95 37.97 9.82
C LEU E 348 12.64 38.57 11.04
N PRO E 349 12.17 39.70 11.55
CA PRO E 349 12.78 40.29 12.75
C PRO E 349 12.64 39.35 13.93
N PRO E 350 13.68 39.23 14.76
CA PRO E 350 13.61 38.29 15.89
C PRO E 350 12.54 38.63 16.90
N ASP E 351 12.23 39.91 17.08
CA ASP E 351 11.22 40.33 18.06
C ASP E 351 9.81 40.33 17.49
N SER E 352 9.63 39.86 16.25
CA SER E 352 8.29 39.83 15.66
C SER E 352 7.36 38.90 16.41
N GLY E 353 7.91 37.88 17.08
CA GLY E 353 7.10 36.92 17.79
C GLY E 353 6.58 35.76 16.95
N GLU E 354 6.92 35.71 15.66
CA GLU E 354 6.49 34.65 14.78
C GLU E 354 7.64 33.91 14.12
N ARG E 355 8.88 34.36 14.33
CA ARG E 355 10.03 33.68 13.73
C ARG E 355 10.20 32.28 14.27
N VAL E 356 10.00 32.10 15.58
CA VAL E 356 10.12 30.76 16.17
C VAL E 356 9.04 29.84 15.64
N SER E 357 7.82 30.35 15.50
CA SER E 357 6.74 29.54 14.93
C SER E 357 7.06 29.14 13.49
N PHE E 358 7.60 30.09 12.71
CA PHE E 358 8.01 29.78 11.35
C PHE E 358 9.05 28.68 11.33
N LYS E 359 10.06 28.78 12.20
CA LYS E 359 11.14 27.79 12.23
C LYS E 359 10.63 26.42 12.63
N ILE E 360 9.76 26.36 13.64
CA ILE E 360 9.26 25.06 14.10
C ILE E 360 8.35 24.43 13.04
N THR E 361 7.54 25.25 12.37
CA THR E 361 6.71 24.72 11.29
C THR E 361 7.58 24.18 10.15
N LEU E 362 8.64 24.91 9.81
CA LEU E 362 9.55 24.44 8.77
C LEU E 362 10.23 23.13 9.17
N LEU E 363 10.65 23.03 10.43
CA LEU E 363 11.28 21.80 10.90
C LEU E 363 10.30 20.63 10.87
N LEU E 364 9.05 20.87 11.24
CA LEU E 364 8.03 19.83 11.15
C LEU E 364 7.83 19.38 9.70
N GLY E 365 7.81 20.35 8.77
CA GLY E 365 7.68 20.00 7.36
C GLY E 365 8.83 19.15 6.87
N TYR E 366 10.07 19.53 7.23
CA TYR E 366 11.22 18.73 6.83
C TYR E 366 11.19 17.35 7.47
N SER E 367 10.73 17.27 8.71
CA SER E 367 10.66 15.97 9.39
C SER E 367 9.67 15.05 8.70
N VAL E 368 8.49 15.55 8.35
CA VAL E 368 7.51 14.71 7.66
C VAL E 368 8.00 14.35 6.27
N PHE E 369 8.72 15.26 5.62
CA PHE E 369 9.31 14.93 4.32
C PHE E 369 10.31 13.78 4.45
N LEU E 370 11.18 13.85 5.46
CA LEU E 370 12.16 12.78 5.66
C LEU E 370 11.47 11.46 5.97
N ILE E 371 10.46 11.49 6.83
CA ILE E 371 9.76 10.26 7.20
C ILE E 371 9.06 9.66 5.98
N ILE E 372 8.48 10.50 5.12
CA ILE E 372 7.81 9.97 3.93
C ILE E 372 8.82 9.43 2.93
N VAL E 373 9.94 10.14 2.73
CA VAL E 373 10.92 9.71 1.75
C VAL E 373 11.68 8.48 2.23
N SER E 374 11.65 8.21 3.53
CA SER E 374 12.25 6.96 4.03
C SER E 374 11.56 5.73 3.47
N ASP E 375 10.31 5.86 3.00
CA ASP E 375 9.62 4.72 2.40
C ASP E 375 10.22 4.33 1.07
N THR E 376 10.91 5.23 0.38
CA THR E 376 11.54 4.94 -0.89
C THR E 376 13.05 4.75 -0.79
N LEU E 377 13.65 4.99 0.38
CA LEU E 377 15.08 4.83 0.56
C LEU E 377 15.36 3.43 1.11
N PRO E 378 15.99 2.54 0.36
CA PRO E 378 16.25 1.20 0.87
C PRO E 378 17.37 1.18 1.90
N ALA E 379 17.41 0.10 2.66
CA ALA E 379 18.45 -0.12 3.66
C ALA E 379 18.92 -1.57 3.59
N THR E 380 20.17 -1.79 4.00
CA THR E 380 20.75 -3.12 3.99
C THR E 380 21.49 -3.35 5.30
N ALA E 381 21.82 -4.62 5.56
CA ALA E 381 22.46 -5.00 6.81
C ALA E 381 23.85 -4.38 6.94
N ILE E 382 24.62 -4.37 5.84
CA ILE E 382 26.01 -3.90 5.91
C ILE E 382 26.06 -2.41 6.23
N GLY E 383 25.11 -1.62 5.73
CA GLY E 383 25.10 -0.21 6.03
C GLY E 383 24.02 0.59 5.33
N THR E 384 23.69 1.75 5.89
CA THR E 384 22.73 2.66 5.31
C THR E 384 23.34 3.38 4.12
N PRO E 385 22.51 3.82 3.16
CA PRO E 385 23.05 4.60 2.04
C PRO E 385 23.69 5.89 2.51
N LEU E 386 24.71 6.33 1.76
CA LEU E 386 25.52 7.48 2.16
C LEU E 386 24.73 8.79 2.15
N ILE E 387 23.65 8.88 1.36
CA ILE E 387 22.87 10.11 1.31
C ILE E 387 22.14 10.38 2.62
N GLY E 388 22.02 9.38 3.50
CA GLY E 388 21.51 9.63 4.83
C GLY E 388 22.39 10.60 5.60
N VAL E 389 23.70 10.54 5.39
CA VAL E 389 24.61 11.49 6.03
C VAL E 389 24.28 12.91 5.57
N TYR E 390 24.07 13.10 4.27
CA TYR E 390 23.72 14.43 3.77
C TYR E 390 22.37 14.89 4.31
N PHE E 391 21.40 13.98 4.39
CA PHE E 391 20.09 14.35 4.92
C PHE E 391 20.17 14.76 6.38
N VAL E 392 20.93 14.02 7.20
CA VAL E 392 21.05 14.40 8.60
C VAL E 392 21.90 15.66 8.75
N VAL E 393 22.81 15.93 7.81
CA VAL E 393 23.53 17.20 7.83
C VAL E 393 22.57 18.36 7.57
N CYS E 394 21.65 18.18 6.61
CA CYS E 394 20.64 19.21 6.37
C CYS E 394 19.74 19.40 7.60
N MET E 395 19.36 18.29 8.24
CA MET E 395 18.62 18.37 9.50
C MET E 395 19.39 19.15 10.55
N ALA E 396 20.70 18.89 10.67
CA ALA E 396 21.51 19.60 11.64
C ALA E 396 21.59 21.09 11.33
N LEU E 397 21.66 21.43 10.04
CA LEU E 397 21.66 22.84 9.65
C LEU E 397 20.35 23.51 10.04
N LEU E 398 19.23 22.84 9.80
CA LEU E 398 17.94 23.40 10.21
C LEU E 398 17.85 23.55 11.73
N VAL E 399 18.36 22.57 12.47
CA VAL E 399 18.33 22.64 13.93
C VAL E 399 19.22 23.77 14.43
N ILE E 400 20.36 23.99 13.77
CA ILE E 400 21.23 25.10 14.14
C ILE E 400 20.55 26.43 13.88
N SER E 401 19.82 26.52 12.76
CA SER E 401 19.04 27.73 12.49
C SER E 401 17.99 27.97 13.57
N LEU E 402 17.29 26.91 13.98
CA LEU E 402 16.28 27.04 15.04
C LEU E 402 16.93 27.47 16.35
N ALA E 403 18.08 26.89 16.70
CA ALA E 403 18.76 27.24 17.94
C ALA E 403 19.23 28.69 17.90
N GLU E 404 19.73 29.15 16.75
CA GLU E 404 20.12 30.55 16.62
C GLU E 404 18.92 31.46 16.80
N THR E 405 17.78 31.11 16.20
CA THR E 405 16.57 31.91 16.36
C THR E 405 16.15 31.97 17.83
N ILE E 406 16.20 30.83 18.53
CA ILE E 406 15.81 30.81 19.93
C ILE E 406 16.76 31.64 20.78
N PHE E 407 18.06 31.56 20.50
CA PHE E 407 19.04 32.34 21.24
C PHE E 407 18.82 33.83 21.05
N ILE E 408 18.59 34.26 19.80
CA ILE E 408 18.38 35.68 19.55
C ILE E 408 17.07 36.14 20.17
N VAL E 409 16.04 35.30 20.14
CA VAL E 409 14.78 35.63 20.80
C VAL E 409 15.00 35.81 22.30
N ARG E 410 15.82 34.95 22.90
CA ARG E 410 16.18 35.12 24.30
C ARG E 410 16.86 36.46 24.54
N LEU E 411 17.77 36.84 23.64
CA LEU E 411 18.50 38.10 23.80
C LEU E 411 17.55 39.31 23.74
N VAL E 412 16.67 39.34 22.74
CA VAL E 412 15.90 40.54 22.45
C VAL E 412 14.55 40.59 23.15
N HIS E 413 14.14 39.53 23.82
CA HIS E 413 12.84 39.53 24.49
C HIS E 413 12.81 40.58 25.59
N LYS E 414 11.73 41.36 25.64
CA LYS E 414 11.59 42.46 26.58
C LYS E 414 10.79 41.99 27.79
N GLN E 415 11.46 41.83 28.92
CA GLN E 415 10.82 41.53 30.19
C GLN E 415 11.45 42.40 31.28
N ASP E 416 10.68 42.64 32.33
CA ASP E 416 11.05 43.65 33.32
C ASP E 416 12.27 43.28 34.15
N LEU E 417 12.73 42.03 34.08
CA LEU E 417 13.93 41.63 34.80
C LEU E 417 15.21 41.99 34.05
N GLN E 418 15.11 42.56 32.85
CA GLN E 418 16.30 42.90 32.07
C GLN E 418 17.18 43.88 32.83
N ARG E 419 18.48 43.62 32.77
CA ARG E 419 19.51 44.48 33.34
C ARG E 419 20.32 45.12 32.22
N PRO E 420 21.00 46.24 32.49
CA PRO E 420 21.76 46.91 31.44
C PRO E 420 22.82 45.99 30.84
N VAL E 421 23.05 46.17 29.54
CA VAL E 421 24.00 45.33 28.81
C VAL E 421 25.38 45.47 29.44
N PRO E 422 26.07 44.37 29.73
CA PRO E 422 27.40 44.47 30.36
C PRO E 422 28.40 45.19 29.47
N ASP E 423 29.43 45.73 30.10
CA ASP E 423 30.41 46.55 29.40
C ASP E 423 31.10 45.72 28.32
N TRP E 424 31.52 44.49 28.66
CA TRP E 424 32.24 43.66 27.71
C TRP E 424 31.37 43.32 26.50
N LEU E 425 30.13 42.90 26.75
CA LEU E 425 29.25 42.53 25.64
C LEU E 425 28.92 43.74 24.78
N ARG E 426 28.62 44.88 25.41
CA ARG E 426 28.33 46.08 24.64
C ARG E 426 29.50 46.47 23.77
N HIS E 427 30.69 46.58 24.36
CA HIS E 427 31.87 46.98 23.59
C HIS E 427 32.10 46.01 22.43
N LEU E 428 32.15 44.71 22.73
CA LEU E 428 32.42 43.71 21.70
C LEU E 428 31.41 43.82 20.57
N VAL E 429 30.14 43.56 20.87
CA VAL E 429 29.13 43.46 19.81
C VAL E 429 28.99 44.77 19.05
N LEU E 430 28.93 45.90 19.77
CA LEU E 430 28.62 47.16 19.11
C LEU E 430 29.83 47.84 18.49
N ASP E 431 31.06 47.36 18.73
CA ASP E 431 32.21 47.93 18.05
C ASP E 431 32.91 46.93 17.14
N ARG E 432 33.39 45.80 17.67
CA ARG E 432 34.19 44.90 16.86
C ARG E 432 33.34 44.17 15.83
N ILE E 433 32.22 43.60 16.27
CA ILE E 433 31.34 42.89 15.35
C ILE E 433 30.69 43.87 14.37
N ALA E 434 30.38 45.08 14.84
CA ALA E 434 29.82 46.09 13.95
C ALA E 434 30.80 46.49 12.86
N TRP E 435 32.09 46.63 13.21
CA TRP E 435 33.08 46.97 12.20
C TRP E 435 33.35 45.79 11.28
N ILE E 436 33.21 44.56 11.78
CA ILE E 436 33.30 43.39 10.92
C ILE E 436 32.17 43.41 9.90
N LEU E 437 30.96 43.75 10.34
CA LEU E 437 29.81 43.81 9.46
C LEU E 437 29.78 45.14 8.70
N LEU E 501 3.16 77.13 52.84
CA LEU E 501 3.11 77.18 51.38
C LEU E 501 2.91 75.78 50.80
N ALA E 502 1.86 75.63 50.00
CA ALA E 502 1.52 74.34 49.40
C ALA E 502 2.25 74.08 48.08
N VAL E 503 3.10 75.00 47.64
CA VAL E 503 3.87 74.78 46.42
C VAL E 503 4.81 73.60 46.60
N ARG E 504 5.37 73.43 47.81
CA ARG E 504 6.18 72.25 48.09
C ARG E 504 5.35 70.98 47.95
N GLY E 505 4.11 70.99 48.45
CA GLY E 505 3.25 69.83 48.28
C GLY E 505 2.92 69.56 46.83
N LEU E 506 2.76 70.62 46.03
CA LEU E 506 2.54 70.44 44.60
C LEU E 506 3.76 69.80 43.94
N LEU E 507 4.96 70.19 44.38
CA LEU E 507 6.18 69.67 43.77
C LEU E 507 6.35 68.18 44.02
N GLN E 508 5.87 67.67 45.16
CA GLN E 508 6.05 66.26 45.48
C GLN E 508 5.31 65.36 44.50
N GLU E 509 4.07 65.70 44.16
CA GLU E 509 3.30 64.88 43.21
C GLU E 509 3.95 64.89 41.83
N LEU E 510 4.40 66.05 41.38
CA LEU E 510 5.10 66.13 40.10
C LEU E 510 6.37 65.31 40.12
N SER E 511 7.11 65.34 41.23
CA SER E 511 8.32 64.54 41.35
C SER E 511 8.01 63.05 41.28
N SER E 512 6.93 62.63 41.93
CA SER E 512 6.55 61.22 41.88
C SER E 512 6.17 60.79 40.47
N ILE E 513 5.39 61.62 39.78
CA ILE E 513 5.00 61.32 38.40
C ILE E 513 6.25 61.23 37.51
N ARG E 514 7.16 62.18 37.68
CA ARG E 514 8.41 62.16 36.93
C ARG E 514 9.23 60.92 37.24
N HIS E 515 9.21 60.48 38.49
CA HIS E 515 9.93 59.26 38.87
C HIS E 515 9.36 58.04 38.15
N PHE E 516 8.03 57.92 38.12
CA PHE E 516 7.43 56.78 37.43
C PHE E 516 7.76 56.81 35.94
N LEU E 517 7.64 57.99 35.32
CA LEU E 517 7.96 58.09 33.90
C LEU E 517 9.43 57.78 33.63
N GLU E 518 10.33 58.23 34.52
CA GLU E 518 11.75 57.94 34.36
C GLU E 518 12.02 56.44 34.48
N LYS E 519 11.35 55.77 35.41
CA LYS E 519 11.53 54.32 35.55
C LYS E 519 11.10 53.60 34.27
N ARG E 520 9.94 53.98 33.73
CA ARG E 520 9.48 53.37 32.49
C ARG E 520 10.44 53.65 31.33
N ASP E 521 10.94 54.88 31.25
CA ASP E 521 11.87 55.25 30.18
C ASP E 521 13.17 54.48 30.30
N GLU E 522 13.68 54.30 31.52
CA GLU E 522 14.91 53.54 31.70
C GLU E 522 14.73 52.09 31.31
N MET E 523 13.59 51.49 31.68
CA MET E 523 13.32 50.12 31.23
C MET E 523 13.27 50.04 29.72
N ARG E 524 12.61 51.02 29.09
CA ARG E 524 12.52 51.03 27.63
C ARG E 524 13.91 51.16 26.99
N GLU E 525 14.77 52.00 27.56
CA GLU E 525 16.11 52.19 27.00
C GLU E 525 16.95 50.93 27.14
N VAL E 526 16.83 50.24 28.28
CA VAL E 526 17.54 48.98 28.46
C VAL E 526 17.08 47.96 27.43
N ALA E 527 15.75 47.88 27.21
CA ALA E 527 15.22 46.97 26.20
C ALA E 527 15.74 47.33 24.82
N ARG E 528 15.84 48.64 24.52
CA ARG E 528 16.36 49.08 23.23
C ARG E 528 17.80 48.66 23.04
N ASP E 529 18.63 48.80 24.07
CA ASP E 529 20.03 48.40 23.97
C ASP E 529 20.13 46.90 23.71
N TRP E 530 19.36 46.10 24.45
CA TRP E 530 19.39 44.66 24.25
C TRP E 530 18.91 44.29 22.85
N LEU E 531 17.89 45.00 22.35
CA LEU E 531 17.39 44.73 21.01
C LEU E 531 18.43 45.06 19.95
N ARG E 532 19.18 46.16 20.14
CA ARG E 532 20.24 46.50 19.21
C ARG E 532 21.32 45.42 19.19
N VAL E 533 21.73 44.96 20.37
CA VAL E 533 22.73 43.91 20.44
C VAL E 533 22.23 42.64 19.74
N GLY E 534 20.97 42.28 20.01
CA GLY E 534 20.41 41.10 19.37
C GLY E 534 20.31 41.24 17.86
N TYR E 535 19.98 42.43 17.37
CA TYR E 535 19.91 42.66 15.94
C TYR E 535 21.28 42.49 15.28
N VAL E 536 22.31 43.07 15.89
CA VAL E 536 23.66 42.94 15.32
C VAL E 536 24.09 41.48 15.30
N LEU E 537 23.87 40.77 16.42
CA LEU E 537 24.24 39.35 16.47
C LEU E 537 23.46 38.53 15.47
N ASP E 538 22.17 38.84 15.29
CA ASP E 538 21.36 38.12 14.32
C ASP E 538 21.85 38.34 12.90
N ARG E 539 22.25 39.57 12.57
CA ARG E 539 22.80 39.83 11.25
C ARG E 539 24.07 39.03 11.02
N LEU E 540 24.98 39.04 12.00
CA LEU E 540 26.23 38.31 11.86
C LEU E 540 25.98 36.81 11.70
N LEU E 541 25.10 36.25 12.52
CA LEU E 541 24.84 34.82 12.46
C LEU E 541 24.09 34.43 11.20
N PHE E 542 23.23 35.31 10.68
CA PHE E 542 22.60 35.05 9.40
C PHE E 542 23.63 35.01 8.27
N ARG E 543 24.59 35.94 8.29
CA ARG E 543 25.64 35.90 7.28
C ARG E 543 26.46 34.61 7.38
N ILE E 544 26.79 34.21 8.61
CA ILE E 544 27.55 32.97 8.80
C ILE E 544 26.77 31.76 8.29
N TYR E 545 25.47 31.71 8.62
CA TYR E 545 24.64 30.59 8.18
C TYR E 545 24.50 30.55 6.67
N LEU E 546 24.36 31.73 6.03
CA LEU E 546 24.30 31.78 4.59
C LEU E 546 25.59 31.28 3.96
N LEU E 547 26.74 31.68 4.53
CA LEU E 547 28.02 31.19 4.02
C LEU E 547 28.13 29.68 4.18
N ALA E 548 27.68 29.15 5.32
CA ALA E 548 27.73 27.70 5.53
C ALA E 548 26.84 26.96 4.54
N VAL E 549 25.64 27.48 4.28
CA VAL E 549 24.74 26.85 3.32
C VAL E 549 25.35 26.88 1.92
N LEU E 550 25.94 28.02 1.55
CA LEU E 550 26.58 28.11 0.23
C LEU E 550 27.74 27.13 0.11
N ALA E 551 28.54 26.99 1.18
CA ALA E 551 29.65 26.05 1.15
C ALA E 551 29.14 24.61 1.02
N TYR E 552 28.07 24.27 1.74
CA TYR E 552 27.51 22.93 1.63
C TYR E 552 26.99 22.65 0.23
N SER E 553 26.29 23.62 -0.36
CA SER E 553 25.78 23.44 -1.72
C SER E 553 26.91 23.30 -2.72
N ILE E 554 27.97 24.11 -2.57
CA ILE E 554 29.11 24.03 -3.47
C ILE E 554 29.81 22.69 -3.33
N THR E 555 29.94 22.19 -2.11
CA THR E 555 30.55 20.88 -1.90
C THR E 555 29.73 19.78 -2.56
N LEU E 556 28.41 19.83 -2.41
CA LEU E 556 27.56 18.84 -3.06
C LEU E 556 27.69 18.89 -4.58
N VAL E 557 27.70 20.11 -5.13
CA VAL E 557 27.81 20.26 -6.59
C VAL E 557 29.15 19.73 -7.09
N THR E 558 30.24 20.04 -6.38
CA THR E 558 31.55 19.59 -6.82
C THR E 558 31.72 18.08 -6.63
N LEU E 559 31.00 17.50 -5.66
CA LEU E 559 31.01 16.05 -5.52
C LEU E 559 30.24 15.39 -6.66
N TRP E 560 29.15 16.01 -7.10
CA TRP E 560 28.40 15.47 -8.22
C TRP E 560 29.18 15.63 -9.53
N SER E 561 29.97 16.70 -9.64
CA SER E 561 30.69 16.95 -10.88
C SER E 561 31.74 15.88 -11.16
N ILE E 562 32.48 15.46 -10.14
CA ILE E 562 33.55 14.49 -10.35
C ILE E 562 32.99 13.13 -10.75
N TRP E 563 31.77 12.81 -10.31
CA TRP E 563 31.16 11.54 -10.70
C TRP E 563 30.68 11.58 -12.14
N HIS E 564 30.33 12.75 -12.66
CA HIS E 564 29.89 12.90 -14.04
C HIS E 564 31.01 12.59 -15.02
C1 NAG F . 6.95 -14.38 -46.28
C2 NAG F . 7.50 -14.33 -47.71
C3 NAG F . 7.54 -12.89 -48.22
C4 NAG F . 6.18 -12.24 -48.07
C5 NAG F . 5.71 -12.34 -46.62
C6 NAG F . 4.33 -11.78 -46.40
C7 NAG F . 9.06 -16.18 -48.15
C8 NAG F . 10.49 -16.62 -48.14
N2 NAG F . 8.83 -14.92 -47.76
O3 NAG F . 7.93 -12.89 -49.59
O4 NAG F . 6.25 -10.86 -48.44
O5 NAG F . 5.67 -13.73 -46.24
O6 NAG F . 3.42 -12.24 -47.40
O7 NAG F . 8.15 -16.93 -48.48
C1 NAG F . 5.45 -10.66 -49.62
C2 NAG F . 5.16 -9.16 -49.77
C3 NAG F . 4.38 -8.90 -51.05
C4 NAG F . 5.09 -9.50 -52.25
C5 NAG F . 5.37 -10.98 -52.01
C6 NAG F . 6.19 -11.62 -53.11
C7 NAG F . 4.99 -7.86 -47.69
C8 NAG F . 4.08 -7.45 -46.57
N2 NAG F . 4.43 -8.66 -48.61
O3 NAG F . 4.22 -7.50 -51.23
O4 NAG F . 4.28 -9.37 -53.42
O5 NAG F . 6.14 -11.13 -50.80
O6 NAG F . 7.20 -10.75 -53.59
O7 NAG F . 6.15 -7.50 -47.76
C1 NAG G . 5.11 3.93 -33.76
C2 NAG G . 4.74 4.87 -34.89
C3 NAG G . 5.03 4.22 -36.23
C4 NAG G . 6.48 3.76 -36.30
C5 NAG G . 6.84 2.92 -35.07
C6 NAG G . 8.32 2.60 -34.98
C7 NAG G . 2.96 6.53 -34.55
C8 NAG G . 1.48 6.78 -34.50
N2 NAG G . 3.34 5.28 -34.81
O3 NAG G . 4.74 5.16 -37.26
O4 NAG G . 6.71 2.95 -37.45
O5 NAG G . 6.50 3.60 -33.86
O6 NAG G . 8.94 3.33 -33.94
O7 NAG G . 3.78 7.43 -34.36
C1 NAG G . 7.01 3.75 -38.61
C2 NAG G . 8.15 3.10 -39.39
C3 NAG G . 8.41 3.86 -40.70
C4 NAG G . 7.12 4.01 -41.49
C5 NAG G . 6.03 4.64 -40.61
C6 NAG G . 4.69 4.71 -41.31
C7 NAG G . 9.89 1.88 -38.16
C8 NAG G . 11.15 2.00 -37.35
N2 NAG G . 9.36 3.02 -38.60
O3 NAG G . 9.38 3.17 -41.47
O4 NAG G . 7.34 4.84 -42.63
O5 NAG G . 5.85 3.84 -39.44
O6 NAG G . 3.64 4.92 -40.37
O7 NAG G . 9.38 0.79 -38.41
C1 NAG H . -30.63 -21.79 -31.35
C2 NAG H . -31.68 -21.90 -32.46
C3 NAG H . -32.74 -20.80 -32.30
C4 NAG H . -33.32 -20.82 -30.89
C5 NAG H . -32.19 -20.72 -29.87
C6 NAG H . -32.68 -20.81 -28.44
C7 NAG H . -30.76 -22.90 -34.51
C8 NAG H . -30.13 -22.62 -35.84
N2 NAG H . -31.06 -21.81 -33.77
O3 NAG H . -33.77 -21.00 -33.26
O4 NAG H . -34.22 -19.73 -30.73
O5 NAG H . -31.28 -21.80 -30.07
O6 NAG H . -33.61 -21.88 -28.29
O7 NAG H . -30.99 -24.03 -34.11
C1 NAG H . -35.55 -20.24 -30.55
C2 NAG H . -36.41 -19.14 -29.92
C3 NAG H . -37.86 -19.63 -29.78
C4 NAG H . -38.39 -20.14 -31.12
C5 NAG H . -37.44 -21.20 -31.68
C6 NAG H . -37.84 -21.66 -33.06
C7 NAG H . -35.31 -17.54 -28.42
C8 NAG H . -34.82 -17.29 -27.03
N2 NAG H . -35.88 -18.73 -28.63
O3 NAG H . -38.67 -18.55 -29.32
O4 NAG H . -39.68 -20.71 -30.94
O5 NAG H . -36.11 -20.64 -31.80
O6 NAG H . -38.32 -20.60 -33.87
O7 NAG H . -35.20 -16.72 -29.32
C1 NAG I . -28.64 -3.64 -18.65
C2 NAG I . -30.13 -3.32 -18.57
C3 NAG I . -30.88 -4.11 -19.63
C4 NAG I . -30.28 -3.86 -21.02
C5 NAG I . -28.77 -4.08 -20.99
C6 NAG I . -28.10 -3.66 -22.29
C7 NAG I . -31.12 -2.61 -16.45
C8 NAG I . -31.64 -3.06 -15.12
N2 NAG I . -30.66 -3.58 -17.26
O3 NAG I . -32.25 -3.73 -19.59
O4 NAG I . -30.84 -4.76 -21.97
O5 NAG I . -28.16 -3.32 -19.95
O6 NAG I . -27.34 -2.48 -22.10
O7 NAG I . -31.09 -1.44 -16.77
C1 NAG I . -32.07 -4.27 -22.53
C2 NAG I . -32.10 -4.53 -24.03
C3 NAG I . -33.45 -4.12 -24.62
C4 NAG I . -34.59 -4.79 -23.86
C5 NAG I . -34.46 -4.51 -22.36
C6 NAG I . -35.49 -5.25 -21.53
C7 NAG I . -29.99 -4.44 -25.28
C8 NAG I . -28.96 -3.54 -25.92
N2 NAG I . -31.02 -3.82 -24.70
O3 NAG I . -33.50 -4.48 -25.99
O4 NAG I . -35.84 -4.31 -24.32
O5 NAG I . -33.17 -4.94 -21.90
O6 NAG I . -35.11 -5.28 -20.16
O7 NAG I . -29.88 -5.66 -25.28
C1 NAG J . -26.39 -40.96 4.77
C2 NAG J . -27.62 -41.83 5.11
C3 NAG J . -28.28 -41.33 6.39
C4 NAG J . -27.26 -41.22 7.52
C5 NAG J . -26.10 -40.35 7.07
C6 NAG J . -25.00 -40.25 8.10
C7 NAG J . -28.63 -42.83 3.11
C8 NAG J . -29.68 -42.67 2.05
N2 NAG J . -28.56 -41.83 4.02
O3 NAG J . -29.32 -42.24 6.76
O4 NAG J . -27.87 -40.64 8.67
O5 NAG J . -25.51 -40.91 5.89
O6 NAG J . -24.68 -41.53 8.65
O7 NAG J . -27.89 -43.79 3.15
C1 NAG J . -27.90 -41.64 9.72
C2 NAG J . -28.13 -40.93 11.06
C3 NAG J . -28.24 -41.94 12.19
C4 NAG J . -29.30 -42.99 11.86
C5 NAG J . -29.02 -43.62 10.49
C6 NAG J . -30.10 -44.58 10.05
C7 NAG J . -27.22 -38.65 11.30
C8 NAG J . -26.01 -37.83 11.59
N2 NAG J . -27.06 -39.98 11.33
O3 NAG J . -28.58 -41.28 13.39
O4 NAG J . -29.30 -44.01 12.86
O5 NAG J . -28.95 -42.59 9.50
O6 NAG J . -31.39 -44.11 10.41
O7 NAG J . -28.31 -38.14 11.02
C1 NAG K . -23.00 -21.15 14.32
C2 NAG K . -23.53 -21.53 15.69
C3 NAG K . -24.31 -22.84 15.61
C4 NAG K . -25.41 -22.74 14.55
C5 NAG K . -24.83 -22.24 13.23
C6 NAG K . -25.90 -21.93 12.19
C7 NAG K . -22.35 -20.81 17.71
C8 NAG K . -21.19 -21.06 18.63
N2 NAG K . -22.45 -21.63 16.67
O3 NAG K . -24.86 -23.12 16.89
O4 NAG K . -25.99 -24.01 14.30
O5 NAG K . -24.09 -21.02 13.41
O6 NAG K . -26.03 -20.53 11.99
O7 NAG K . -23.15 -19.91 17.91
C1 NAG K . -27.05 -24.31 15.23
C2 NAG K . -28.21 -24.95 14.48
C3 NAG K . -29.30 -25.38 15.46
C4 NAG K . -28.72 -26.25 16.57
C5 NAG K . -27.54 -25.54 17.23
C6 NAG K . -26.83 -26.40 18.26
C7 NAG K . -28.66 -24.27 12.17
C8 NAG K . -29.27 -23.23 11.28
N2 NAG K . -28.76 -24.05 13.48
O3 NAG K . -30.32 -26.09 14.77
O4 NAG K . -29.72 -26.53 17.55
O5 NAG K . -26.57 -25.20 16.23
O6 NAG K . -25.54 -25.89 18.54
O7 NAG K . -28.09 -25.25 11.71
C1 NAG L . 13.80 -45.36 12.15
C2 NAG L . 14.09 -46.56 13.06
C3 NAG L . 14.74 -46.09 14.37
C4 NAG L . 15.97 -45.23 14.08
C5 NAG L . 15.58 -44.08 13.16
C6 NAG L . 16.75 -43.22 12.74
C7 NAG L . 12.53 -48.41 12.69
C8 NAG L . 11.23 -49.03 13.11
N2 NAG L . 12.88 -47.29 13.34
O3 NAG L . 15.12 -47.22 15.14
O4 NAG L . 16.49 -44.71 15.29
O5 NAG L . 15.01 -44.61 11.95
O6 NAG L . 17.85 -44.01 12.33
O7 NAG L . 13.22 -48.89 11.81
C1 NAG L . 17.80 -45.27 15.51
C2 NAG L . 18.55 -44.40 16.51
C3 NAG L . 19.92 -44.99 16.82
C4 NAG L . 19.78 -46.45 17.25
C5 NAG L . 18.99 -47.23 16.21
C6 NAG L . 18.71 -48.66 16.62
C7 NAG L . 18.02 -42.00 16.53
C8 NAG L . 18.29 -40.66 15.90
N2 NAG L . 18.70 -43.03 16.02
O3 NAG L . 20.55 -44.24 17.85
O4 NAG L . 21.07 -47.04 17.40
O5 NAG L . 17.71 -46.61 16.00
O6 NAG L . 18.39 -48.75 18.00
O7 NAG L . 17.23 -42.13 17.45
C1 NAG M . 14.24 -24.39 19.58
C2 NAG M . 15.40 -24.58 20.54
C3 NAG M . 15.66 -26.07 20.77
C4 NAG M . 14.38 -26.76 21.23
C5 NAG M . 13.22 -26.45 20.28
C6 NAG M . 11.89 -26.95 20.79
C7 NAG M . 17.15 -22.87 20.70
C8 NAG M . 18.39 -22.31 20.08
N2 NAG M . 16.60 -23.92 20.07
O3 NAG M . 16.69 -26.20 21.74
O4 NAG M . 14.55 -28.17 21.23
O5 NAG M . 13.08 -25.03 20.11
O6 NAG M . 11.06 -25.87 21.21
O7 NAG M . 16.67 -22.41 21.73
C1 NAG M . 15.13 -28.66 22.45
C2 NAG M . 14.42 -29.93 22.89
C3 NAG M . 15.10 -30.52 24.13
C4 NAG M . 16.59 -30.69 23.89
C5 NAG M . 17.21 -29.38 23.42
C6 NAG M . 18.66 -29.49 23.05
C7 NAG M . 12.03 -30.18 22.39
C8 NAG M . 10.64 -29.82 22.81
N2 NAG M . 13.01 -29.68 23.15
O3 NAG M . 14.51 -31.77 24.46
O4 NAG M . 17.24 -31.10 25.09
O5 NAG M . 16.52 -28.92 22.25
O6 NAG M . 19.09 -28.40 22.25
O7 NAG M . 12.25 -30.89 21.42
C1 NAG N . 34.41 -28.93 -19.38
C2 NAG N . 35.79 -29.56 -19.56
C3 NAG N . 36.88 -28.51 -19.37
C4 NAG N . 36.62 -27.31 -20.28
C5 NAG N . 35.22 -26.77 -20.03
C6 NAG N . 34.85 -25.63 -20.95
C7 NAG N . 35.78 -31.94 -18.96
C8 NAG N . 36.03 -32.94 -17.88
N2 NAG N . 35.98 -30.66 -18.63
O3 NAG N . 38.15 -29.08 -19.68
O4 NAG N . 37.58 -26.28 -20.02
O5 NAG N . 34.26 -27.81 -20.26
O6 NAG N . 35.22 -25.91 -22.30
O7 NAG N . 35.42 -32.27 -20.09
C1 NAG N . 38.42 -26.11 -21.18
C2 NAG N . 39.12 -24.76 -21.08
C3 NAG N . 40.07 -24.57 -22.27
C4 NAG N . 41.02 -25.75 -22.38
C5 NAG N . 40.24 -27.06 -22.43
C6 NAG N . 41.12 -28.28 -22.42
C7 NAG N . 37.92 -22.96 -19.91
C8 NAG N . 36.89 -21.88 -20.04
N2 NAG N . 38.15 -23.67 -21.03
O3 NAG N . 40.80 -23.36 -22.09
O4 NAG N . 41.80 -25.63 -23.56
O5 NAG N . 39.39 -27.16 -21.27
O6 NAG N . 42.23 -28.12 -21.55
O7 NAG N . 38.51 -23.18 -18.87
C1 NAG O . 31.62 -8.90 -10.12
C2 NAG O . 32.87 -8.26 -10.71
C3 NAG O . 33.79 -9.34 -11.27
C4 NAG O . 34.09 -10.39 -10.20
C5 NAG O . 32.80 -10.90 -9.55
C6 NAG O . 33.05 -11.78 -8.36
C7 NAG O . 32.78 -5.98 -11.61
C8 NAG O . 32.39 -5.12 -12.77
N2 NAG O . 32.54 -7.29 -11.74
O3 NAG O . 34.98 -8.73 -11.74
O4 NAG O . 34.75 -11.52 -10.76
O5 NAG O . 32.00 -9.80 -9.10
O6 NAG O . 32.67 -11.14 -7.15
O7 NAG O . 33.31 -5.52 -10.60
C1 NAG O . 36.18 -11.32 -10.83
C2 NAG O . 36.90 -12.60 -10.41
C3 NAG O . 38.41 -12.44 -10.59
C4 NAG O . 38.74 -11.99 -12.00
C5 NAG O . 37.96 -10.72 -12.33
C6 NAG O . 38.15 -10.27 -13.77
C7 NAG O . 35.85 -14.03 -8.71
C8 NAG O . 35.62 -14.23 -7.25
N2 NAG O . 36.58 -12.96 -9.04
O3 NAG O . 39.05 -13.68 -10.32
O4 NAG O . 40.14 -11.71 -12.10
O5 NAG O . 36.55 -10.97 -12.16
O6 NAG O . 37.12 -9.37 -14.16
O7 NAG O . 35.40 -14.78 -9.56
C1 NAG P . -23.07 -33.85 -52.08
C2 NAG P . -24.03 -35.03 -52.25
C3 NAG P . -24.27 -35.30 -53.74
C4 NAG P . -24.73 -34.04 -54.44
C5 NAG P . -23.75 -32.90 -54.18
C6 NAG P . -24.20 -31.57 -54.75
C7 NAG P . -24.15 -36.82 -50.58
C8 NAG P . -23.49 -38.04 -50.01
N2 NAG P . -23.52 -36.22 -51.59
O3 NAG P . -25.25 -36.32 -53.88
O4 NAG P . -24.82 -34.26 -55.84
O5 NAG P . -23.59 -32.71 -52.76
O6 NAG P . -23.44 -30.49 -54.22
O7 NAG P . -25.22 -36.40 -50.13
C12 U9Q Q . -15.53 -12.80 -36.03
C13 U9Q Q . -15.47 -13.57 -34.89
C14 U9Q Q . -14.13 -13.52 -34.39
C15 U9Q Q . -13.41 -12.68 -35.27
C16 U9Q Q . -12.02 -12.45 -34.98
C17 U9Q Q . -11.51 -13.09 -33.82
C18 U9Q Q . -10.13 -12.88 -33.50
C19 U9Q Q . -9.33 -12.09 -34.30
C20 U9Q Q . -9.86 -11.46 -35.44
C21 U9Q Q . -11.18 -11.64 -35.76
C23 U9Q Q . -13.53 -14.14 -33.23
N24 U9Q Q . -14.40 -14.99 -32.37
C02 U9Q Q . -14.43 -7.70 -35.75
C03 U9Q Q . -14.15 -6.72 -36.68
C04 U9Q Q . -13.84 -7.16 -37.97
C05 U9Q Q . -13.83 -8.51 -38.28
C06 U9Q Q . -14.11 -9.52 -37.34
C07 U9Q Q . -14.41 -9.05 -36.04
C25 U9Q Q . -14.96 -16.24 -32.92
C26 U9Q Q . -16.21 -16.60 -32.07
C28 U9Q Q . -15.17 -15.63 -30.12
C29 U9Q Q . -13.93 -15.26 -30.99
N11 U9Q Q . -14.27 -12.21 -36.34
N22 U9Q Q . -12.25 -13.92 -32.96
N27 U9Q Q . -15.95 -16.76 -30.63
O09 U9Q Q . -15.25 -11.41 -38.50
O10 U9Q Q . -12.81 -11.44 -38.25
S08 U9Q Q . -14.09 -11.17 -37.72
CL01 U9Q Q . -14.80 -7.18 -34.16
C1 NAG R . -36.28 -53.49 -14.68
C2 NAG R . -36.20 -54.97 -14.31
C3 NAG R . -37.41 -55.71 -14.86
C4 NAG R . -38.70 -55.03 -14.43
C5 NAG R . -38.66 -53.56 -14.80
C6 NAG R . -39.87 -52.79 -14.29
C7 NAG R . -34.04 -56.08 -13.97
C8 NAG R . -32.82 -56.65 -14.63
N2 NAG R . -34.96 -55.57 -14.78
O3 NAG R . -37.38 -57.06 -14.40
O4 NAG R . -39.81 -55.66 -15.06
O5 NAG R . -37.51 -52.94 -14.22
O6 NAG R . -39.67 -51.39 -14.36
O7 NAG R . -34.17 -56.07 -12.74
C12 U9Q S . -29.60 -27.80 -7.39
C13 U9Q S . -28.29 -28.11 -7.13
C14 U9Q S . -27.47 -27.32 -8.00
C15 U9Q S . -28.36 -26.52 -8.77
C16 U9Q S . -27.80 -25.62 -9.73
C17 U9Q S . -26.38 -25.61 -9.81
C18 U9Q S . -25.78 -24.72 -10.76
C19 U9Q S . -26.56 -23.91 -11.54
C20 U9Q S . -27.96 -23.93 -11.46
C21 U9Q S . -28.56 -24.77 -10.56
C23 U9Q S . -26.04 -27.25 -8.16
N24 U9Q S . -25.21 -28.12 -7.30
C02 U9Q S . -31.32 -22.89 -6.68
C03 U9Q S . -32.46 -22.21 -7.07
C04 U9Q S . -33.24 -22.81 -8.05
C05 U9Q S . -32.89 -24.04 -8.60
C06 U9Q S . -31.74 -24.75 -8.21
C07 U9Q S . -30.96 -24.11 -7.23
C25 U9Q S . -25.30 -29.59 -7.45
C26 U9Q S . -24.82 -30.22 -6.11
C28 U9Q S . -23.26 -28.40 -5.81
C29 U9Q S . -23.77 -27.77 -7.14
N11 U9Q S . -29.74 -26.83 -8.40
N22 U9Q S . -25.52 -26.40 -9.05
N27 U9Q S . -23.45 -29.85 -5.72
O09 U9Q S . -32.22 -27.19 -8.33
O10 U9Q S . -31.26 -26.06 -10.28
S08 U9Q S . -31.31 -26.24 -8.88
CL01 U9Q S . -30.34 -22.16 -5.48
C1 NAG T . -0.17 -65.81 7.78
C2 NAG T . 0.82 -66.93 7.45
C3 NAG T . 0.30 -68.27 7.99
C4 NAG T . -0.03 -68.16 9.47
C5 NAG T . -0.98 -66.99 9.71
C6 NAG T . -1.25 -66.75 11.18
C7 NAG T . 2.27 -66.81 5.47
C8 NAG T . 2.33 -66.93 3.97
N2 NAG T . 1.07 -67.01 6.02
O3 NAG T . 1.29 -69.27 7.78
O4 NAG T . -0.63 -69.36 9.92
O5 NAG T . -0.41 -65.78 9.19
O6 NAG T . -1.86 -65.48 11.38
O7 NAG T . 3.25 -66.53 6.15
C12 U9Q U . -3.22 -38.99 13.15
C13 U9Q U . -2.47 -38.60 12.08
C14 U9Q U . -3.29 -37.79 11.23
C15 U9Q U . -4.55 -37.73 11.86
C16 U9Q U . -5.59 -36.97 11.21
C17 U9Q U . -5.22 -36.35 9.99
C18 U9Q U . -6.22 -35.58 9.31
C19 U9Q U . -7.48 -35.45 9.83
C20 U9Q U . -7.83 -36.07 11.03
C21 U9Q U . -6.90 -36.81 11.70
C23 U9Q U . -3.01 -37.13 9.98
N24 U9Q U . -1.63 -37.25 9.43
C02 U9Q U . -5.30 -35.41 16.36
C03 U9Q U . -6.29 -35.44 17.35
C04 U9Q U . -7.10 -36.58 17.37
C05 U9Q U . -6.91 -37.61 16.46
C06 U9Q U . -5.92 -37.59 15.47
C07 U9Q U . -5.11 -36.44 15.45
C25 U9Q U . -1.14 -38.58 9.00
C26 U9Q U . 0.41 -38.54 9.03
C28 U9Q U . 0.35 -36.20 8.41
C29 U9Q U . -1.21 -36.26 8.40
N11 U9Q U . -4.54 -38.50 13.09
N22 U9Q U . -3.96 -36.42 9.38
N27 U9Q U . 1.01 -37.50 8.17
O09 U9Q U . -5.11 -39.91 15.08
O10 U9Q U . -6.95 -39.04 13.71
S08 U9Q U . -5.70 -38.85 14.34
CL01 U9Q U . -4.30 -34.02 16.33
C1 NAG V . 35.32 -53.80 -15.77
C2 NAG V . 35.85 -54.39 -17.08
C3 NAG V . 36.72 -55.61 -16.80
C4 NAG V . 37.82 -55.26 -15.81
C5 NAG V . 37.22 -54.63 -14.56
C6 NAG V . 38.27 -54.14 -13.58
C7 NAG V . 34.56 -54.18 -19.16
C8 NAG V . 33.38 -54.66 -19.94
N2 NAG V . 34.74 -54.75 -17.96
O3 NAG V . 37.29 -56.07 -18.02
O4 NAG V . 38.54 -56.43 -15.45
O5 NAG V . 36.42 -53.49 -14.91
O6 NAG V . 37.70 -53.28 -12.60
O7 NAG V . 35.32 -53.31 -19.60
C12 U9Q W . 27.19 -30.90 -2.79
C13 U9Q W . 26.34 -30.54 -3.81
C14 U9Q W . 25.02 -30.47 -3.27
C15 U9Q W . 25.13 -30.80 -1.90
C16 U9Q W . 23.92 -30.80 -1.12
C17 U9Q W . 22.73 -30.46 -1.81
C18 U9Q W . 21.51 -30.45 -1.06
C19 U9Q W . 21.50 -30.76 0.28
C20 U9Q W . 22.69 -31.09 0.95
C21 U9Q W . 23.86 -31.11 0.26
C23 U9Q W . 23.76 -30.14 -3.89
N24 U9Q W . 23.77 -29.79 -5.34
C02 U9Q W . 27.63 -27.85 1.40
C03 U9Q W . 28.19 -28.00 2.66
C04 U9Q W . 28.49 -29.31 3.06
C05 U9Q W . 28.24 -30.38 2.20
C06 U9Q W . 27.68 -30.23 0.92
C07 U9Q W . 27.39 -28.92 0.56
C25 U9Q W . 24.15 -30.82 -6.33
C26 U9Q W . 24.65 -30.07 -7.60
C28 U9Q W . 23.09 -28.27 -7.15
C29 U9Q W . 22.61 -29.03 -5.88
N11 U9Q W . 26.51 -31.10 -1.57
N22 U9Q W . 22.65 -30.13 -3.17
N27 U9Q W . 23.66 -29.14 -8.19
O09 U9Q W . 28.63 -31.98 -0.59
O10 U9Q W . 26.53 -32.43 0.59
S08 U9Q W . 27.37 -31.54 -0.12
CL01 U9Q W . 27.25 -26.25 0.92
C12 U9Q X . 19.57 -14.73 -33.19
C13 U9Q X . 18.30 -15.09 -32.83
C14 U9Q X . 18.31 -15.48 -31.46
C15 U9Q X . 19.65 -15.34 -31.02
C16 U9Q X . 19.94 -15.67 -29.66
C17 U9Q X . 18.84 -16.10 -28.86
C18 U9Q X . 19.09 -16.43 -27.50
C19 U9Q X . 20.35 -16.34 -26.97
C20 U9Q X . 21.43 -15.91 -27.76
C21 U9Q X . 21.22 -15.58 -29.06
C23 U9Q X . 17.26 -15.93 -30.59
N24 U9Q X . 15.88 -16.02 -31.16
C02 U9Q X . 21.93 -10.81 -30.74
C03 U9Q X . 23.24 -10.35 -30.66
C04 U9Q X . 24.23 -11.21 -31.12
C05 U9Q X . 23.90 -12.47 -31.62
C06 U9Q X . 22.58 -12.95 -31.69
C07 U9Q X . 21.60 -12.05 -31.23
C25 U9Q X . 15.59 -16.99 -32.23
C26 U9Q X . 14.36 -16.47 -33.01
C28 U9Q X . 13.47 -15.54 -30.96
C29 U9Q X . 14.74 -16.05 -30.21
N11 U9Q X . 20.49 -14.88 -32.10
N22 U9Q X . 17.51 -16.22 -29.32
N27 U9Q X . 13.14 -16.30 -32.18
O09 U9Q X . 22.36 -14.41 -33.70
O10 U9Q X . 22.90 -15.42 -31.53
S08 U9Q X . 22.16 -14.48 -32.30
CL01 U9Q X . 20.70 -9.75 -30.18
C1 NAG Y . 21.14 -34.06 -52.74
C2 NAG Y . 20.46 -34.69 -53.95
C3 NAG Y . 21.51 -35.26 -54.92
C4 NAG Y . 22.53 -34.19 -55.28
C5 NAG Y . 23.12 -33.58 -54.01
C6 NAG Y . 24.06 -32.42 -54.29
C7 NAG Y . 18.22 -35.66 -53.78
C8 NAG Y . 17.41 -36.83 -53.29
N2 NAG Y . 19.53 -35.73 -53.55
O3 NAG Y . 20.86 -35.74 -56.09
O4 NAG Y . 23.57 -34.76 -56.06
O5 NAG Y . 22.08 -33.07 -53.17
O6 NAG Y . 24.35 -31.69 -53.11
O7 NAG Y . 17.70 -34.71 -54.35
#